data_3Q1D
# 
_entry.id   3Q1D 
# 
_audit_conform.dict_name       mmcif_pdbx.dic 
_audit_conform.dict_version    5.379 
_audit_conform.dict_location   http://mmcif.pdb.org/dictionaries/ascii/mmcif_pdbx.dic 
# 
loop_
_database_2.database_id 
_database_2.database_code 
_database_2.pdbx_database_accession 
_database_2.pdbx_DOI 
PDB   3Q1D         pdb_00003q1d 10.2210/pdb3q1d/pdb 
RCSB  RCSB063071   ?            ?                   
WWPDB D_1000063071 ?            ?                   
# 
_pdbx_database_status.status_code                     REL 
_pdbx_database_status.entry_id                        3Q1D 
_pdbx_database_status.recvd_initial_deposition_date   2010-12-17 
_pdbx_database_status.deposit_site                    RCSB 
_pdbx_database_status.process_site                    RCSB 
_pdbx_database_status.status_code_sf                  REL 
_pdbx_database_status.status_code_mr                  ? 
_pdbx_database_status.SG_entry                        ? 
_pdbx_database_status.status_code_cs                  ? 
_pdbx_database_status.pdb_format_compatible           Y 
_pdbx_database_status.status_code_nmr_data            ? 
_pdbx_database_status.methods_development_category    ? 
# 
loop_
_audit_author.name 
_audit_author.pdbx_ordinal 
'Walker, J.R.'     1 
'Yermekbayeva, L.' 2 
'Mackenzie, F.'    3 
'Dong, A.'         4 
'Weigelt, J.'      5 
'Bountra, C.'      6 
'Edwards, A.M.'    7 
'Arrowsmith, C.H.' 8 
'Dhe-Paganon, S.'  9 
# 
_citation.id                        primary 
_citation.title                     'The B-Box Domain of Trim54' 
_citation.journal_abbrev            'To be Published' 
_citation.journal_volume            ? 
_citation.page_first                ? 
_citation.page_last                 ? 
_citation.year                      ? 
_citation.journal_id_ASTM           ? 
_citation.country                   ? 
_citation.journal_id_ISSN           ? 
_citation.journal_id_CSD            0353 
_citation.book_publisher            ? 
_citation.pdbx_database_id_PubMed   ? 
_citation.pdbx_database_id_DOI      ? 
# 
loop_
_citation_author.citation_id 
_citation_author.name 
_citation_author.ordinal 
_citation_author.identifier_ORCID 
primary 'Walker, J.R.'     1 ? 
primary 'Yermekbayeva, L.' 2 ? 
primary 'Mackenzie, F.'    3 ? 
primary 'Dong, A.'         4 ? 
primary 'Weigelt, J.'      5 ? 
primary 'Bountra, C.'      6 ? 
primary 'Edwards, A.M.'    7 ? 
primary 'Arrowsmith, C.H.' 8 ? 
primary 'Dhe-Paganon, S.'  9 ? 
# 
_cell.entry_id           3Q1D 
_cell.length_a           47.276 
_cell.length_b           47.276 
_cell.length_c           87.047 
_cell.angle_alpha        90.00 
_cell.angle_beta         90.00 
_cell.angle_gamma        120.00 
_cell.Z_PDB              12 
_cell.pdbx_unique_axis   ? 
_cell.length_a_esd       ? 
_cell.length_b_esd       ? 
_cell.length_c_esd       ? 
_cell.angle_alpha_esd    ? 
_cell.angle_beta_esd     ? 
_cell.angle_gamma_esd    ? 
# 
_symmetry.entry_id                         3Q1D 
_symmetry.space_group_name_H-M             'P 62 2 2' 
_symmetry.pdbx_full_space_group_name_H-M   ? 
_symmetry.cell_setting                     ? 
_symmetry.Int_Tables_number                180 
_symmetry.space_group_name_Hall            ? 
# 
loop_
_entity.id 
_entity.type 
_entity.src_method 
_entity.pdbx_description 
_entity.formula_weight 
_entity.pdbx_number_of_molecules 
_entity.pdbx_ec 
_entity.pdbx_mutation 
_entity.pdbx_fragment 
_entity.details 
1 polymer     man 'Tripartite motif-containing protein 54' 5390.276 1  6.3.2.- ? 'B-Box domain, UNP residues 122-168' ? 
2 non-polymer syn 'ZINC ION'                               65.409   2  ?       ? ?                                    ? 
3 water       nat water                                    18.015   32 ?       ? ?                                    ? 
# 
_entity_name_com.entity_id   1 
_entity_name_com.name        
'Muscle-specific RING finger protein, MuRF, Muscle-specific RING finger protein 3, MuRF-3, MuRF3, RING finger protein 30' 
# 
_entity_poly.entity_id                      1 
_entity_poly.type                           'polypeptide(L)' 
_entity_poly.nstd_linkage                   no 
_entity_poly.nstd_monomer                   no 
_entity_poly.pdbx_seq_one_letter_code       QHLMCEEHEEEKINIYCLSCEVPTCSLCKVFGAHKDCEVAPLPTIYK 
_entity_poly.pdbx_seq_one_letter_code_can   QHLMCEEHEEEKINIYCLSCEVPTCSLCKVFGAHKDCEVAPLPTIYK 
_entity_poly.pdbx_strand_id                 A 
_entity_poly.pdbx_target_identifier         ? 
# 
loop_
_entity_poly_seq.entity_id 
_entity_poly_seq.num 
_entity_poly_seq.mon_id 
_entity_poly_seq.hetero 
1 1  GLN n 
1 2  HIS n 
1 3  LEU n 
1 4  MET n 
1 5  CYS n 
1 6  GLU n 
1 7  GLU n 
1 8  HIS n 
1 9  GLU n 
1 10 GLU n 
1 11 GLU n 
1 12 LYS n 
1 13 ILE n 
1 14 ASN n 
1 15 ILE n 
1 16 TYR n 
1 17 CYS n 
1 18 LEU n 
1 19 SER n 
1 20 CYS n 
1 21 GLU n 
1 22 VAL n 
1 23 PRO n 
1 24 THR n 
1 25 CYS n 
1 26 SER n 
1 27 LEU n 
1 28 CYS n 
1 29 LYS n 
1 30 VAL n 
1 31 PHE n 
1 32 GLY n 
1 33 ALA n 
1 34 HIS n 
1 35 LYS n 
1 36 ASP n 
1 37 CYS n 
1 38 GLU n 
1 39 VAL n 
1 40 ALA n 
1 41 PRO n 
1 42 LEU n 
1 43 PRO n 
1 44 THR n 
1 45 ILE n 
1 46 TYR n 
1 47 LYS n 
# 
_entity_src_gen.entity_id                          1 
_entity_src_gen.pdbx_src_id                        1 
_entity_src_gen.pdbx_alt_source_flag               sample 
_entity_src_gen.pdbx_seq_type                      ? 
_entity_src_gen.pdbx_beg_seq_num                   ? 
_entity_src_gen.pdbx_end_seq_num                   ? 
_entity_src_gen.gene_src_common_name               human 
_entity_src_gen.gene_src_genus                     ? 
_entity_src_gen.pdbx_gene_src_gene                 'MURF, MURF3, RNF30, TRIM54' 
_entity_src_gen.gene_src_species                   ? 
_entity_src_gen.gene_src_strain                    ? 
_entity_src_gen.gene_src_tissue                    ? 
_entity_src_gen.gene_src_tissue_fraction           ? 
_entity_src_gen.gene_src_details                   ? 
_entity_src_gen.pdbx_gene_src_fragment             ? 
_entity_src_gen.pdbx_gene_src_scientific_name      'Homo sapiens' 
_entity_src_gen.pdbx_gene_src_ncbi_taxonomy_id     9606 
_entity_src_gen.pdbx_gene_src_variant              ? 
_entity_src_gen.pdbx_gene_src_cell_line            ? 
_entity_src_gen.pdbx_gene_src_atcc                 ? 
_entity_src_gen.pdbx_gene_src_organ                ? 
_entity_src_gen.pdbx_gene_src_organelle            ? 
_entity_src_gen.pdbx_gene_src_cell                 ? 
_entity_src_gen.pdbx_gene_src_cellular_location    ? 
_entity_src_gen.host_org_common_name               ? 
_entity_src_gen.pdbx_host_org_scientific_name      'Escherichia coli' 
_entity_src_gen.pdbx_host_org_ncbi_taxonomy_id     469008 
_entity_src_gen.host_org_genus                     ? 
_entity_src_gen.pdbx_host_org_gene                 ? 
_entity_src_gen.pdbx_host_org_organ                ? 
_entity_src_gen.host_org_species                   ? 
_entity_src_gen.pdbx_host_org_tissue               ? 
_entity_src_gen.pdbx_host_org_tissue_fraction      ? 
_entity_src_gen.pdbx_host_org_strain               'BL21 (DE3)' 
_entity_src_gen.pdbx_host_org_variant              ? 
_entity_src_gen.pdbx_host_org_cell_line            ? 
_entity_src_gen.pdbx_host_org_atcc                 ? 
_entity_src_gen.pdbx_host_org_culture_collection   ? 
_entity_src_gen.pdbx_host_org_cell                 ? 
_entity_src_gen.pdbx_host_org_organelle            ? 
_entity_src_gen.pdbx_host_org_cellular_location    ? 
_entity_src_gen.pdbx_host_org_vector_type          PLASMID 
_entity_src_gen.pdbx_host_org_vector               ? 
_entity_src_gen.host_org_details                   ? 
_entity_src_gen.expression_system_id               ? 
_entity_src_gen.plasmid_name                       PET28-MHL 
_entity_src_gen.plasmid_details                    ? 
_entity_src_gen.pdbx_description                   ? 
# 
_struct_ref.id                         1 
_struct_ref.db_name                    UNP 
_struct_ref.db_code                    TRI54_HUMAN 
_struct_ref.pdbx_db_accession          Q9BYV2 
_struct_ref.entity_id                  1 
_struct_ref.pdbx_seq_one_letter_code   QHLMCEEHEEEKINIYCLSCEVPTCSLCKVFGAHKDCEVAPLPTIYK 
_struct_ref.pdbx_align_begin           122 
_struct_ref.pdbx_db_isoform            ? 
# 
_struct_ref_seq.align_id                      1 
_struct_ref_seq.ref_id                        1 
_struct_ref_seq.pdbx_PDB_id_code              3Q1D 
_struct_ref_seq.pdbx_strand_id                A 
_struct_ref_seq.seq_align_beg                 1 
_struct_ref_seq.pdbx_seq_align_beg_ins_code   ? 
_struct_ref_seq.seq_align_end                 47 
_struct_ref_seq.pdbx_seq_align_end_ins_code   ? 
_struct_ref_seq.pdbx_db_accession             Q9BYV2 
_struct_ref_seq.db_align_beg                  122 
_struct_ref_seq.pdbx_db_align_beg_ins_code    ? 
_struct_ref_seq.db_align_end                  168 
_struct_ref_seq.pdbx_db_align_end_ins_code    ? 
_struct_ref_seq.pdbx_auth_seq_align_beg       122 
_struct_ref_seq.pdbx_auth_seq_align_end       168 
# 
loop_
_chem_comp.id 
_chem_comp.type 
_chem_comp.mon_nstd_flag 
_chem_comp.name 
_chem_comp.pdbx_synonyms 
_chem_comp.formula 
_chem_comp.formula_weight 
ALA 'L-peptide linking' y ALANINE         ? 'C3 H7 N O2'     89.093  
ASN 'L-peptide linking' y ASPARAGINE      ? 'C4 H8 N2 O3'    132.118 
ASP 'L-peptide linking' y 'ASPARTIC ACID' ? 'C4 H7 N O4'     133.103 
CYS 'L-peptide linking' y CYSTEINE        ? 'C3 H7 N O2 S'   121.158 
GLN 'L-peptide linking' y GLUTAMINE       ? 'C5 H10 N2 O3'   146.144 
GLU 'L-peptide linking' y 'GLUTAMIC ACID' ? 'C5 H9 N O4'     147.129 
GLY 'peptide linking'   y GLYCINE         ? 'C2 H5 N O2'     75.067  
HIS 'L-peptide linking' y HISTIDINE       ? 'C6 H10 N3 O2 1' 156.162 
HOH non-polymer         . WATER           ? 'H2 O'           18.015  
ILE 'L-peptide linking' y ISOLEUCINE      ? 'C6 H13 N O2'    131.173 
LEU 'L-peptide linking' y LEUCINE         ? 'C6 H13 N O2'    131.173 
LYS 'L-peptide linking' y LYSINE          ? 'C6 H15 N2 O2 1' 147.195 
MET 'L-peptide linking' y METHIONINE      ? 'C5 H11 N O2 S'  149.211 
PHE 'L-peptide linking' y PHENYLALANINE   ? 'C9 H11 N O2'    165.189 
PRO 'L-peptide linking' y PROLINE         ? 'C5 H9 N O2'     115.130 
SER 'L-peptide linking' y SERINE          ? 'C3 H7 N O3'     105.093 
THR 'L-peptide linking' y THREONINE       ? 'C4 H9 N O3'     119.119 
TYR 'L-peptide linking' y TYROSINE        ? 'C9 H11 N O3'    181.189 
VAL 'L-peptide linking' y VALINE          ? 'C5 H11 N O2'    117.146 
ZN  non-polymer         . 'ZINC ION'      ? 'Zn 2'           65.409  
# 
_exptl.entry_id          3Q1D 
_exptl.method            'X-RAY DIFFRACTION' 
_exptl.crystals_number   1 
# 
_exptl_crystal.id                    1 
_exptl_crystal.density_meas          ? 
_exptl_crystal.density_Matthews      2.62 
_exptl_crystal.density_percent_sol   52.97 
_exptl_crystal.description           ? 
_exptl_crystal.F_000                 ? 
_exptl_crystal.preparation           ? 
# 
_exptl_crystal_grow.crystal_id      1 
_exptl_crystal_grow.method          'VAPOR DIFFUSION, HANGING DROP' 
_exptl_crystal_grow.temp            291 
_exptl_crystal_grow.temp_details    ? 
_exptl_crystal_grow.pH              7.5 
_exptl_crystal_grow.pdbx_details    
'1.4M SODIUM CITRATE, 0.1M HEPES PH 7.5, 5% MPD, 0.57 MICROMOLAR TRYPSIN, VAPOR DIFFUSION, HANGING DROP, temperature 291K' 
_exptl_crystal_grow.pdbx_pH_range   ? 
# 
_diffrn.id                     1 
_diffrn.ambient_temp           100 
_diffrn.ambient_temp_details   ? 
_diffrn.crystal_id             1 
# 
_diffrn_detector.diffrn_id              1 
_diffrn_detector.detector               CCD 
_diffrn_detector.type                   'ADSC QUANTUM 315' 
_diffrn_detector.pdbx_collection_date   2010-12-08 
_diffrn_detector.details                ? 
# 
_diffrn_radiation.diffrn_id                        1 
_diffrn_radiation.wavelength_id                    1 
_diffrn_radiation.pdbx_monochromatic_or_laue_m_l   M 
_diffrn_radiation.monochromator                    'DOUBLE CRYSTAL MONOCHROMATOR' 
_diffrn_radiation.pdbx_diffrn_protocol             'SINGLE WAVELENGTH' 
_diffrn_radiation.pdbx_scattering_type             x-ray 
# 
_diffrn_radiation_wavelength.id           1 
_diffrn_radiation_wavelength.wavelength   0.97951 
_diffrn_radiation_wavelength.wt           1.0 
# 
_diffrn_source.diffrn_id                   1 
_diffrn_source.source                      SYNCHROTRON 
_diffrn_source.type                        'APS BEAMLINE 19-ID' 
_diffrn_source.pdbx_synchrotron_site       APS 
_diffrn_source.pdbx_synchrotron_beamline   19-ID 
_diffrn_source.pdbx_wavelength             0.97951 
_diffrn_source.pdbx_wavelength_list        0.97951 
# 
_reflns.entry_id                     3Q1D 
_reflns.observed_criterion_sigma_I   -3 
_reflns.observed_criterion_sigma_F   0 
_reflns.d_resolution_low             40.000 
_reflns.d_resolution_high            2.15 
_reflns.number_obs                   3560 
_reflns.number_all                   3560 
_reflns.percent_possible_obs         99.9 
_reflns.pdbx_Rmerge_I_obs            ? 
_reflns.pdbx_Rsym_value              0.131 
_reflns.pdbx_netI_over_sigmaI        32.3 
_reflns.B_iso_Wilson_estimate        ? 
_reflns.pdbx_redundancy              23.6 
_reflns.R_free_details               ? 
_reflns.limit_h_max                  ? 
_reflns.limit_h_min                  ? 
_reflns.limit_k_max                  ? 
_reflns.limit_k_min                  ? 
_reflns.limit_l_max                  ? 
_reflns.limit_l_min                  ? 
_reflns.observed_criterion_F_max     ? 
_reflns.observed_criterion_F_min     ? 
_reflns.pdbx_chi_squared             ? 
_reflns.pdbx_scaling_rejects         ? 
_reflns.pdbx_diffrn_id               1 
_reflns.pdbx_ordinal                 1 
# 
_reflns_shell.d_res_high             2.15 
_reflns_shell.d_res_low              2.19 
_reflns_shell.percent_possible_all   98.3 
_reflns_shell.Rmerge_I_obs           ? 
_reflns_shell.pdbx_Rsym_value        0.569 
_reflns_shell.meanI_over_sigI_obs    5.300 
_reflns_shell.pdbx_redundancy        15.1 
_reflns_shell.percent_possible_obs   ? 
_reflns_shell.number_unique_all      ? 
_reflns_shell.number_measured_all    ? 
_reflns_shell.number_measured_obs    ? 
_reflns_shell.number_unique_obs      ? 
_reflns_shell.pdbx_chi_squared       ? 
_reflns_shell.pdbx_diffrn_id         ? 
_reflns_shell.pdbx_ordinal           1 
# 
_refine.entry_id                                 3Q1D 
_refine.ls_number_reflns_obs                     3297 
_refine.ls_number_reflns_all                     3560 
_refine.pdbx_ls_sigma_I                          ? 
_refine.pdbx_ls_sigma_F                          ? 
_refine.pdbx_data_cutoff_high_absF               ? 
_refine.pdbx_data_cutoff_low_absF                ? 
_refine.pdbx_data_cutoff_high_rms_absF           ? 
_refine.ls_d_res_low                             29.823 
_refine.ls_d_res_high                            2.15 
_refine.ls_percent_reflns_obs                    99.11 
_refine.ls_R_factor_obs                          0.18518 
_refine.ls_R_factor_all                          ? 
_refine.ls_R_factor_R_work                       0.18198 
_refine.ls_R_factor_R_free                       0.25343 
_refine.ls_R_factor_R_free_error                 ? 
_refine.ls_R_factor_R_free_error_details         ? 
_refine.ls_percent_reflns_R_free                 4.3 
_refine.ls_number_reflns_R_free                  148 
_refine.ls_number_parameters                     ? 
_refine.ls_number_restraints                     ? 
_refine.occupancy_min                            ? 
_refine.occupancy_max                            ? 
_refine.correlation_coeff_Fo_to_Fc               0.952 
_refine.correlation_coeff_Fo_to_Fc_free          0.897 
_refine.B_iso_mean                               25.228 
_refine.aniso_B[1][1]                            0.94 
_refine.aniso_B[2][2]                            0.94 
_refine.aniso_B[3][3]                            -1.40 
_refine.aniso_B[1][2]                            0.47 
_refine.aniso_B[1][3]                            0.00 
_refine.aniso_B[2][3]                            0.00 
_refine.solvent_model_details                    MASK 
_refine.solvent_model_param_ksol                 ? 
_refine.solvent_model_param_bsol                 ? 
_refine.pdbx_solvent_vdw_probe_radii             1.40 
_refine.pdbx_solvent_ion_probe_radii             0.80 
_refine.pdbx_solvent_shrinkage_radii             0.80 
_refine.pdbx_ls_cross_valid_method               THROUGHOUT 
_refine.details                                  'HYDROGENS HAVE BEEN ADDED IN THE RIDING POSITIONS' 
_refine.pdbx_starting_model                      3DDT 
_refine.pdbx_method_to_determine_struct          'MOLECULAR REPLACEMENT' 
_refine.pdbx_isotropic_thermal_model             ? 
_refine.pdbx_stereochemistry_target_values       'MAXIMUM LIKELIHOOD' 
_refine.pdbx_stereochem_target_val_spec_case     ? 
_refine.pdbx_R_Free_selection_details            RANDOM 
_refine.pdbx_overall_ESU_R_Free                  0.194 
_refine.overall_SU_ML                            0.109 
_refine.overall_SU_B                             7.524 
_refine.overall_SU_R_Cruickshank_DPI             ? 
_refine.ls_redundancy_reflns_obs                 ? 
_refine.B_iso_min                                ? 
_refine.B_iso_max                                ? 
_refine.overall_SU_R_free                        ? 
_refine.ls_wR_factor_R_free                      ? 
_refine.ls_wR_factor_R_work                      ? 
_refine.overall_FOM_free_R_set                   ? 
_refine.overall_FOM_work_R_set                   ? 
_refine.pdbx_overall_phase_error                 ? 
_refine.pdbx_refine_id                           'X-RAY DIFFRACTION' 
_refine.pdbx_overall_ESU_R                       ? 
_refine.pdbx_diffrn_id                           1 
_refine.pdbx_TLS_residual_ADP_flag               ? 
_refine.pdbx_overall_SU_R_free_Cruickshank_DPI   ? 
_refine.pdbx_overall_SU_R_Blow_DPI               ? 
_refine.pdbx_overall_SU_R_free_Blow_DPI          ? 
# 
_refine_hist.pdbx_refine_id                   'X-RAY DIFFRACTION' 
_refine_hist.cycle_id                         LAST 
_refine_hist.pdbx_number_atoms_protein        364 
_refine_hist.pdbx_number_atoms_nucleic_acid   0 
_refine_hist.pdbx_number_atoms_ligand         2 
_refine_hist.number_atoms_solvent             32 
_refine_hist.number_atoms_total               398 
_refine_hist.d_res_high                       2.15 
_refine_hist.d_res_low                        29.823 
# 
loop_
_refine_ls_restr.type 
_refine_ls_restr.dev_ideal 
_refine_ls_restr.dev_ideal_target 
_refine_ls_restr.weight 
_refine_ls_restr.number 
_refine_ls_restr.pdbx_refine_id 
_refine_ls_restr.pdbx_restraint_function 
r_bond_refined_d       0.011  0.022  ? 387 'X-RAY DIFFRACTION' ? 
r_angle_refined_deg    1.417  1.987  ? 520 'X-RAY DIFFRACTION' ? 
r_dihedral_angle_1_deg 6.805  5.000  ? 48  'X-RAY DIFFRACTION' ? 
r_dihedral_angle_2_deg 36.411 25.714 ? 14  'X-RAY DIFFRACTION' ? 
r_dihedral_angle_3_deg 13.624 15.000 ? 68  'X-RAY DIFFRACTION' ? 
r_chiral_restr         0.087  0.200  ? 59  'X-RAY DIFFRACTION' ? 
r_gen_planes_refined   0.006  0.021  ? 277 'X-RAY DIFFRACTION' ? 
r_mcbond_it            0.454  1.500  ? 242 'X-RAY DIFFRACTION' ? 
r_mcangle_it           0.875  2.000  ? 395 'X-RAY DIFFRACTION' ? 
r_scbond_it            2.843  3.000  ? 145 'X-RAY DIFFRACTION' ? 
r_scangle_it           3.584  4.500  ? 125 'X-RAY DIFFRACTION' ? 
# 
_refine_ls_shell.pdbx_total_number_of_bins_used   20 
_refine_ls_shell.d_res_high                       2.151 
_refine_ls_shell.d_res_low                        2.206 
_refine_ls_shell.number_reflns_R_work             230 
_refine_ls_shell.R_factor_R_work                  0.182 
_refine_ls_shell.percent_reflns_obs               99.16 
_refine_ls_shell.R_factor_R_free                  0.264 
_refine_ls_shell.R_factor_R_free_error            ? 
_refine_ls_shell.percent_reflns_R_free            ? 
_refine_ls_shell.number_reflns_R_free             6 
_refine_ls_shell.number_reflns_all                ? 
_refine_ls_shell.R_factor_all                     ? 
_refine_ls_shell.number_reflns_obs                ? 
_refine_ls_shell.redundancy_reflns_obs            ? 
_refine_ls_shell.pdbx_refine_id                   'X-RAY DIFFRACTION' 
# 
_struct.entry_id                  3Q1D 
_struct.title                     'The B-box domain of Trim54' 
_struct.pdbx_model_details        ? 
_struct.pdbx_CASP_flag            N 
_struct.pdbx_model_type_details   ? 
# 
_struct_keywords.entry_id        3Q1D 
_struct_keywords.pdbx_keywords   LIGASE 
_struct_keywords.text            
'ZINC-BINDING MOTIF, RING-LIKE FOLD, LIGASE, METAL-BINDING, MUSCLE PROTEIN, NUCLEUS, UBL CONJUGATION PATHWAY, ZINC-FINGER' 
# 
loop_
_struct_asym.id 
_struct_asym.pdbx_blank_PDB_chainid_flag 
_struct_asym.pdbx_modified 
_struct_asym.entity_id 
_struct_asym.details 
A N N 1 ? 
B N N 2 ? 
C N N 2 ? 
D N N 3 ? 
# 
_struct_biol.id        1 
_struct_biol.details   ? 
# 
loop_
_struct_conf.conf_type_id 
_struct_conf.id 
_struct_conf.pdbx_PDB_helix_id 
_struct_conf.beg_label_comp_id 
_struct_conf.beg_label_asym_id 
_struct_conf.beg_label_seq_id 
_struct_conf.pdbx_beg_PDB_ins_code 
_struct_conf.end_label_comp_id 
_struct_conf.end_label_asym_id 
_struct_conf.end_label_seq_id 
_struct_conf.pdbx_end_PDB_ins_code 
_struct_conf.beg_auth_comp_id 
_struct_conf.beg_auth_asym_id 
_struct_conf.beg_auth_seq_id 
_struct_conf.end_auth_comp_id 
_struct_conf.end_auth_asym_id 
_struct_conf.end_auth_seq_id 
_struct_conf.pdbx_PDB_helix_class 
_struct_conf.details 
_struct_conf.pdbx_PDB_helix_length 
HELX_P HELX_P1 1 SER A 26 ? PHE A 31 ? SER A 147 PHE A 152 1 ? 6 
HELX_P HELX_P2 2 PRO A 43 ? TYR A 46 ? PRO A 164 TYR A 167 5 ? 4 
# 
_struct_conf_type.id          HELX_P 
_struct_conf_type.criteria    ? 
_struct_conf_type.reference   ? 
# 
loop_
_struct_conn.id 
_struct_conn.conn_type_id 
_struct_conn.pdbx_leaving_atom_flag 
_struct_conn.pdbx_PDB_id 
_struct_conn.ptnr1_label_asym_id 
_struct_conn.ptnr1_label_comp_id 
_struct_conn.ptnr1_label_seq_id 
_struct_conn.ptnr1_label_atom_id 
_struct_conn.pdbx_ptnr1_label_alt_id 
_struct_conn.pdbx_ptnr1_PDB_ins_code 
_struct_conn.pdbx_ptnr1_standard_comp_id 
_struct_conn.ptnr1_symmetry 
_struct_conn.ptnr2_label_asym_id 
_struct_conn.ptnr2_label_comp_id 
_struct_conn.ptnr2_label_seq_id 
_struct_conn.ptnr2_label_atom_id 
_struct_conn.pdbx_ptnr2_label_alt_id 
_struct_conn.pdbx_ptnr2_PDB_ins_code 
_struct_conn.ptnr1_auth_asym_id 
_struct_conn.ptnr1_auth_comp_id 
_struct_conn.ptnr1_auth_seq_id 
_struct_conn.ptnr2_auth_asym_id 
_struct_conn.ptnr2_auth_comp_id 
_struct_conn.ptnr2_auth_seq_id 
_struct_conn.ptnr2_symmetry 
_struct_conn.pdbx_ptnr3_label_atom_id 
_struct_conn.pdbx_ptnr3_label_seq_id 
_struct_conn.pdbx_ptnr3_label_comp_id 
_struct_conn.pdbx_ptnr3_label_asym_id 
_struct_conn.pdbx_ptnr3_label_alt_id 
_struct_conn.pdbx_ptnr3_PDB_ins_code 
_struct_conn.details 
_struct_conn.pdbx_dist_value 
_struct_conn.pdbx_value_order 
_struct_conn.pdbx_role 
metalc1 metalc ? ? A CYS 5  SG  ? ? ? 1_555 C ZN . ZN ? ? A CYS 126 A ZN 202 1_555 ? ? ? ? ? ? ? 2.319 ? ? 
metalc2 metalc ? ? A HIS 8  ND1 ? ? ? 1_555 C ZN . ZN ? ? A HIS 129 A ZN 202 1_555 ? ? ? ? ? ? ? 2.161 ? ? 
metalc3 metalc ? ? A CYS 17 SG  ? ? ? 1_555 B ZN . ZN ? ? A CYS 138 A ZN 201 1_555 ? ? ? ? ? ? ? 2.346 ? ? 
metalc4 metalc ? ? A CYS 20 SG  ? ? ? 1_555 B ZN . ZN ? ? A CYS 141 A ZN 201 1_555 ? ? ? ? ? ? ? 2.352 ? ? 
metalc5 metalc ? ? A CYS 25 SG  ? ? ? 1_555 C ZN . ZN ? ? A CYS 146 A ZN 202 1_555 ? ? ? ? ? ? ? 2.316 ? ? 
metalc6 metalc ? ? A CYS 28 SG  ? ? ? 1_555 C ZN . ZN ? ? A CYS 149 A ZN 202 1_555 ? ? ? ? ? ? ? 2.313 ? ? 
metalc7 metalc ? ? A HIS 34 ND1 ? ? ? 1_555 B ZN . ZN ? ? A HIS 155 A ZN 201 1_555 ? ? ? ? ? ? ? 2.127 ? ? 
metalc8 metalc ? ? A CYS 37 SG  ? ? ? 1_555 B ZN . ZN ? ? A CYS 158 A ZN 201 1_555 ? ? ? ? ? ? ? 2.297 ? ? 
# 
_struct_conn_type.id          metalc 
_struct_conn_type.criteria    ? 
_struct_conn_type.reference   ? 
# 
_struct_sheet.id               A 
_struct_sheet.type             ? 
_struct_sheet.number_strands   3 
_struct_sheet.details          ? 
# 
loop_
_struct_sheet_order.sheet_id 
_struct_sheet_order.range_id_1 
_struct_sheet_order.range_id_2 
_struct_sheet_order.offset 
_struct_sheet_order.sense 
A 1 2 ? anti-parallel 
A 2 3 ? anti-parallel 
# 
loop_
_struct_sheet_range.sheet_id 
_struct_sheet_range.id 
_struct_sheet_range.beg_label_comp_id 
_struct_sheet_range.beg_label_asym_id 
_struct_sheet_range.beg_label_seq_id 
_struct_sheet_range.pdbx_beg_PDB_ins_code 
_struct_sheet_range.end_label_comp_id 
_struct_sheet_range.end_label_asym_id 
_struct_sheet_range.end_label_seq_id 
_struct_sheet_range.pdbx_end_PDB_ins_code 
_struct_sheet_range.beg_auth_comp_id 
_struct_sheet_range.beg_auth_asym_id 
_struct_sheet_range.beg_auth_seq_id 
_struct_sheet_range.end_auth_comp_id 
_struct_sheet_range.end_auth_asym_id 
_struct_sheet_range.end_auth_seq_id 
A 1 VAL A 22 ? CYS A 25 ? VAL A 143 CYS A 146 
A 2 ILE A 13 ? CYS A 17 ? ILE A 134 CYS A 138 
A 3 VAL A 39 ? PRO A 41 ? VAL A 160 PRO A 162 
# 
loop_
_pdbx_struct_sheet_hbond.sheet_id 
_pdbx_struct_sheet_hbond.range_id_1 
_pdbx_struct_sheet_hbond.range_id_2 
_pdbx_struct_sheet_hbond.range_1_label_atom_id 
_pdbx_struct_sheet_hbond.range_1_label_comp_id 
_pdbx_struct_sheet_hbond.range_1_label_asym_id 
_pdbx_struct_sheet_hbond.range_1_label_seq_id 
_pdbx_struct_sheet_hbond.range_1_PDB_ins_code 
_pdbx_struct_sheet_hbond.range_1_auth_atom_id 
_pdbx_struct_sheet_hbond.range_1_auth_comp_id 
_pdbx_struct_sheet_hbond.range_1_auth_asym_id 
_pdbx_struct_sheet_hbond.range_1_auth_seq_id 
_pdbx_struct_sheet_hbond.range_2_label_atom_id 
_pdbx_struct_sheet_hbond.range_2_label_comp_id 
_pdbx_struct_sheet_hbond.range_2_label_asym_id 
_pdbx_struct_sheet_hbond.range_2_label_seq_id 
_pdbx_struct_sheet_hbond.range_2_PDB_ins_code 
_pdbx_struct_sheet_hbond.range_2_auth_atom_id 
_pdbx_struct_sheet_hbond.range_2_auth_comp_id 
_pdbx_struct_sheet_hbond.range_2_auth_asym_id 
_pdbx_struct_sheet_hbond.range_2_auth_seq_id 
A 1 2 O VAL A 22 ? O VAL A 143 N CYS A 17 ? N CYS A 138 
A 2 3 N TYR A 16 ? N TYR A 137 O ALA A 40 ? O ALA A 161 
# 
loop_
_struct_site.id 
_struct_site.pdbx_evidence_code 
_struct_site.pdbx_auth_asym_id 
_struct_site.pdbx_auth_comp_id 
_struct_site.pdbx_auth_seq_id 
_struct_site.pdbx_auth_ins_code 
_struct_site.pdbx_num_residues 
_struct_site.details 
AC1 Software A ZN 201 ? 4 'BINDING SITE FOR RESIDUE ZN A 201' 
AC2 Software A ZN 202 ? 4 'BINDING SITE FOR RESIDUE ZN A 202' 
# 
loop_
_struct_site_gen.id 
_struct_site_gen.site_id 
_struct_site_gen.pdbx_num_res 
_struct_site_gen.label_comp_id 
_struct_site_gen.label_asym_id 
_struct_site_gen.label_seq_id 
_struct_site_gen.pdbx_auth_ins_code 
_struct_site_gen.auth_comp_id 
_struct_site_gen.auth_asym_id 
_struct_site_gen.auth_seq_id 
_struct_site_gen.label_atom_id 
_struct_site_gen.label_alt_id 
_struct_site_gen.symmetry 
_struct_site_gen.details 
1 AC1 4 CYS A 17 ? CYS A 138 . ? 1_555 ? 
2 AC1 4 CYS A 20 ? CYS A 141 . ? 1_555 ? 
3 AC1 4 HIS A 34 ? HIS A 155 . ? 1_555 ? 
4 AC1 4 CYS A 37 ? CYS A 158 . ? 1_555 ? 
5 AC2 4 CYS A 5  ? CYS A 126 . ? 1_555 ? 
6 AC2 4 HIS A 8  ? HIS A 129 . ? 1_555 ? 
7 AC2 4 CYS A 25 ? CYS A 146 . ? 1_555 ? 
8 AC2 4 CYS A 28 ? CYS A 149 . ? 1_555 ? 
# 
_atom_sites.entry_id                    3Q1D 
_atom_sites.fract_transf_matrix[1][1]   -0.01051580 
_atom_sites.fract_transf_matrix[1][2]   -0.02170178 
_atom_sites.fract_transf_matrix[1][3]   0.00387176 
_atom_sites.fract_transf_matrix[2][1]   -0.02198402 
_atom_sites.fract_transf_matrix[2][2]   -0.00478775 
_atom_sites.fract_transf_matrix[2][3]   -0.00950584 
_atom_sites.fract_transf_matrix[3][1]   0.00499935 
_atom_sites.fract_transf_matrix[3][2]   -0.00411542 
_atom_sites.fract_transf_matrix[3][3]   -0.00948915 
_atom_sites.fract_transf_vector[1]      0.707175 
_atom_sites.fract_transf_vector[2]      0.434714 
_atom_sites.fract_transf_vector[3]      0.086553 
# 
loop_
_atom_type.symbol 
C  
N  
O  
S  
ZN 
# 
loop_
_atom_site.group_PDB 
_atom_site.id 
_atom_site.type_symbol 
_atom_site.label_atom_id 
_atom_site.label_alt_id 
_atom_site.label_comp_id 
_atom_site.label_asym_id 
_atom_site.label_entity_id 
_atom_site.label_seq_id 
_atom_site.pdbx_PDB_ins_code 
_atom_site.Cartn_x 
_atom_site.Cartn_y 
_atom_site.Cartn_z 
_atom_site.occupancy 
_atom_site.B_iso_or_equiv 
_atom_site.pdbx_formal_charge 
_atom_site.auth_seq_id 
_atom_site.auth_comp_id 
_atom_site.auth_asym_id 
_atom_site.auth_atom_id 
_atom_site.pdbx_PDB_model_num 
ATOM   1   N  N   . GLN A 1 1  ? 14.879  -2.259  6.367   1.00 62.47 ? 122 GLN A N   1 
ATOM   2   C  CA  . GLN A 1 1  ? 14.849  -1.898  4.919   1.00 56.45 ? 122 GLN A CA  1 
ATOM   3   C  C   . GLN A 1 1  ? 13.427  -1.841  4.364   1.00 47.40 ? 122 GLN A C   1 
ATOM   4   O  O   . GLN A 1 1  ? 12.726  -2.853  4.327   1.00 45.81 ? 122 GLN A O   1 
ATOM   5   C  CB  . GLN A 1 1  ? 15.696  -2.874  4.098   1.00 59.74 ? 122 GLN A CB  1 
ATOM   6   C  CG  . GLN A 1 1  ? 15.617  -2.619  2.590   1.00 56.97 ? 122 GLN A CG  1 
ATOM   7   C  CD  . GLN A 1 1  ? 16.715  -3.317  1.805   1.00 64.05 ? 122 GLN A CD  1 
ATOM   8   O  OE1 . GLN A 1 1  ? 17.371  -4.242  2.300   1.00 69.23 ? 122 GLN A OE1 1 
ATOM   9   N  NE2 . GLN A 1 1  ? 16.917  -2.877  0.562   1.00 65.19 ? 122 GLN A NE2 1 
ATOM   10  N  N   . HIS A 1 2  ? 13.016  -0.652  3.928   1.00 43.43 ? 123 HIS A N   1 
ATOM   11  C  CA  . HIS A 1 2  ? 11.643  -0.410  3.464   1.00 36.81 ? 123 HIS A CA  1 
ATOM   12  C  C   . HIS A 1 2  ? 11.580  0.461   2.218   1.00 33.54 ? 123 HIS A C   1 
ATOM   13  O  O   . HIS A 1 2  ? 12.434  1.315   2.019   1.00 37.58 ? 123 HIS A O   1 
ATOM   14  C  CB  . HIS A 1 2  ? 10.824  0.269   4.571   1.00 37.39 ? 123 HIS A CB  1 
ATOM   15  C  CG  . HIS A 1 2  ? 10.616  -0.585  5.779   1.00 42.39 ? 123 HIS A CG  1 
ATOM   16  N  ND1 . HIS A 1 2  ? 9.819   -1.712  5.766   1.00 43.54 ? 123 HIS A ND1 1 
ATOM   17  C  CD2 . HIS A 1 2  ? 11.091  -0.472  7.043   1.00 49.86 ? 123 HIS A CD2 1 
ATOM   18  C  CE1 . HIS A 1 2  ? 9.820   -2.262  6.968   1.00 50.17 ? 123 HIS A CE1 1 
ATOM   19  N  NE2 . HIS A 1 2  ? 10.579  -1.526  7.762   1.00 54.51 ? 123 HIS A NE2 1 
ATOM   20  N  N   . LEU A 1 3  ? 10.563  0.249   1.387   1.00 28.89 ? 124 LEU A N   1 
ATOM   21  C  CA  . LEU A 1 3  ? 10.203  1.205   0.351   1.00 26.54 ? 124 LEU A CA  1 
ATOM   22  C  C   . LEU A 1 3  ? 9.183   2.126   0.947   1.00 23.45 ? 124 LEU A C   1 
ATOM   23  O  O   . LEU A 1 3  ? 8.287   1.670   1.666   1.00 22.16 ? 124 LEU A O   1 
ATOM   24  C  CB  . LEU A 1 3  ? 9.544   0.509   -0.825  1.00 26.70 ? 124 LEU A CB  1 
ATOM   25  C  CG  . LEU A 1 3  ? 10.234  0.426   -2.163  1.00 31.57 ? 124 LEU A CG  1 
ATOM   26  C  CD1 . LEU A 1 3  ? 11.579  -0.257  -2.006  1.00 35.89 ? 124 LEU A CD1 1 
ATOM   27  C  CD2 . LEU A 1 3  ? 9.307   -0.331  -3.121  1.00 32.62 ? 124 LEU A CD2 1 
ATOM   28  N  N   . MET A 1 4  ? 9.301   3.415   0.641   1.00 23.30 ? 125 MET A N   1 
ATOM   29  C  CA  . MET A 1 4  ? 8.334   4.398   1.113   1.00 21.64 ? 125 MET A CA  1 
ATOM   30  C  C   . MET A 1 4  ? 7.452   4.809   -0.036  1.00 20.26 ? 125 MET A C   1 
ATOM   31  O  O   . MET A 1 4  ? 7.889   4.838   -1.195  1.00 22.03 ? 125 MET A O   1 
ATOM   32  C  CB  . MET A 1 4  ? 9.024   5.629   1.723   1.00 26.12 ? 125 MET A CB  1 
ATOM   33  C  CG  . MET A 1 4  ? 10.018  5.311   2.846   1.00 30.51 ? 125 MET A CG  1 
ATOM   34  S  SD  . MET A 1 4  ? 9.348   4.331   4.226   1.00 30.44 ? 125 MET A SD  1 
ATOM   35  C  CE  . MET A 1 4  ? 8.521   5.594   5.161   1.00 33.26 ? 125 MET A CE  1 
ATOM   36  N  N   . CYS A 1 5  ? 6.197   5.112   0.282   1.00 18.78 ? 126 CYS A N   1 
ATOM   37  C  CA  . CYS A 1 5  ? 5.273   5.638   -0.723  1.00 18.77 ? 126 CYS A CA  1 
ATOM   38  C  C   . CYS A 1 5  ? 5.787   6.976   -1.267  1.00 21.61 ? 126 CYS A C   1 
ATOM   39  O  O   . CYS A 1 5  ? 6.309   7.788   -0.511  1.00 23.50 ? 126 CYS A O   1 
ATOM   40  C  CB  . CYS A 1 5  ? 3.865   5.771   -0.136  1.00 18.40 ? 126 CYS A CB  1 
ATOM   41  S  SG  . CYS A 1 5  ? 2.627   6.425   -1.277  1.00 18.69 ? 126 CYS A SG  1 
ATOM   42  N  N   . GLU A 1 6  ? 5.667   7.167   -2.578  1.00 24.58 ? 127 GLU A N   1 
ATOM   43  C  CA  . GLU A 1 6  ? 6.009   8.424   -3.254  1.00 30.61 ? 127 GLU A CA  1 
ATOM   44  C  C   . GLU A 1 6  ? 5.113   9.594   -2.817  1.00 32.10 ? 127 GLU A C   1 
ATOM   45  O  O   . GLU A 1 6  ? 5.582   10.727  -2.663  1.00 36.82 ? 127 GLU A O   1 
ATOM   46  C  CB  . GLU A 1 6  ? 5.914   8.270   -4.782  1.00 35.69 ? 127 GLU A CB  1 
ATOM   47  C  CG  . GLU A 1 6  ? 7.203   7.845   -5.469  1.00 41.19 ? 127 GLU A CG  1 
ATOM   48  N  N   . GLU A 1 7  ? 3.822   9.327   -2.633  1.00 24.36 ? 128 GLU A N   1 
ATOM   49  C  CA  . GLU A 1 7  ? 2.896   10.370  -2.175  1.00 23.43 ? 128 GLU A CA  1 
ATOM   50  C  C   . GLU A 1 7  ? 2.887   10.524  -0.666  1.00 22.62 ? 128 GLU A C   1 
ATOM   51  O  O   . GLU A 1 7  ? 2.975   11.640  -0.167  1.00 24.77 ? 128 GLU A O   1 
ATOM   52  C  CB  . GLU A 1 7  ? 1.475   10.122  -2.673  1.00 22.69 ? 128 GLU A CB  1 
ATOM   53  C  CG  . GLU A 1 7  ? 0.473   11.147  -2.142  1.00 22.28 ? 128 GLU A CG  1 
ATOM   54  C  CD  . GLU A 1 7  ? -0.944  10.860  -2.588  1.00 22.94 ? 128 GLU A CD  1 
ATOM   55  O  OE1 . GLU A 1 7  ? -1.881  11.473  -2.043  1.00 23.57 ? 128 GLU A OE1 1 
ATOM   56  O  OE2 . GLU A 1 7  ? -1.131  10.019  -3.492  1.00 25.83 ? 128 GLU A OE2 1 
ATOM   57  N  N   . HIS A 1 8  ? 2.758   9.413   0.054   1.00 21.02 ? 129 HIS A N   1 
ATOM   58  C  CA  . HIS A 1 8  ? 2.735   9.434   1.525   1.00 21.21 ? 129 HIS A CA  1 
ATOM   59  C  C   . HIS A 1 8  ? 4.145   9.072   2.025   1.00 22.33 ? 129 HIS A C   1 
ATOM   60  O  O   . HIS A 1 8  ? 4.408   7.927   2.382   1.00 21.90 ? 129 HIS A O   1 
ATOM   61  C  CB  . HIS A 1 8  ? 1.648   8.477   2.055   1.00 19.76 ? 129 HIS A CB  1 
ATOM   62  C  CG  . HIS A 1 8  ? 0.292   8.738   1.468   1.00 19.37 ? 129 HIS A CG  1 
ATOM   63  N  ND1 . HIS A 1 8  ? -0.227  8.000   0.428   1.00 19.14 ? 129 HIS A ND1 1 
ATOM   64  C  CD2 . HIS A 1 8  ? -0.622  9.703   1.734   1.00 19.16 ? 129 HIS A CD2 1 
ATOM   65  C  CE1 . HIS A 1 8  ? -1.408  8.484   0.093   1.00 18.14 ? 129 HIS A CE1 1 
ATOM   66  N  NE2 . HIS A 1 8  ? -1.677  9.510   0.879   1.00 18.81 ? 129 HIS A NE2 1 
ATOM   67  N  N   . GLU A 1 9  ? 5.036   10.068  2.028   1.00 24.29 ? 130 GLU A N   1 
ATOM   68  C  CA  . GLU A 1 9  ? 6.491   9.870   2.136   1.00 26.26 ? 130 GLU A CA  1 
ATOM   69  C  C   . GLU A 1 9  ? 6.965   9.273   3.475   1.00 27.32 ? 130 GLU A C   1 
ATOM   70  O  O   . GLU A 1 9  ? 8.096   8.781   3.574   1.00 28.44 ? 130 GLU A O   1 
ATOM   71  C  CB  . GLU A 1 9  ? 7.233   11.182  1.809   1.00 29.99 ? 130 GLU A CB  1 
ATOM   72  N  N   . GLU A 1 10 ? 6.088   9.301   4.482   1.00 27.45 ? 131 GLU A N   1 
ATOM   73  C  CA  . GLU A 1 10 ? 6.346   8.677   5.781   1.00 29.20 ? 131 GLU A CA  1 
ATOM   74  C  C   . GLU A 1 10 ? 5.696   7.297   5.919   1.00 26.47 ? 131 GLU A C   1 
ATOM   75  O  O   . GLU A 1 10 ? 5.795   6.671   6.958   1.00 28.12 ? 131 GLU A O   1 
ATOM   76  C  CB  . GLU A 1 10 ? 5.836   9.560   6.923   1.00 32.95 ? 131 GLU A CB  1 
ATOM   77  C  CG  . GLU A 1 10 ? 6.368   10.966  6.925   1.00 39.54 ? 131 GLU A CG  1 
ATOM   78  C  CD  . GLU A 1 10 ? 6.005   11.708  8.188   1.00 48.50 ? 131 GLU A CD  1 
ATOM   79  O  OE1 . GLU A 1 10 ? 5.754   11.046  9.222   1.00 52.12 ? 131 GLU A OE1 1 
ATOM   80  O  OE2 . GLU A 1 10 ? 5.980   12.956  8.153   1.00 54.17 ? 131 GLU A OE2 1 
ATOM   81  N  N   . GLU A 1 11 ? 5.021   6.831   4.883   1.00 23.46 ? 132 GLU A N   1 
ATOM   82  C  CA  . GLU A 1 11 ? 4.377   5.538   4.941   1.00 22.43 ? 132 GLU A CA  1 
ATOM   83  C  C   . GLU A 1 11 ? 5.191   4.474   4.238   1.00 22.18 ? 132 GLU A C   1 
ATOM   84  O  O   . GLU A 1 11 ? 5.742   4.706   3.162   1.00 22.22 ? 132 GLU A O   1 
ATOM   85  C  CB  . GLU A 1 11 ? 2.995   5.592   4.314   1.00 21.59 ? 132 GLU A CB  1 
ATOM   86  C  CG  . GLU A 1 11 ? 1.980   6.386   5.081   1.00 22.81 ? 132 GLU A CG  1 
ATOM   87  C  CD  . GLU A 1 11 ? 1.719   5.838   6.462   1.00 25.61 ? 132 GLU A CD  1 
ATOM   88  O  OE1 . GLU A 1 11 ? 1.621   4.598   6.626   1.00 28.15 ? 132 GLU A OE1 1 
ATOM   89  O  OE2 . GLU A 1 11 ? 1.594   6.654   7.388   1.00 27.85 ? 132 GLU A OE2 1 
ATOM   90  N  N   . LYS A 1 12 ? 5.243   3.294   4.847   1.00 24.49 ? 133 LYS A N   1 
ATOM   91  C  CA  . LYS A 1 12 ? 5.880   2.147   4.232   1.00 23.08 ? 133 LYS A CA  1 
ATOM   92  C  C   . LYS A 1 12 ? 4.965   1.489   3.209   1.00 20.74 ? 133 LYS A C   1 
ATOM   93  O  O   . LYS A 1 12 ? 3.745   1.403   3.405   1.00 19.57 ? 133 LYS A O   1 
ATOM   94  C  CB  . LYS A 1 12 ? 6.291   1.145   5.300   1.00 24.44 ? 133 LYS A CB  1 
ATOM   95  C  CG  . LYS A 1 12 ? 7.358   1.694   6.253   1.00 28.46 ? 133 LYS A CG  1 
ATOM   96  C  CD  . LYS A 1 12 ? 7.943   0.592   7.116   1.00 34.00 ? 133 LYS A CD  1 
ATOM   97  C  CE  . LYS A 1 12 ? 7.349   0.524   8.508   1.00 38.56 ? 133 LYS A CE  1 
ATOM   98  N  NZ  . LYS A 1 12 ? 7.940   1.611   9.361   1.00 44.09 ? 133 LYS A NZ  1 
ATOM   99  N  N   . ILE A 1 13 ? 5.556   1.055   2.100   1.00 19.98 ? 134 ILE A N   1 
ATOM   100 C  CA  . ILE A 1 13 ? 4.861   0.227   1.124   1.00 18.62 ? 134 ILE A CA  1 
ATOM   101 C  C   . ILE A 1 13 ? 4.748   -1.174  1.767   1.00 18.64 ? 134 ILE A C   1 
ATOM   102 O  O   . ILE A 1 13 ? 5.737   -1.886  1.902   1.00 19.46 ? 134 ILE A O   1 
ATOM   103 C  CB  . ILE A 1 13 ? 5.650   0.170   -0.223  1.00 19.37 ? 134 ILE A CB  1 
ATOM   104 C  CG1 . ILE A 1 13 ? 5.717   1.548   -0.910  1.00 19.65 ? 134 ILE A CG1 1 
ATOM   105 C  CG2 . ILE A 1 13 ? 5.110   -0.950  -1.143  1.00 19.46 ? 134 ILE A CG2 1 
ATOM   106 C  CD1 . ILE A 1 13 ? 4.392   2.053   -1.465  1.00 20.72 ? 134 ILE A CD1 1 
ATOM   107 N  N   . ASN A 1 14 ? 3.541   -1.528  2.192   1.00 17.89 ? 135 ASN A N   1 
ATOM   108 C  CA  . ASN A 1 14 ? 3.297   -2.735  2.952   1.00 17.98 ? 135 ASN A CA  1 
ATOM   109 C  C   . ASN A 1 14 ? 2.068   -3.496  2.458   1.00 16.98 ? 135 ASN A C   1 
ATOM   110 O  O   . ASN A 1 14 ? 1.707   -4.519  3.032   1.00 18.40 ? 135 ASN A O   1 
ATOM   111 C  CB  . ASN A 1 14 ? 3.128   -2.386  4.431   1.00 19.43 ? 135 ASN A CB  1 
ATOM   112 C  CG  . ASN A 1 14 ? 2.017   -1.358  4.669   1.00 20.42 ? 135 ASN A CG  1 
ATOM   113 O  OD1 . ASN A 1 14 ? 1.383   -0.880  3.729   1.00 19.40 ? 135 ASN A OD1 1 
ATOM   114 N  ND2 . ASN A 1 14 ? 1.791   -1.010  5.929   1.00 24.52 ? 135 ASN A ND2 1 
ATOM   115 N  N   . ILE A 1 15 ? 1.403   -2.982  1.424   1.00 15.64 ? 136 ILE A N   1 
ATOM   116 C  CA  . ILE A 1 15 ? 0.249   -3.665  0.822   1.00 15.14 ? 136 ILE A CA  1 
ATOM   117 C  C   . ILE A 1 15 ? 0.381   -3.756  -0.715  1.00 15.27 ? 136 ILE A C   1 
ATOM   118 O  O   . ILE A 1 15 ? 1.240   -3.115  -1.305  1.00 15.06 ? 136 ILE A O   1 
ATOM   119 C  CB  . ILE A 1 15 ? -1.109  -3.019  1.247   1.00 15.77 ? 136 ILE A CB  1 
ATOM   120 C  CG1 . ILE A 1 15 ? -1.274  -1.622  0.659   1.00 15.27 ? 136 ILE A CG1 1 
ATOM   121 C  CG2 . ILE A 1 15 ? -1.264  -2.978  2.776   1.00 14.49 ? 136 ILE A CG2 1 
ATOM   122 C  CD1 . ILE A 1 15 ? -2.631  -1.017  0.965   1.00 16.93 ? 136 ILE A CD1 1 
ATOM   123 N  N   . TYR A 1 16 ? -0.462  -4.561  -1.356  1.00 15.87 ? 137 TYR A N   1 
ATOM   124 C  CA  . TYR A 1 16 ? -0.430  -4.708  -2.804  1.00 15.85 ? 137 TYR A CA  1 
ATOM   125 C  C   . TYR A 1 16 ? -1.812  -4.416  -3.357  1.00 16.56 ? 137 TYR A C   1 
ATOM   126 O  O   . TYR A 1 16 ? -2.790  -4.996  -2.908  1.00 17.16 ? 137 TYR A O   1 
ATOM   127 C  CB  . TYR A 1 16 ? -0.002  -6.130  -3.199  1.00 16.77 ? 137 TYR A CB  1 
ATOM   128 C  CG  . TYR A 1 16 ? 0.288   -6.289  -4.678  1.00 17.21 ? 137 TYR A CG  1 
ATOM   129 C  CD1 . TYR A 1 16 ? 1.518   -5.883  -5.213  1.00 16.77 ? 137 TYR A CD1 1 
ATOM   130 C  CD2 . TYR A 1 16 ? -0.674  -6.815  -5.548  1.00 18.65 ? 137 TYR A CD2 1 
ATOM   131 C  CE1 . TYR A 1 16 ? 1.788   -6.004  -6.566  1.00 18.79 ? 137 TYR A CE1 1 
ATOM   132 C  CE2 . TYR A 1 16 ? -0.409  -6.934  -6.923  1.00 20.11 ? 137 TYR A CE2 1 
ATOM   133 C  CZ  . TYR A 1 16 ? 0.827   -6.534  -7.412  1.00 21.68 ? 137 TYR A CZ  1 
ATOM   134 O  OH  . TYR A 1 16 ? 1.111   -6.650  -8.753  1.00 25.37 ? 137 TYR A OH  1 
ATOM   135 N  N   . CYS A 1 17 ? -1.906  -3.512  -4.320  1.00 16.56 ? 138 CYS A N   1 
ATOM   136 C  CA  . CYS A 1 17 ? -3.180  -3.336  -4.985  1.00 18.31 ? 138 CYS A CA  1 
ATOM   137 C  C   . CYS A 1 17 ? -3.393  -4.413  -6.059  1.00 19.98 ? 138 CYS A C   1 
ATOM   138 O  O   . CYS A 1 17 ? -2.698  -4.451  -7.076  1.00 20.83 ? 138 CYS A O   1 
ATOM   139 C  CB  . CYS A 1 17 ? -3.369  -1.934  -5.565  1.00 18.15 ? 138 CYS A CB  1 
ATOM   140 S  SG  . CYS A 1 17 ? -5.007  -1.823  -6.279  1.00 21.66 ? 138 CYS A SG  1 
ATOM   141 N  N   . LEU A 1 18 ? -4.365  -5.279  -5.811  1.00 25.67 ? 139 LEU A N   1 
ATOM   142 C  CA  . LEU A 1 18 ? -4.696  -6.353  -6.730  1.00 27.51 ? 139 LEU A CA  1 
ATOM   143 C  C   . LEU A 1 18 ? -5.420  -5.818  -7.955  1.00 28.57 ? 139 LEU A C   1 
ATOM   144 O  O   . LEU A 1 18 ? -5.311  -6.399  -9.028  1.00 30.80 ? 139 LEU A O   1 
ATOM   145 C  CB  . LEU A 1 18 ? -5.567  -7.392  -6.040  1.00 28.22 ? 139 LEU A CB  1 
ATOM   146 C  CG  . LEU A 1 18 ? -4.968  -8.157  -4.859  1.00 27.89 ? 139 LEU A CG  1 
ATOM   147 C  CD1 . LEU A 1 18 ? -6.054  -8.923  -4.127  1.00 26.06 ? 139 LEU A CD1 1 
ATOM   148 C  CD2 . LEU A 1 18 ? -3.877  -9.084  -5.347  1.00 28.57 ? 139 LEU A CD2 1 
ATOM   149 N  N   . SER A 1 19 ? -6.146  -4.708  -7.795  1.00 27.18 ? 140 SER A N   1 
ATOM   150 C  CA  . SER A 1 19 ? -6.878  -4.104  -8.911  1.00 28.47 ? 140 SER A CA  1 
ATOM   151 C  C   . SER A 1 19 ? -5.946  -3.422  -9.912  1.00 29.37 ? 140 SER A C   1 
ATOM   152 O  O   . SER A 1 19 ? -6.065  -3.636  -11.110 1.00 32.20 ? 140 SER A O   1 
ATOM   153 C  CB  . SER A 1 19 ? -7.947  -3.128  -8.408  1.00 26.73 ? 140 SER A CB  1 
ATOM   154 O  OG  . SER A 1 19 ? -8.729  -3.712  -7.379  1.00 25.79 ? 140 SER A OG  1 
ATOM   155 N  N   . CYS A 1 20 ? -5.010  -2.623  -9.418  1.00 28.32 ? 141 CYS A N   1 
ATOM   156 C  CA  . CYS A 1 20 ? -4.070  -1.915  -10.282 1.00 29.65 ? 141 CYS A CA  1 
ATOM   157 C  C   . CYS A 1 20 ? -2.783  -2.697  -10.513 1.00 30.73 ? 141 CYS A C   1 
ATOM   158 O  O   . CYS A 1 20 ? -1.960  -2.303  -11.338 1.00 32.31 ? 141 CYS A O   1 
ATOM   159 C  CB  . CYS A 1 20 ? -3.723  -0.541  -9.690  1.00 28.71 ? 141 CYS A CB  1 
ATOM   160 S  SG  . CYS A 1 20 ? -5.131  0.507   -9.362  1.00 27.48 ? 141 CYS A SG  1 
ATOM   161 N  N   . GLU A 1 21 ? -2.604  -3.784  -9.767  1.00 30.50 ? 142 GLU A N   1 
ATOM   162 C  CA  . GLU A 1 21 ? -1.378  -4.587  -9.819  1.00 31.66 ? 142 GLU A CA  1 
ATOM   163 C  C   . GLU A 1 21 ? -0.100  -3.771  -9.510  1.00 30.47 ? 142 GLU A C   1 
ATOM   164 O  O   . GLU A 1 21 ? 0.850   -3.730  -10.301 1.00 32.16 ? 142 GLU A O   1 
ATOM   165 C  CB  . GLU A 1 21 ? -1.309  -5.341  -11.152 1.00 35.16 ? 142 GLU A CB  1 
ATOM   166 C  CG  . GLU A 1 21 ? -2.656  -5.922  -11.541 1.00 38.60 ? 142 GLU A CG  1 
ATOM   167 C  CD  . GLU A 1 21 ? -2.579  -6.925  -12.665 1.00 46.45 ? 142 GLU A CD  1 
ATOM   168 O  OE1 . GLU A 1 21 ? -2.357  -8.128  -12.374 1.00 49.10 ? 142 GLU A OE1 1 
ATOM   169 O  OE2 . GLU A 1 21 ? -2.781  -6.511  -13.831 1.00 48.91 ? 142 GLU A OE2 1 
ATOM   170 N  N   . VAL A 1 22 ? -0.090  -3.137  -8.332  1.00 27.53 ? 143 VAL A N   1 
ATOM   171 C  CA  . VAL A 1 22 ? 1.017   -2.297  -7.894  1.00 25.80 ? 143 VAL A CA  1 
ATOM   172 C  C   . VAL A 1 22 ? 1.132   -2.322  -6.360  1.00 24.29 ? 143 VAL A C   1 
ATOM   173 O  O   . VAL A 1 22 ? 0.125   -2.251  -5.663  1.00 22.92 ? 143 VAL A O   1 
ATOM   174 C  CB  . VAL A 1 22 ? 0.867   -0.839  -8.480  1.00 26.13 ? 143 VAL A CB  1 
ATOM   175 C  CG1 . VAL A 1 22 ? -0.176  -0.011  -7.726  1.00 23.71 ? 143 VAL A CG1 1 
ATOM   176 C  CG2 . VAL A 1 22 ? 2.199   -0.122  -8.556  1.00 26.48 ? 143 VAL A CG2 1 
ATOM   177 N  N   . PRO A 1 23 ? 2.362   -2.448  -5.822  1.00 24.40 ? 144 PRO A N   1 
ATOM   178 C  CA  . PRO A 1 23 ? 2.501   -2.312  -4.383  1.00 23.64 ? 144 PRO A CA  1 
ATOM   179 C  C   . PRO A 1 23 ? 2.132   -0.900  -3.946  1.00 23.32 ? 144 PRO A C   1 
ATOM   180 O  O   . PRO A 1 23 ? 2.403   0.066   -4.668  1.00 23.14 ? 144 PRO A O   1 
ATOM   181 C  CB  . PRO A 1 23 ? 3.996   -2.552  -4.144  1.00 24.24 ? 144 PRO A CB  1 
ATOM   182 C  CG  . PRO A 1 23 ? 4.504   -3.190  -5.380  1.00 25.75 ? 144 PRO A CG  1 
ATOM   183 C  CD  . PRO A 1 23 ? 3.668   -2.638  -6.475  1.00 25.50 ? 144 PRO A CD  1 
ATOM   184 N  N   . THR A 1 24 ? 1.507   -0.777  -2.776  1.00 17.58 ? 145 THR A N   1 
ATOM   185 C  CA  . THR A 1 24 ? 1.120   0.549   -2.289  1.00 16.51 ? 145 THR A CA  1 
ATOM   186 C  C   . THR A 1 24 ? 1.211   0.661   -0.759  1.00 14.87 ? 145 THR A C   1 
ATOM   187 O  O   . THR A 1 24 ? 1.669   -0.268  -0.112  1.00 14.70 ? 145 THR A O   1 
ATOM   188 C  CB  . THR A 1 24 ? -0.225  1.018   -2.912  1.00 16.42 ? 145 THR A CB  1 
ATOM   189 O  OG1 . THR A 1 24 ? -0.345  2.432   -2.771  1.00 19.52 ? 145 THR A OG1 1 
ATOM   190 C  CG2 . THR A 1 24 ? -1.442  0.307   -2.308  1.00 14.89 ? 145 THR A CG2 1 
ATOM   191 N  N   . CYS A 1 25 ? 0.826   1.816   -0.209  1.00 14.49 ? 146 CYS A N   1 
ATOM   192 C  CA  . CYS A 1 25 ? 0.834   2.054   1.229   1.00 14.41 ? 146 CYS A CA  1 
ATOM   193 C  C   . CYS A 1 25 ? -0.606  2.067   1.778   1.00 13.42 ? 146 CYS A C   1 
ATOM   194 O  O   . CYS A 1 25 ? -1.572  2.165   1.015   1.00 12.53 ? 146 CYS A O   1 
ATOM   195 C  CB  . CYS A 1 25 ? 1.594   3.343   1.563   1.00 15.79 ? 146 CYS A CB  1 
ATOM   196 S  SG  . CYS A 1 25 ? 0.576   4.867   1.735   1.00 16.84 ? 146 CYS A SG  1 
ATOM   197 N  N   A SER A 1 26 ? -0.736  1.954   3.094   0.50 13.96 ? 147 SER A N   1 
ATOM   198 N  N   B SER A 1 26 ? -0.739  1.966   3.098   0.50 13.76 ? 147 SER A N   1 
ATOM   199 C  CA  A SER A 1 26 ? -2.052  1.866   3.720   0.50 14.40 ? 147 SER A CA  1 
ATOM   200 C  CA  B SER A 1 26 ? -2.058  1.847   3.724   0.50 13.99 ? 147 SER A CA  1 
ATOM   201 C  C   A SER A 1 26 ? -2.913  3.100   3.475   0.50 13.51 ? 147 SER A C   1 
ATOM   202 C  C   B SER A 1 26 ? -2.922  3.113   3.622   0.50 13.39 ? 147 SER A C   1 
ATOM   203 O  O   A SER A 1 26 ? -4.118  2.976   3.273   0.50 13.78 ? 147 SER A O   1 
ATOM   204 O  O   B SER A 1 26 ? -4.145  3.023   3.678   0.50 13.79 ? 147 SER A O   1 
ATOM   205 C  CB  A SER A 1 26 ? -1.933  1.591   5.224   0.50 16.05 ? 147 SER A CB  1 
ATOM   206 C  CB  B SER A 1 26 ? -1.947  1.379   5.188   0.50 15.53 ? 147 SER A CB  1 
ATOM   207 O  OG  A SER A 1 26 ? -1.428  0.291   5.436   0.50 17.87 ? 147 SER A OG  1 
ATOM   208 O  OG  B SER A 1 26 ? -1.305  2.350   5.996   0.50 15.96 ? 147 SER A OG  1 
ATOM   209 N  N   . LEU A 1 27 ? -2.291  4.278   3.482   1.00 13.75 ? 148 LEU A N   1 
ATOM   210 C  CA  . LEU A 1 27 ? -3.027  5.538   3.309   1.00 13.62 ? 148 LEU A CA  1 
ATOM   211 C  C   . LEU A 1 27 ? -3.556  5.699   1.873   1.00 13.08 ? 148 LEU A C   1 
ATOM   212 O  O   . LEU A 1 27 ? -4.567  6.355   1.650   1.00 12.52 ? 148 LEU A O   1 
ATOM   213 C  CB  . LEU A 1 27 ? -2.183  6.749   3.733   1.00 14.34 ? 148 LEU A CB  1 
ATOM   214 C  CG  . LEU A 1 27 ? -1.864  6.906   5.225   1.00 16.00 ? 148 LEU A CG  1 
ATOM   215 C  CD1 . LEU A 1 27 ? -1.152  8.239   5.514   1.00 16.38 ? 148 LEU A CD1 1 
ATOM   216 C  CD2 . LEU A 1 27 ? -3.121  6.780   6.120   1.00 14.77 ? 148 LEU A CD2 1 
ATOM   217 N  N   . CYS A 1 28 ? -2.864  5.084   0.915   1.00 13.09 ? 149 CYS A N   1 
ATOM   218 C  CA  . CYS A 1 28 ? -3.329  5.036   -0.470  1.00 14.14 ? 149 CYS A CA  1 
ATOM   219 C  C   . CYS A 1 28 ? -4.635  4.244   -0.543  1.00 12.94 ? 149 CYS A C   1 
ATOM   220 O  O   . CYS A 1 28 ? -5.501  4.529   -1.356  1.00 13.63 ? 149 CYS A O   1 
ATOM   221 C  CB  . CYS A 1 28 ? -2.265  4.402   -1.376  1.00 15.29 ? 149 CYS A CB  1 
ATOM   222 S  SG  . CYS A 1 28 ? -0.883  5.469   -1.889  1.00 19.80 ? 149 CYS A SG  1 
ATOM   223 N  N   . LYS A 1 29 ? -4.774  3.254   0.334   1.00 12.51 ? 150 LYS A N   1 
ATOM   224 C  CA  . LYS A 1 29 ? -6.016  2.487   0.439   1.00 13.08 ? 150 LYS A CA  1 
ATOM   225 C  C   . LYS A 1 29 ? -7.100  3.163   1.327   1.00 13.27 ? 150 LYS A C   1 
ATOM   226 O  O   . LYS A 1 29 ? -8.269  3.139   0.982   1.00 14.44 ? 150 LYS A O   1 
ATOM   227 C  CB  . LYS A 1 29 ? -5.714  1.049   0.890   1.00 13.52 ? 150 LYS A CB  1 
ATOM   228 C  CG  . LYS A 1 29 ? -6.922  0.188   1.256   1.00 14.90 ? 150 LYS A CG  1 
ATOM   229 C  CD  . LYS A 1 29 ? -7.872  -0.026  0.080   1.00 17.75 ? 150 LYS A CD  1 
ATOM   230 C  CE  . LYS A 1 29 ? -9.156  -0.659  0.579   1.00 20.93 ? 150 LYS A CE  1 
ATOM   231 N  NZ  . LYS A 1 29 ? -10.227 -0.724  -0.464  1.00 25.33 ? 150 LYS A NZ  1 
ATOM   232 N  N   . VAL A 1 30 ? -6.715  3.742   2.464   1.00 14.30 ? 151 VAL A N   1 
ATOM   233 C  CA  . VAL A 1 30 ? -7.683  4.359   3.358   1.00 13.99 ? 151 VAL A CA  1 
ATOM   234 C  C   . VAL A 1 30 ? -8.258  5.623   2.712   1.00 14.15 ? 151 VAL A C   1 
ATOM   235 O  O   . VAL A 1 30 ? -9.468  5.780   2.664   1.00 15.69 ? 151 VAL A O   1 
ATOM   236 C  CB  . VAL A 1 30 ? -7.105  4.655   4.771   1.00 14.07 ? 151 VAL A CB  1 
ATOM   237 C  CG1 . VAL A 1 30 ? -8.104  5.420   5.623   1.00 13.63 ? 151 VAL A CG1 1 
ATOM   238 C  CG2 . VAL A 1 30 ? -6.735  3.354   5.485   1.00 15.09 ? 151 VAL A CG2 1 
ATOM   239 N  N   . PHE A 1 31 ? -7.402  6.498   2.190   1.00 13.51 ? 152 PHE A N   1 
ATOM   240 C  CA  . PHE A 1 31 ? -7.859  7.797   1.672   1.00 14.50 ? 152 PHE A CA  1 
ATOM   241 C  C   . PHE A 1 31 ? -7.569  8.080   0.179   1.00 15.77 ? 152 PHE A C   1 
ATOM   242 O  O   . PHE A 1 31 ? -8.227  8.916   -0.452  1.00 17.31 ? 152 PHE A O   1 
ATOM   243 C  CB  . PHE A 1 31 ? -7.228  8.927   2.508   1.00 15.04 ? 152 PHE A CB  1 
ATOM   244 C  CG  . PHE A 1 31 ? -7.602  8.893   3.962   1.00 14.35 ? 152 PHE A CG  1 
ATOM   245 C  CD1 . PHE A 1 31 ? -8.921  9.068   4.360   1.00 13.97 ? 152 PHE A CD1 1 
ATOM   246 C  CD2 . PHE A 1 31 ? -6.624  8.682   4.934   1.00 13.06 ? 152 PHE A CD2 1 
ATOM   247 C  CE1 . PHE A 1 31 ? -9.271  9.037   5.715   1.00 15.60 ? 152 PHE A CE1 1 
ATOM   248 C  CE2 . PHE A 1 31 ? -6.955  8.652   6.292   1.00 12.72 ? 152 PHE A CE2 1 
ATOM   249 C  CZ  . PHE A 1 31 ? -8.289  8.831   6.679   1.00 14.15 ? 152 PHE A CZ  1 
ATOM   250 N  N   . GLY A 1 32 ? -6.547  7.412   -0.348  1.00 15.33 ? 153 GLY A N   1 
ATOM   251 C  CA  . GLY A 1 32 ? -5.878  7.841   -1.561  1.00 17.63 ? 153 GLY A CA  1 
ATOM   252 C  C   . GLY A 1 32 ? -6.367  7.190   -2.830  1.00 18.40 ? 153 GLY A C   1 
ATOM   253 O  O   . GLY A 1 32 ? -7.556  6.893   -2.979  1.00 18.02 ? 153 GLY A O   1 
ATOM   254 N  N   . ALA A 1 33 ? -5.430  6.972   -3.742  1.00 19.55 ? 154 ALA A N   1 
ATOM   255 C  CA  . ALA A 1 33 ? -5.754  6.613   -5.106  1.00 21.05 ? 154 ALA A CA  1 
ATOM   256 C  C   . ALA A 1 33 ? -6.324  5.202   -5.236  1.00 19.50 ? 154 ALA A C   1 
ATOM   257 O  O   . ALA A 1 33 ? -6.986  4.899   -6.218  1.00 20.77 ? 154 ALA A O   1 
ATOM   258 C  CB  . ALA A 1 33 ? -4.529  6.758   -5.966  1.00 23.94 ? 154 ALA A CB  1 
ATOM   259 N  N   . HIS A 1 34 ? -6.063  4.337   -4.252  1.00 17.74 ? 155 HIS A N   1 
ATOM   260 C  CA  . HIS A 1 34 ? -6.532  2.964   -4.315  1.00 17.10 ? 155 HIS A CA  1 
ATOM   261 C  C   . HIS A 1 34 ? -7.675  2.709   -3.318  1.00 16.75 ? 155 HIS A C   1 
ATOM   262 O  O   . HIS A 1 34 ? -7.880  1.577   -2.906  1.00 17.62 ? 155 HIS A O   1 
ATOM   263 C  CB  . HIS A 1 34 ? -5.356  1.987   -4.066  1.00 17.67 ? 155 HIS A CB  1 
ATOM   264 C  CG  . HIS A 1 34 ? -4.190  2.191   -4.989  1.00 20.26 ? 155 HIS A CG  1 
ATOM   265 N  ND1 . HIS A 1 34 ? -4.192  1.772   -6.301  1.00 24.98 ? 155 HIS A ND1 1 
ATOM   266 C  CD2 . HIS A 1 34 ? -2.984  2.769   -4.789  1.00 23.49 ? 155 HIS A CD2 1 
ATOM   267 C  CE1 . HIS A 1 34 ? -3.045  2.085   -6.874  1.00 26.97 ? 155 HIS A CE1 1 
ATOM   268 N  NE2 . HIS A 1 34 ? -2.289  2.685   -5.974  1.00 28.48 ? 155 HIS A NE2 1 
ATOM   269 N  N   . LYS A 1 35 ? -8.425  3.741   -2.945  1.00 17.39 ? 156 LYS A N   1 
ATOM   270 C  CA  . LYS A 1 35 ? -9.415  3.606   -1.871  1.00 18.09 ? 156 LYS A CA  1 
ATOM   271 C  C   . LYS A 1 35 ? -10.520 2.609   -2.196  1.00 19.83 ? 156 LYS A C   1 
ATOM   272 O  O   . LYS A 1 35 ? -11.017 1.934   -1.298  1.00 21.48 ? 156 LYS A O   1 
ATOM   273 C  CB  . LYS A 1 35 ? -10.004 4.958   -1.445  1.00 19.57 ? 156 LYS A CB  1 
ATOM   274 C  CG  . LYS A 1 35 ? -10.645 5.762   -2.565  1.00 23.87 ? 156 LYS A CG  1 
ATOM   275 C  CD  . LYS A 1 35 ? -10.944 7.201   -2.124  1.00 28.74 ? 156 LYS A CD  1 
ATOM   276 C  CE  . LYS A 1 35 ? -11.348 8.069   -3.320  1.00 34.79 ? 156 LYS A CE  1 
ATOM   277 N  NZ  . LYS A 1 35 ? -10.358 7.973   -4.468  1.00 35.97 ? 156 LYS A NZ  1 
ATOM   278 N  N   . ASP A 1 36 ? -10.899 2.509   -3.466  1.00 30.39 ? 157 ASP A N   1 
ATOM   279 C  CA  . ASP A 1 36 ? -11.931 1.560   -3.865  1.00 32.59 ? 157 ASP A CA  1 
ATOM   280 C  C   . ASP A 1 36 ? -11.376 0.295   -4.521  1.00 29.54 ? 157 ASP A C   1 
ATOM   281 O  O   . ASP A 1 36 ? -12.092 -0.411  -5.214  1.00 32.85 ? 157 ASP A O   1 
ATOM   282 C  CB  . ASP A 1 36 ? -12.921 2.245   -4.792  1.00 36.72 ? 157 ASP A CB  1 
ATOM   283 C  CG  . ASP A 1 36 ? -13.601 3.412   -4.135  1.00 42.49 ? 157 ASP A CG  1 
ATOM   284 O  OD1 . ASP A 1 36 ? -14.088 3.255   -2.997  1.00 48.11 ? 157 ASP A OD1 1 
ATOM   285 O  OD2 . ASP A 1 36 ? -13.651 4.491   -4.755  1.00 45.99 ? 157 ASP A OD2 1 
ATOM   286 N  N   . CYS A 1 37 ? -10.098 0.017   -4.309  1.00 25.13 ? 158 CYS A N   1 
ATOM   287 C  CA  . CYS A 1 37 ? -9.456  -1.117  -4.944  1.00 24.31 ? 158 CYS A CA  1 
ATOM   288 C  C   . CYS A 1 37 ? -9.455  -2.319  -4.007  1.00 24.19 ? 158 CYS A C   1 
ATOM   289 O  O   . CYS A 1 37 ? -9.551  -2.157  -2.787  1.00 23.84 ? 158 CYS A O   1 
ATOM   290 C  CB  . CYS A 1 37 ? -8.020  -0.761  -5.333  1.00 22.26 ? 158 CYS A CB  1 
ATOM   291 S  SG  . CYS A 1 37 ? -7.817  0.424   -6.679  1.00 22.63 ? 158 CYS A SG  1 
ATOM   292 N  N   . GLU A 1 38 ? -9.338  -3.521  -4.561  1.00 25.73 ? 159 GLU A N   1 
ATOM   293 C  CA  . GLU A 1 38 ? -9.085  -4.698  -3.719  1.00 25.88 ? 159 GLU A CA  1 
ATOM   294 C  C   . GLU A 1 38 ? -7.598  -4.839  -3.442  1.00 21.78 ? 159 GLU A C   1 
ATOM   295 O  O   . GLU A 1 38 ? -6.788  -4.732  -4.357  1.00 22.39 ? 159 GLU A O   1 
ATOM   296 C  CB  . GLU A 1 38 ? -9.664  -5.957  -4.363  1.00 31.69 ? 159 GLU A CB  1 
ATOM   297 C  CG  . GLU A 1 38 ? -11.170 -5.866  -4.502  1.00 40.23 ? 159 GLU A CG  1 
ATOM   298 C  CD  . GLU A 1 38 ? -11.795 -7.155  -4.921  1.00 53.31 ? 159 GLU A CD  1 
ATOM   299 O  OE1 . GLU A 1 38 ? -11.814 -8.115  -4.110  1.00 58.06 ? 159 GLU A OE1 1 
ATOM   300 O  OE2 . GLU A 1 38 ? -12.296 -7.205  -6.066  1.00 62.47 ? 159 GLU A OE2 1 
ATOM   301 N  N   . VAL A 1 39 ? -7.231  -5.034  -2.176  1.00 19.68 ? 160 VAL A N   1 
ATOM   302 C  CA  . VAL A 1 39 ? -5.819  -5.092  -1.792  1.00 16.96 ? 160 VAL A CA  1 
ATOM   303 C  C   . VAL A 1 39 ? -5.491  -6.388  -1.030  1.00 17.47 ? 160 VAL A C   1 
ATOM   304 O  O   . VAL A 1 39 ? -6.381  -7.081  -0.542  1.00 19.46 ? 160 VAL A O   1 
ATOM   305 C  CB  . VAL A 1 39 ? -5.353  -3.848  -0.958  1.00 15.51 ? 160 VAL A CB  1 
ATOM   306 C  CG1 . VAL A 1 39 ? -5.489  -2.570  -1.755  1.00 15.58 ? 160 VAL A CG1 1 
ATOM   307 C  CG2 . VAL A 1 39 ? -6.105  -3.737  0.377   1.00 14.75 ? 160 VAL A CG2 1 
ATOM   308 N  N   . ALA A 1 40 ? -4.202  -6.693  -0.957  1.00 16.61 ? 161 ALA A N   1 
ATOM   309 C  CA  . ALA A 1 40 ? -3.670  -7.831  -0.236  1.00 16.31 ? 161 ALA A CA  1 
ATOM   310 C  C   . ALA A 1 40 ? -2.545  -7.333  0.671   1.00 15.34 ? 161 ALA A C   1 
ATOM   311 O  O   . ALA A 1 40 ? -1.898  -6.319  0.358   1.00 15.94 ? 161 ALA A O   1 
ATOM   312 C  CB  . ALA A 1 40 ? -3.131  -8.851  -1.221  1.00 19.49 ? 161 ALA A CB  1 
ATOM   313 N  N   . PRO A 1 41 ? -2.297  -8.034  1.799   1.00 14.80 ? 162 PRO A N   1 
ATOM   314 C  CA  . PRO A 1 41 ? -1.134  -7.688  2.609   1.00 14.98 ? 162 PRO A CA  1 
ATOM   315 C  C   . PRO A 1 41 ? 0.160   -8.194  1.973   1.00 17.79 ? 162 PRO A C   1 
ATOM   316 O  O   . PRO A 1 41 ? 0.173   -9.238  1.338   1.00 18.61 ? 162 PRO A O   1 
ATOM   317 C  CB  . PRO A 1 41 ? -1.391  -8.432  3.919   1.00 15.25 ? 162 PRO A CB  1 
ATOM   318 C  CG  . PRO A 1 41 ? -2.215  -9.641  3.506   1.00 16.28 ? 162 PRO A CG  1 
ATOM   319 C  CD  . PRO A 1 41 ? -3.088  -9.133  2.389   1.00 15.32 ? 162 PRO A CD  1 
ATOM   320 N  N   . LEU A 1 42 ? 1.236   -7.441  2.136   1.00 15.11 ? 163 LEU A N   1 
ATOM   321 C  CA  . LEU A 1 42 ? 2.562   -7.950  1.841   1.00 15.69 ? 163 LEU A CA  1 
ATOM   322 C  C   . LEU A 1 42 ? 3.086   -8.685  3.095   1.00 16.13 ? 163 LEU A C   1 
ATOM   323 O  O   . LEU A 1 42 ? 2.609   -8.423  4.205   1.00 16.75 ? 163 LEU A O   1 
ATOM   324 C  CB  . LEU A 1 42 ? 3.467   -6.803  1.387   1.00 16.58 ? 163 LEU A CB  1 
ATOM   325 C  CG  . LEU A 1 42 ? 3.131   -6.185  0.021   1.00 18.05 ? 163 LEU A CG  1 
ATOM   326 C  CD1 . LEU A 1 42 ? 4.142   -5.120  -0.319  1.00 18.54 ? 163 LEU A CD1 1 
ATOM   327 C  CD2 . LEU A 1 42 ? 3.134   -7.260  -1.065  1.00 20.14 ? 163 LEU A CD2 1 
ATOM   328 N  N   . PRO A 1 43 ? 4.036   -9.628  2.934   1.00 18.53 ? 164 PRO A N   1 
ATOM   329 C  CA  . PRO A 1 43 ? 4.441   -10.467 4.076   1.00 20.57 ? 164 PRO A CA  1 
ATOM   330 C  C   . PRO A 1 43 ? 4.817   -9.695  5.333   1.00 22.12 ? 164 PRO A C   1 
ATOM   331 O  O   . PRO A 1 43 ? 4.597   -10.168 6.445   1.00 24.55 ? 164 PRO A O   1 
ATOM   332 C  CB  . PRO A 1 43 ? 5.633   -11.260 3.517   1.00 23.92 ? 164 PRO A CB  1 
ATOM   333 C  CG  . PRO A 1 43 ? 5.243   -11.489 2.088   1.00 23.05 ? 164 PRO A CG  1 
ATOM   334 C  CD  . PRO A 1 43 ? 4.615   -10.142 1.672   1.00 20.71 ? 164 PRO A CD  1 
ATOM   335 N  N   . THR A 1 44 ? 5.357   -8.504  5.149   1.00 23.28 ? 165 THR A N   1 
ATOM   336 C  CA  . THR A 1 44 ? 5.715   -7.642  6.255   1.00 26.54 ? 165 THR A CA  1 
ATOM   337 C  C   . THR A 1 44 ? 4.550   -7.369  7.224   1.00 25.93 ? 165 THR A C   1 
ATOM   338 O  O   . THR A 1 44 ? 4.786   -7.134  8.401   1.00 29.64 ? 165 THR A O   1 
ATOM   339 C  CB  . THR A 1 44 ? 6.333   -6.322  5.730   1.00 28.48 ? 165 THR A CB  1 
ATOM   340 O  OG1 . THR A 1 44 ? 7.174   -5.765  6.731   1.00 34.99 ? 165 THR A OG1 1 
ATOM   341 C  CG2 . THR A 1 44 ? 5.269   -5.319  5.314   1.00 25.84 ? 165 THR A CG2 1 
ATOM   342 N  N   . ILE A 1 45 ? 3.313   -7.410  6.718   1.00 22.81 ? 166 ILE A N   1 
ATOM   343 C  CA  . ILE A 1 45 ? 2.096   -7.194  7.526   1.00 23.89 ? 166 ILE A CA  1 
ATOM   344 C  C   . ILE A 1 45 ? 1.866   -8.292  8.561   1.00 24.67 ? 166 ILE A C   1 
ATOM   345 O  O   . ILE A 1 45 ? 1.392   -8.017  9.650   1.00 27.27 ? 166 ILE A O   1 
ATOM   346 C  CB  . ILE A 1 45 ? 0.813   -7.119  6.634   1.00 22.34 ? 166 ILE A CB  1 
ATOM   347 C  CG1 . ILE A 1 45 ? 0.857   -5.913  5.692   1.00 22.87 ? 166 ILE A CG1 1 
ATOM   348 C  CG2 . ILE A 1 45 ? -0.472  -7.140  7.484   1.00 25.18 ? 166 ILE A CG2 1 
ATOM   349 C  CD1 . ILE A 1 45 ? 0.522   -4.594  6.317   1.00 25.41 ? 166 ILE A CD1 1 
ATOM   350 N  N   . TYR A 1 46 ? 2.208   -9.534  8.228   1.00 23.94 ? 167 TYR A N   1 
ATOM   351 C  CA  . TYR A 1 46 ? 1.945   -10.652 9.131   1.00 25.68 ? 167 TYR A CA  1 
ATOM   352 C  C   . TYR A 1 46 ? 3.191   -11.404 9.638   1.00 30.01 ? 167 TYR A C   1 
ATOM   353 O  O   . TYR A 1 46 ? 3.084   -12.520 10.155  1.00 32.16 ? 167 TYR A O   1 
ATOM   354 C  CB  . TYR A 1 46 ? 0.935   -11.602 8.483   1.00 23.37 ? 167 TYR A CB  1 
ATOM   355 C  CG  . TYR A 1 46 ? 1.288   -12.020 7.074   1.00 20.67 ? 167 TYR A CG  1 
ATOM   356 C  CD1 . TYR A 1 46 ? 2.243   -13.015 6.836   1.00 22.24 ? 167 TYR A CD1 1 
ATOM   357 C  CD2 . TYR A 1 46 ? 0.660   -11.441 5.979   1.00 18.69 ? 167 TYR A CD2 1 
ATOM   358 C  CE1 . TYR A 1 46 ? 2.565   -13.411 5.542   1.00 21.94 ? 167 TYR A CE1 1 
ATOM   359 C  CE2 . TYR A 1 46 ? 0.983   -11.832 4.677   1.00 17.99 ? 167 TYR A CE2 1 
ATOM   360 C  CZ  . TYR A 1 46 ? 1.924   -12.822 4.472   1.00 19.42 ? 167 TYR A CZ  1 
ATOM   361 O  OH  . TYR A 1 46 ? 2.232   -13.211 3.193   1.00 21.52 ? 167 TYR A OH  1 
ATOM   362 N  N   . LYS A 1 47 ? 4.360   -10.778 9.513   1.00 33.70 ? 168 LYS A N   1 
ATOM   363 C  CA  . LYS A 1 47 ? 5.656   -11.395 9.881   1.00 40.23 ? 168 LYS A CA  1 
ATOM   364 C  C   . LYS A 1 47 ? 5.812   -11.697 11.379  1.00 46.67 ? 168 LYS A C   1 
ATOM   365 O  O   . LYS A 1 47 ? 5.129   -11.106 12.233  1.00 48.26 ? 168 LYS A O   1 
ATOM   366 C  CB  . LYS A 1 47 ? 6.824   -10.525 9.400   1.00 42.83 ? 168 LYS A CB  1 
ATOM   367 C  CG  . LYS A 1 47 ? 6.828   -9.115  9.993   1.00 45.93 ? 168 LYS A CG  1 
ATOM   368 C  CD  . LYS A 1 47 ? 8.020   -8.279  9.535   1.00 51.17 ? 168 LYS A CD  1 
ATOM   369 C  CE  . LYS A 1 47 ? 8.107   -6.965  10.309  1.00 56.91 ? 168 LYS A CE  1 
ATOM   370 N  NZ  . LYS A 1 47 ? 9.099   -6.000  9.730   1.00 61.44 ? 168 LYS A NZ  1 
HETATM 371 ZN ZN  . ZN  B 2 .  ? -5.553  0.322   -7.055  1.00 21.70 ? 201 ZN  A ZN  1 
HETATM 372 ZN ZN  . ZN  C 2 .  ? 0.587   6.107   -0.222  1.00 17.52 ? 202 ZN  A ZN  1 
HETATM 373 O  O   . HOH D 3 .  ? -4.328  10.878  -2.164  0.50 17.96 ? 203 HOH A O   1 
HETATM 374 O  O   . HOH D 3 .  ? 3.561   -5.523  -9.246  1.00 42.20 ? 204 HOH A O   1 
HETATM 375 O  O   . HOH D 3 .  ? -9.659  3.401   -5.996  1.00 21.18 ? 205 HOH A O   1 
HETATM 376 O  O   . HOH D 3 .  ? 8.531   -1.643  1.780   1.00 19.12 ? 206 HOH A O   1 
HETATM 377 O  O   . HOH D 3 .  ? -8.098  -6.734  1.633   1.00 27.98 ? 207 HOH A O   1 
HETATM 378 O  O   . HOH D 3 .  ? 5.056   4.902   -4.472  1.00 24.62 ? 208 HOH A O   1 
HETATM 379 O  O   . HOH D 3 .  ? -2.852  7.712   -3.124  1.00 22.55 ? 209 HOH A O   1 
HETATM 380 O  O   . HOH D 3 .  ? 1.665   2.072   4.941   1.00 24.25 ? 210 HOH A O   1 
HETATM 381 O  O   . HOH D 3 .  ? -12.640 10.178  -0.936  1.00 38.97 ? 211 HOH A O   1 
HETATM 382 O  O   . HOH D 3 .  ? -9.623  -5.116  -0.369  1.00 26.96 ? 212 HOH A O   1 
HETATM 383 O  O   . HOH D 3 .  ? 3.377   10.349  4.838   1.00 32.71 ? 213 HOH A O   1 
HETATM 384 O  O   . HOH D 3 .  ? 2.116   9.384   6.904   1.00 41.09 ? 214 HOH A O   1 
HETATM 385 O  O   . HOH D 3 .  ? -4.416  10.174  0.271   1.00 26.81 ? 215 HOH A O   1 
HETATM 386 O  O   . HOH D 3 .  ? 4.627   13.328  1.780   1.00 51.29 ? 216 HOH A O   1 
HETATM 387 O  O   . HOH D 3 .  ? 3.853   2.853   7.393   1.00 33.58 ? 217 HOH A O   1 
HETATM 388 O  O   . HOH D 3 .  ? -0.943  -4.503  -15.019 1.00 42.35 ? 218 HOH A O   1 
HETATM 389 O  O   . HOH D 3 .  ? 0.979   -5.443  11.185  1.00 49.14 ? 219 HOH A O   1 
HETATM 390 O  O   . HOH D 3 .  ? 9.173   8.681   -0.159  1.00 33.45 ? 220 HOH A O   1 
HETATM 391 O  O   . HOH D 3 .  ? -1.175  13.038  0.087   1.00 23.87 ? 221 HOH A O   1 
HETATM 392 O  O   . HOH D 3 .  ? 3.785   -3.324  -11.238 1.00 49.05 ? 222 HOH A O   1 
HETATM 393 O  O   . HOH D 3 .  ? 2.365   6.679   9.900   1.00 31.76 ? 223 HOH A O   1 
HETATM 394 O  O   . HOH D 3 .  ? 13.780  -3.454  9.016   1.00 78.94 ? 224 HOH A O   1 
HETATM 395 O  O   . HOH D 3 .  ? 3.795   -8.706  11.694  1.00 46.18 ? 225 HOH A O   1 
HETATM 396 O  O   . HOH D 3 .  ? -11.495 4.928   4.273   1.00 43.66 ? 226 HOH A O   1 
HETATM 397 O  O   . HOH D 3 .  ? 7.341   3.969   -3.656  1.00 29.18 ? 227 HOH A O   1 
HETATM 398 O  O   . HOH D 3 .  ? 2.249   4.189   -3.431  1.00 28.58 ? 228 HOH A O   1 
HETATM 399 O  O   . HOH D 3 .  ? -4.629  -6.810  -16.027 1.00 63.49 ? 229 HOH A O   1 
HETATM 400 O  O   . HOH D 3 .  ? 0.264   -2.801  -13.319 1.00 48.63 ? 230 HOH A O   1 
HETATM 401 O  O   . HOH D 3 .  ? 1.279   -11.630 1.194   1.00 34.87 ? 231 HOH A O   1 
HETATM 402 O  O   . HOH D 3 .  ? -3.711  -8.677  -9.069  1.00 34.09 ? 232 HOH A O   1 
HETATM 403 O  O   . HOH D 3 .  ? -8.570  -8.812  -1.503  1.00 34.03 ? 233 HOH A O   1 
HETATM 404 O  O   . HOH D 3 .  ? -10.729 9.922   0.721   1.00 25.78 ? 234 HOH A O   1 
# 
loop_
_atom_site_anisotrop.id 
_atom_site_anisotrop.type_symbol 
_atom_site_anisotrop.pdbx_label_atom_id 
_atom_site_anisotrop.pdbx_label_alt_id 
_atom_site_anisotrop.pdbx_label_comp_id 
_atom_site_anisotrop.pdbx_label_asym_id 
_atom_site_anisotrop.pdbx_label_seq_id 
_atom_site_anisotrop.pdbx_PDB_ins_code 
_atom_site_anisotrop.U[1][1] 
_atom_site_anisotrop.U[2][2] 
_atom_site_anisotrop.U[3][3] 
_atom_site_anisotrop.U[1][2] 
_atom_site_anisotrop.U[1][3] 
_atom_site_anisotrop.U[2][3] 
_atom_site_anisotrop.pdbx_auth_seq_id 
_atom_site_anisotrop.pdbx_auth_comp_id 
_atom_site_anisotrop.pdbx_auth_asym_id 
_atom_site_anisotrop.pdbx_auth_atom_id 
1   N N   . GLN A 1  ? 0.7235 0.8455 0.8044 0.3548  -0.2953 -0.1545 122 GLN A N   
2   C CA  . GLN A 1  ? 0.5871 0.7449 0.8128 0.2764  -0.2121 -0.1452 122 GLN A CA  
3   C C   . GLN A 1  ? 0.5430 0.6045 0.6532 0.2185  -0.1376 -0.1054 122 GLN A C   
4   O O   . GLN A 1  ? 0.5974 0.5579 0.5852 0.2291  -0.1078 -0.0622 122 GLN A O   
5   C CB  . GLN A 1  ? 0.5982 0.7762 0.8955 0.3146  -0.1770 -0.1264 122 GLN A CB  
6   C CG  . GLN A 1  ? 0.5372 0.7227 0.9046 0.2695  -0.0793 -0.1090 122 GLN A CG  
7   C CD  . GLN A 1  ? 0.5777 0.8139 1.0420 0.3296  -0.0357 -0.1009 122 GLN A CD  
8   O OE1 . GLN A 1  ? 0.6433 0.8834 1.1036 0.4037  -0.0777 -0.1040 122 GLN A OE1 
9   N NE2 . GLN A 1  ? 0.5579 0.8260 1.0928 0.3152  0.0589  -0.0828 122 GLN A NE2 
10  N N   . HIS A 2  ? 0.4602 0.5526 0.6370 0.1579  -0.1136 -0.1206 123 HIS A N   
11  C CA  . HIS A 2  ? 0.4263 0.4530 0.5194 0.1119  -0.0626 -0.0916 123 HIS A CA  
12  C C   . HIS A 2  ? 0.3484 0.3993 0.5263 0.0673  -0.0124 -0.0900 123 HIS A C   
13  O O   . HIS A 2  ? 0.3299 0.4482 0.6499 0.0544  -0.0082 -0.1077 123 HIS A O   
14  C CB  . HIS A 2  ? 0.4662 0.4753 0.4791 0.1147  -0.0847 -0.0997 123 HIS A CB  
15  C CG  . HIS A 2  ? 0.5948 0.5522 0.4636 0.1775  -0.1042 -0.0744 123 HIS A CG  
16  N ND1 . HIS A 2  ? 0.6609 0.5407 0.4524 0.1789  -0.0542 -0.0082 123 HIS A ND1 
17  C CD2 . HIS A 2  ? 0.7190 0.6771 0.4984 0.2508  -0.1673 -0.1019 123 HIS A CD2 
18  C CE1 . HIS A 2  ? 0.8053 0.6368 0.4640 0.2507  -0.0610 0.0249  123 HIS A CE1 
19  N NE2 . HIS A 2  ? 0.8581 0.7346 0.4785 0.3065  -0.1340 -0.0340 123 HIS A NE2 
20  N N   . LEU A 3  ? 0.3345 0.3269 0.4361 0.0488  0.0226  -0.0653 124 LEU A N   
21  C CA  . LEU A 3  ? 0.2980 0.2908 0.4195 0.0264  0.0634  -0.0551 124 LEU A CA  
22  C C   . LEU A 3  ? 0.2637 0.2532 0.3739 -0.0002 0.0507  -0.0575 124 LEU A C   
23  O O   . LEU A 3  ? 0.2737 0.2434 0.3246 -0.0005 0.0328  -0.0510 124 LEU A O   
24  C CB  . LEU A 3  ? 0.3556 0.2822 0.3766 0.0415  0.0767  -0.0443 124 LEU A CB  
25  C CG  . LEU A 3  ? 0.4354 0.3439 0.4202 0.0864  0.1269  -0.0346 124 LEU A CG  
26  C CD1 . LEU A 3  ? 0.4572 0.4026 0.5036 0.1220  0.1471  -0.0381 124 LEU A CD1 
27  C CD2 . LEU A 3  ? 0.5286 0.3435 0.3673 0.1138  0.0948  -0.0529 124 LEU A CD2 
28  N N   . MET A 4  ? 0.2357 0.2378 0.4118 -0.0163 0.0731  -0.0577 125 MET A N   
29  C CA  . MET A 4  ? 0.2253 0.2108 0.3860 -0.0271 0.0654  -0.0638 125 MET A CA  
30  C C   . MET A 4  ? 0.2320 0.1870 0.3508 -0.0237 0.0971  -0.0303 125 MET A C   
31  O O   . MET A 4  ? 0.2644 0.2008 0.3715 -0.0095 0.1346  -0.0039 125 MET A O   
32  C CB  . MET A 4  ? 0.2452 0.2359 0.5112 -0.0406 0.0485  -0.1000 125 MET A CB  
33  C CG  . MET A 4  ? 0.2729 0.3000 0.5862 -0.0289 -0.0167 -0.1530 125 MET A CG  
34  S SD  . MET A 4  ? 0.3375 0.3488 0.4702 0.0253  -0.0589 -0.1638 125 MET A SD  
35  C CE  . MET A 4  ? 0.4114 0.3758 0.4762 0.0513  -0.0784 -0.2061 125 MET A CE  
36  N N   . CYS A 5  ? 0.2248 0.1775 0.3111 -0.0199 0.0848  -0.0277 126 CYS A N   
37  C CA  . CYS A 5  ? 0.2413 0.1750 0.2967 -0.0025 0.0930  -0.0025 126 CYS A CA  
38  C C   . CYS A 5  ? 0.2841 0.1720 0.3650 0.0067  0.1354  0.0186  126 CYS A C   
39  O O   . CYS A 5  ? 0.2869 0.1619 0.4440 -0.0122 0.1415  -0.0017 126 CYS A O   
40  C CB  . CYS A 5  ? 0.2206 0.1886 0.2898 0.0042  0.0759  -0.0018 126 CYS A CB  
41  S SG  . CYS A 5  ? 0.2281 0.1970 0.2850 0.0414  0.0580  0.0208  126 CYS A SG  
42  N N   . GLU A 6  ? 0.3581 0.2062 0.3695 0.0427  0.1611  0.0587  127 GLU A N   
43  C CA  . GLU A 6  ? 0.4539 0.2346 0.4745 0.0639  0.2247  0.1092  127 GLU A CA  
44  C C   . GLU A 6  ? 0.4756 0.2231 0.5209 0.0735  0.2138  0.1087  127 GLU A C   
45  O O   . GLU A 6  ? 0.5306 0.2125 0.6555 0.0605  0.2555  0.1255  127 GLU A O   
46  C CB  . GLU A 6  ? 0.5861 0.3147 0.4551 0.1357  0.2567  0.1620  127 GLU A CB  
47  C CG  . GLU A 6  ? 0.6651 0.3805 0.5191 0.1524  0.3349  0.1983  127 GLU A CG  
48  N N   . GLU A 7  ? 0.2986 0.2654 0.3613 0.0394  0.0901  0.0160  128 GLU A N   
49  C CA  . GLU A 7  ? 0.2916 0.2318 0.3666 0.0243  0.0819  0.0151  128 GLU A CA  
50  C C   . GLU A 7  ? 0.2985 0.1921 0.3686 0.0137  0.0648  -0.0070 128 GLU A C   
51  O O   . GLU A 7  ? 0.3293 0.1922 0.4197 0.0078  0.0495  -0.0069 128 GLU A O   
52  C CB  . GLU A 7  ? 0.2924 0.2336 0.3359 0.0294  0.0851  0.0063  128 GLU A CB  
53  C CG  . GLU A 7  ? 0.2895 0.2105 0.3463 0.0260  0.0852  0.0113  128 GLU A CG  
54  C CD  . GLU A 7  ? 0.2960 0.2349 0.3404 0.0287  0.0873  0.0186  128 GLU A CD  
55  O OE1 . GLU A 7  ? 0.3033 0.2353 0.3569 0.0355  0.0939  0.0277  128 GLU A OE1 
56  O OE2 . GLU A 7  ? 0.3326 0.2916 0.3572 0.0279  0.0782  0.0161  128 GLU A OE2 
57  N N   . HIS A 8  ? 0.2907 0.1764 0.3315 0.0161  0.0631  -0.0253 129 HIS A N   
58  C CA  . HIS A 8  ? 0.3083 0.1685 0.3291 0.0170  0.0506  -0.0413 129 HIS A CA  
59  C C   . HIS A 8  ? 0.3153 0.1794 0.3537 0.0073  0.0352  -0.0387 129 HIS A C   
60  O O   . HIS A 8  ? 0.3067 0.1849 0.3402 0.0097  0.0385  -0.0373 129 HIS A O   
61  C CB  . HIS A 8  ? 0.2935 0.1656 0.2915 0.0265  0.0599  -0.0403 129 HIS A CB  
62  C CG  . HIS A 8  ? 0.2838 0.1677 0.2844 0.0318  0.0712  -0.0279 129 HIS A CG  
63  N ND1 . HIS A 8  ? 0.2711 0.1696 0.2863 0.0223  0.0680  -0.0184 129 HIS A ND1 
64  C CD2 . HIS A 8  ? 0.2853 0.1668 0.2760 0.0489  0.0814  -0.0229 129 HIS A CD2 
65  C CE1 . HIS A 8  ? 0.2502 0.1649 0.2739 0.0254  0.0736  -0.0007 129 HIS A CE1 
66  N NE2 . HIS A 8  ? 0.2643 0.1733 0.2768 0.0441  0.0876  0.0004  129 HIS A NE2 
67  N N   . GLU A 9  ? 0.3317 0.1850 0.4062 -0.0059 0.0135  -0.0294 130 GLU A N   
68  C CA  . GLU A 9  ? 0.3324 0.2100 0.4552 -0.0205 -0.0027 -0.0050 130 GLU A CA  
69  C C   . GLU A 9  ? 0.3566 0.2258 0.4555 -0.0234 -0.0250 -0.0193 130 GLU A C   
70  O O   . GLU A 9  ? 0.3460 0.2485 0.4862 -0.0323 -0.0325 0.0072  130 GLU A O   
71  C CB  . GLU A 9  ? 0.3574 0.2296 0.5526 -0.0423 -0.0323 0.0247  130 GLU A CB  
72  N N   . GLU A 10 ? 0.3904 0.2290 0.4233 -0.0090 -0.0314 -0.0524 131 GLU A N   
73  C CA  . GLU A 10 ? 0.4222 0.2689 0.4179 -0.0014 -0.0469 -0.0608 131 GLU A CA  
74  C C   . GLU A 10 ? 0.3784 0.2639 0.3633 0.0139  -0.0122 -0.0458 131 GLU A C   
75  O O   . GLU A 10 ? 0.3987 0.3075 0.3621 0.0236  -0.0174 -0.0386 131 GLU A O   
76  C CB  . GLU A 10 ? 0.5108 0.3113 0.4296 0.0204  -0.0761 -0.1006 131 GLU A CB  
77  C CG  . GLU A 10 ? 0.6130 0.3462 0.5431 0.0054  -0.1289 -0.1243 131 GLU A CG  
78  C CD  . GLU A 10 ? 0.7814 0.4511 0.6102 0.0399  -0.1693 -0.1794 131 GLU A CD  
79  O OE1 . GLU A 10 ? 0.8417 0.5431 0.5954 0.0723  -0.1605 -0.1884 131 GLU A OE1 
80  O OE2 . GLU A 10 ? 0.8828 0.4701 0.7052 0.0407  -0.2117 -0.2124 131 GLU A OE2 
81  N N   . GLU A 11 ? 0.3318 0.2234 0.3362 0.0151  0.0158  -0.0375 132 GLU A N   
82  C CA  . GLU A 11 ? 0.3084 0.2207 0.3229 0.0216  0.0319  -0.0203 132 GLU A CA  
83  C C   . GLU A 11 ? 0.2910 0.2059 0.3457 0.0178  0.0354  -0.0102 132 GLU A C   
84  O O   . GLU A 11 ? 0.2898 0.1991 0.3553 0.0195  0.0416  -0.0155 132 GLU A O   
85  C CB  . GLU A 11 ? 0.3002 0.2082 0.3118 0.0256  0.0454  -0.0188 132 GLU A CB  
86  C CG  . GLU A 11 ? 0.3248 0.2423 0.2994 0.0449  0.0528  -0.0177 132 GLU A CG  
87  C CD  . GLU A 11 ? 0.3520 0.3115 0.3095 0.0660  0.0574  0.0067  132 GLU A CD  
88  O OE1 . GLU A 11 ? 0.3582 0.3486 0.3626 0.0578  0.0588  0.0424  132 GLU A OE1 
89  O OE2 . GLU A 11 ? 0.4007 0.3613 0.2961 0.0962  0.0570  -0.0085 132 GLU A OE2 
90  N N   . LYS A 12 ? 0.2876 0.2940 0.3489 -0.0434 -0.0077 -0.0117 133 LYS A N   
91  C CA  . LYS A 12 ? 0.2574 0.2728 0.3466 -0.0403 0.0033  0.0203  133 LYS A CA  
92  C C   . LYS A 12 ? 0.2392 0.2415 0.3070 -0.0239 0.0275  0.0231  133 LYS A C   
93  O O   . LYS A 12 ? 0.2350 0.2428 0.2656 -0.0202 0.0298  0.0070  133 LYS A O   
94  C CB  . LYS A 12 ? 0.2644 0.3116 0.3521 -0.0517 -0.0142 0.0352  133 LYS A CB  
95  C CG  . LYS A 12 ? 0.3016 0.3659 0.4137 -0.0706 -0.0444 0.0368  133 LYS A CG  
96  C CD  . LYS A 12 ? 0.3585 0.4552 0.4779 -0.0789 -0.0634 0.0625  133 LYS A CD  
97  C CE  . LYS A 12 ? 0.4294 0.5456 0.4899 -0.0924 -0.0848 0.0484  133 LYS A CE  
98  N NZ  . LYS A 12 ? 0.4991 0.6200 0.5559 -0.1113 -0.1160 0.0287  133 LYS A NZ  
99  N N   . ILE A 13 ? 0.2268 0.2141 0.3180 -0.0145 0.0455  0.0427  134 ILE A N   
100 C CA  . ILE A 13 ? 0.2235 0.1943 0.2894 -0.0016 0.0644  0.0458  134 ILE A CA  
101 C C   . ILE A 13 ? 0.2223 0.2065 0.2793 -0.0069 0.0583  0.0561  134 ILE A C   
102 O O   . ILE A 13 ? 0.2215 0.2095 0.3083 -0.0058 0.0581  0.0762  134 ILE A O   
103 C CB  . ILE A 13 ? 0.2340 0.1821 0.3196 0.0113  0.0882  0.0618  134 ILE A CB  
104 C CG1 . ILE A 13 ? 0.2414 0.1724 0.3327 0.0139  0.0946  0.0587  134 ILE A CG1 
105 C CG2 . ILE A 13 ? 0.2537 0.1795 0.3058 0.0230  0.1046  0.0629  134 ILE A CG2 
106 C CD1 . ILE A 13 ? 0.2755 0.1880 0.3236 0.0222  0.0952  0.0421  134 ILE A CD1 
107 N N   . ASN A 14 ? 0.2216 0.2152 0.2427 -0.0128 0.0531  0.0449  135 ASN A N   
108 C CA  . ASN A 14 ? 0.2224 0.2285 0.2321 -0.0234 0.0449  0.0572  135 ASN A CA  
109 C C   . ASN A 14 ? 0.2229 0.2195 0.2027 -0.0258 0.0517  0.0527  135 ASN A C   
110 O O   . ASN A 14 ? 0.2423 0.2452 0.2114 -0.0384 0.0453  0.0647  135 ASN A O   
111 C CB  . ASN A 14 ? 0.2326 0.2750 0.2304 -0.0380 0.0266  0.0524  135 ASN A CB  
112 C CG  . ASN A 14 ? 0.2483 0.3067 0.2205 -0.0372 0.0285  0.0241  135 ASN A CG  
113 O OD1 . ASN A 14 ? 0.2411 0.2852 0.2106 -0.0256 0.0400  0.0117  135 ASN A OD1 
114 N ND2 . ASN A 14 ? 0.2973 0.3854 0.2489 -0.0471 0.0174  0.0141  135 ASN A ND2 
115 N N   . ILE A 15 ? 0.2148 0.1974 0.1819 -0.0165 0.0611  0.0380  136 ILE A N   
116 C CA  . ILE A 15 ? 0.2191 0.1945 0.1615 -0.0213 0.0627  0.0335  136 ILE A CA  
117 C C   . ILE A 15 ? 0.2393 0.1724 0.1685 -0.0078 0.0738  0.0300  136 ILE A C   
118 O O   . ILE A 15 ? 0.2388 0.1552 0.1780 0.0065  0.0846  0.0315  136 ILE A O   
119 C CB  . ILE A 15 ? 0.2166 0.2329 0.1497 -0.0263 0.0574  0.0183  136 ILE A CB  
120 C CG1 . ILE A 15 ? 0.2098 0.2240 0.1463 -0.0084 0.0608  0.0026  136 ILE A CG1 
121 C CG2 . ILE A 15 ? 0.1858 0.2448 0.1198 -0.0389 0.0513  0.0198  136 ILE A CG2 
122 C CD1 . ILE A 15 ? 0.2179 0.2724 0.1528 -0.0059 0.0577  -0.0123 136 ILE A CD1 
123 N N   . TYR A 16 ? 0.2609 0.1772 0.1649 -0.0147 0.0709  0.0260  137 TYR A N   
124 C CA  . TYR A 16 ? 0.2840 0.1580 0.1602 -0.0035 0.0790  0.0195  137 TYR A CA  
125 C C   . TYR A 16 ? 0.2953 0.1841 0.1500 -0.0096 0.0664  0.0079  137 TYR A C   
126 O O   . TYR A 16 ? 0.2948 0.2063 0.1507 -0.0287 0.0529  0.0070  137 TYR A O   
127 C CB  . TYR A 16 ? 0.3170 0.1429 0.1771 -0.0057 0.0836  0.0230  137 TYR A CB  
128 C CG  . TYR A 16 ? 0.3517 0.1281 0.1740 0.0098  0.0974  0.0129  137 TYR A CG  
129 C CD1 . TYR A 16 ? 0.3488 0.1095 0.1786 0.0325  0.1216  0.0184  137 TYR A CD1 
130 C CD2 . TYR A 16 ? 0.3941 0.1433 0.1709 0.0003  0.0860  -0.0015 137 TYR A CD2 
131 C CE1 . TYR A 16 ? 0.4028 0.1215 0.1895 0.0480  0.1392  0.0096  137 TYR A CE1 
132 C CE2 . TYR A 16 ? 0.4451 0.1465 0.1727 0.0148  0.0982  -0.0133 137 TYR A CE2 
133 C CZ  . TYR A 16 ? 0.4691 0.1554 0.1989 0.0399  0.1274  -0.0077 137 TYR A CZ  
134 O OH  . TYR A 16 ? 0.5489 0.1914 0.2234 0.0555  0.1447  -0.0186 137 TYR A OH  
135 N N   . CYS A 17 ? 0.3033 0.1834 0.1424 0.0055  0.0696  0.0026  138 CYS A N   
136 C CA  . CYS A 17 ? 0.3279 0.2207 0.1471 0.0015  0.0534  -0.0051 138 CYS A CA  
137 C C   . CYS A 17 ? 0.3794 0.2272 0.1524 -0.0068 0.0474  -0.0115 138 CYS A C   
138 O O   . CYS A 17 ? 0.4174 0.2197 0.1542 0.0067  0.0603  -0.0136 138 CYS A O   
139 C CB  . CYS A 17 ? 0.3233 0.2245 0.1418 0.0206  0.0531  -0.0049 138 CYS A CB  
140 S SG  . CYS A 17 ? 0.3634 0.2918 0.1674 0.0164  0.0265  -0.0102 138 CYS A SG  
141 N N   . LEU A 18 ? 0.5534 0.1684 0.2536 0.0061  0.0558  0.0130  139 LEU A N   
142 C CA  . LEU A 18 ? 0.5956 0.1640 0.2854 0.0051  0.0533  -0.0026 139 LEU A CA  
143 C C   . LEU A 18 ? 0.6343 0.1779 0.2734 0.0020  0.0405  -0.0251 139 LEU A C   
144 O O   . LEU A 18 ? 0.6824 0.1934 0.2944 0.0075  0.0420  -0.0481 139 LEU A O   
145 C CB  . LEU A 18 ? 0.5865 0.1599 0.3258 -0.0022 0.0416  0.0094  139 LEU A CB  
146 C CG  . LEU A 18 ? 0.5515 0.1581 0.3499 0.0032  0.0547  0.0411  139 LEU A CG  
147 C CD1 . LEU A 18 ? 0.5033 0.1290 0.3577 -0.0033 0.0424  0.0644  139 LEU A CD1 
148 C CD2 . LEU A 18 ? 0.5661 0.1396 0.3795 0.0120  0.0736  0.0350  139 LEU A CD2 
149 N N   . SER A 19 ? 0.6129 0.1781 0.2415 -0.0048 0.0280  -0.0196 140 SER A N   
150 C CA  . SER A 19 ? 0.6481 0.2001 0.2334 -0.0071 0.0155  -0.0326 140 SER A CA  
151 C C   . SER A 19 ? 0.6730 0.2223 0.2207 0.0059  0.0331  -0.0326 140 SER A C   
152 O O   . SER A 19 ? 0.7285 0.2630 0.2320 0.0133  0.0317  -0.0479 140 SER A O   
153 C CB  . SER A 19 ? 0.6136 0.1910 0.2111 -0.0178 -0.0015 -0.0226 140 SER A CB  
154 O OG  . SER A 19 ? 0.5841 0.1754 0.2201 -0.0263 -0.0135 -0.0154 140 SER A OG  
155 N N   . CYS A 20 ? 0.6454 0.2153 0.2153 0.0106  0.0493  -0.0154 141 CYS A N   
156 C CA  . CYS A 20 ? 0.6674 0.2402 0.2190 0.0238  0.0690  -0.0053 141 CYS A CA  
157 C C   . CYS A 20 ? 0.6874 0.2466 0.2335 0.0374  0.0925  -0.0077 141 CYS A C   
158 O O   . CYS A 20 ? 0.7122 0.2749 0.2402 0.0516  0.1122  0.0023  141 CYS A O   
159 C CB  . CYS A 20 ? 0.6305 0.2325 0.2278 0.0217  0.0729  0.0138  141 CYS A CB  
160 S SG  . CYS A 20 ? 0.6018 0.2226 0.2196 0.0080  0.0486  0.0158  141 CYS A SG  
161 N N   . GLU A 21 ? 0.6803 0.2290 0.2493 0.0341  0.0925  -0.0155 142 GLU A N   
162 C CA  . GLU A 21 ? 0.6963 0.2328 0.2737 0.0460  0.1152  -0.0159 142 GLU A CA  
163 C C   . GLU A 21 ? 0.6655 0.2235 0.2684 0.0539  0.1359  0.0063  142 GLU A C   
164 O O   . GLU A 21 ? 0.6944 0.2462 0.2811 0.0687  0.1581  0.0113  142 GLU A O   
165 C CB  . GLU A 21 ? 0.7655 0.2746 0.2955 0.0591  0.1218  -0.0406 142 GLU A CB  
166 C CG  . GLU A 21 ? 0.8207 0.3135 0.3322 0.0505  0.0953  -0.0676 142 GLU A CG  
167 C CD  . GLU A 21 ? 0.9387 0.4084 0.4176 0.0641  0.0972  -0.1057 142 GLU A CD  
168 O OE1 . GLU A 21 ? 0.9675 0.4132 0.4846 0.0643  0.0993  -0.1227 142 GLU A OE1 
169 O OE2 . GLU A 21 ? 0.9856 0.4665 0.4061 0.0761  0.0956  -0.1191 142 GLU A OE2 
170 N N   . VAL A 22 ? 0.6033 0.1919 0.2508 0.0452  0.1276  0.0177  143 VAL A N   
171 C CA  . VAL A 22 ? 0.5595 0.1734 0.2472 0.0503  0.1402  0.0324  143 VAL A CA  
172 C C   . VAL A 22 ? 0.5115 0.1642 0.2470 0.0444  0.1296  0.0336  143 VAL A C   
173 O O   . VAL A 22 ? 0.4861 0.1582 0.2264 0.0355  0.1096  0.0270  143 VAL A O   
174 C CB  . VAL A 22 ? 0.5575 0.1820 0.2532 0.0504  0.1391  0.0413  143 VAL A CB  
175 C CG1 . VAL A 22 ? 0.5102 0.1585 0.2323 0.0373  0.1144  0.0335  143 VAL A CG1 
176 C CG2 . VAL A 22 ? 0.5425 0.1810 0.2825 0.0600  0.1588  0.0593  143 VAL A CG2 
177 N N   . PRO A 23 ? 0.4952 0.1663 0.2653 0.0518  0.1428  0.0428  144 PRO A N   
178 C CA  . PRO A 23 ? 0.4534 0.1781 0.2665 0.0500  0.1306  0.0423  144 PRO A CA  
179 C C   . PRO A 23 ? 0.4281 0.1864 0.2713 0.0451  0.1131  0.0277  144 PRO A C   
180 O O   . PRO A 23 ? 0.4260 0.1695 0.2836 0.0455  0.1182  0.0277  144 PRO A O   
181 C CB  . PRO A 23 ? 0.4463 0.1830 0.2916 0.0600  0.1486  0.0545  144 PRO A CB  
182 C CG  . PRO A 23 ? 0.4934 0.1771 0.3076 0.0669  0.1723  0.0627  144 PRO A CG  
183 C CD  . PRO A 23 ? 0.5139 0.1673 0.2875 0.0638  0.1688  0.0543  144 PRO A CD  
184 N N   . THR A 24 ? 0.2582 0.1871 0.2228 0.0094  0.0985  -0.0362 145 THR A N   
185 C CA  . THR A 24 ? 0.2471 0.1755 0.2044 0.0046  0.0964  -0.0183 145 THR A CA  
186 C C   . THR A 24 ? 0.2152 0.1486 0.2008 0.0058  0.0786  -0.0157 145 THR A C   
187 O O   . THR A 24 ? 0.2060 0.1414 0.2109 0.0126  0.0690  -0.0205 145 THR A O   
188 C CB  . THR A 24 ? 0.2635 0.1844 0.1760 0.0048  0.0900  -0.0088 145 THR A CB  
189 O OG1 . THR A 24 ? 0.3033 0.2215 0.2168 0.0019  0.0956  0.0086  145 THR A OG1 
190 C CG2 . THR A 24 ? 0.2445 0.1621 0.1591 0.0040  0.0682  -0.0126 145 THR A CG2 
191 N N   . CYS A 25 ? 0.2089 0.1456 0.1958 0.0031  0.0742  -0.0091 146 CYS A N   
192 C CA  . CYS A 25 ? 0.1996 0.1479 0.1999 0.0093  0.0563  -0.0131 146 CYS A CA  
193 C C   . CYS A 25 ? 0.1987 0.1428 0.1683 0.0095  0.0485  -0.0028 146 CYS A C   
194 O O   . CYS A 25 ? 0.1963 0.1301 0.1493 0.0034  0.0531  0.0039  146 CYS A O   
195 C CB  . CYS A 25 ? 0.1981 0.1599 0.2416 0.0076  0.0568  -0.0266 146 CYS A CB  
196 S SG  . CYS A 25 ? 0.2117 0.1700 0.2581 0.0020  0.0568  -0.0239 146 CYS A SG  
197 N N   A SER A 26 ? 0.2042 0.1595 0.1667 0.0198  0.0370  -0.0029 147 SER A N   
198 N N   B SER A 26 ? 0.2016 0.1570 0.1641 0.0197  0.0371  -0.0030 147 SER A N   
199 C CA  A SER A 26 ? 0.2179 0.1723 0.1568 0.0208  0.0387  0.0079  147 SER A CA  
200 C CA  B SER A 26 ? 0.2128 0.1670 0.1514 0.0208  0.0387  0.0082  147 SER A CA  
201 C C   A SER A 26 ? 0.2036 0.1611 0.1487 0.0137  0.0406  0.0016  147 SER A C   
202 C C   B SER A 26 ? 0.2018 0.1611 0.1458 0.0148  0.0400  0.0012  147 SER A C   
203 O O   A SER A 26 ? 0.2102 0.1626 0.1506 0.0087  0.0453  0.0090  147 SER A O   
204 O O   B SER A 26 ? 0.2096 0.1667 0.1475 0.0116  0.0451  0.0081  147 SER A O   
205 C CB  A SER A 26 ? 0.2415 0.2110 0.1572 0.0390  0.0314  0.0121  147 SER A CB  
206 C CB  B SER A 26 ? 0.2362 0.2028 0.1509 0.0389  0.0326  0.0154  147 SER A CB  
207 O OG  A SER A 26 ? 0.2701 0.2291 0.1795 0.0484  0.0307  0.0292  147 SER A OG  
208 O OG  B SER A 26 ? 0.2327 0.2246 0.1489 0.0510  0.0171  -0.0072 147 SER A OG  
209 N N   . LEU A 27 ? 0.1958 0.1613 0.1654 0.0134  0.0367  -0.0134 148 LEU A N   
210 C CA  . LEU A 27 ? 0.1882 0.1527 0.1764 0.0089  0.0378  -0.0185 148 LEU A CA  
211 C C   . LEU A 27 ? 0.1900 0.1333 0.1736 0.0012  0.0451  -0.0008 148 LEU A C   
212 O O   . LEU A 27 ? 0.1822 0.1217 0.1716 0.0011  0.0424  0.0027  148 LEU A O   
213 C CB  . LEU A 27 ? 0.1778 0.1536 0.2134 0.0108  0.0328  -0.0420 148 LEU A CB  
214 C CG  . LEU A 27 ? 0.1879 0.1944 0.2255 0.0257  0.0162  -0.0720 148 LEU A CG  
215 C CD1 . LEU A 27 ? 0.1649 0.1844 0.2732 0.0261  0.0074  -0.1076 148 LEU A CD1 
216 C CD2 . LEU A 27 ? 0.1813 0.2002 0.1796 0.0346  0.0171  -0.0723 148 LEU A CD2 
217 N N   . CYS A 28 ? 0.1977 0.1308 0.1687 -0.0013 0.0525  0.0080  149 CYS A N   
218 C CA  . CYS A 28 ? 0.2243 0.1431 0.1697 -0.0014 0.0565  0.0221  149 CYS A CA  
219 C C   . CYS A 28 ? 0.2138 0.1352 0.1426 0.0002  0.0434  0.0190  149 CYS A C   
220 O O   . CYS A 28 ? 0.2279 0.1457 0.1444 0.0048  0.0346  0.0233  149 CYS A O   
221 C CB  . CYS A 28 ? 0.2453 0.1596 0.1760 -0.0013 0.0703  0.0243  149 CYS A CB  
222 S SG  . CYS A 28 ? 0.2940 0.2021 0.2560 -0.0046 0.0977  0.0347  149 CYS A SG  
223 N N   . LYS A 29 ? 0.2037 0.1321 0.1396 -0.0017 0.0424  0.0126  150 LYS A N   
224 C CA  . LYS A 29 ? 0.2068 0.1379 0.1523 -0.0036 0.0373  0.0093  150 LYS A CA  
225 C C   . LYS A 29 ? 0.1989 0.1410 0.1641 -0.0038 0.0379  0.0086  150 LYS A C   
226 O O   . LYS A 29 ? 0.2055 0.1521 0.1910 -0.0049 0.0312  0.0032  150 LYS A O   
227 C CB  . LYS A 29 ? 0.2107 0.1377 0.1652 -0.0054 0.0440  0.0105  150 LYS A CB  
228 C CG  . LYS A 29 ? 0.2171 0.1444 0.2044 -0.0102 0.0486  0.0109  150 LYS A CG  
229 C CD  . LYS A 29 ? 0.2447 0.1749 0.2546 -0.0128 0.0334  -0.0089 150 LYS A CD  
230 C CE  . LYS A 29 ? 0.2638 0.1992 0.3322 -0.0202 0.0409  -0.0124 150 LYS A CE  
231 N NZ  . LYS A 29 ? 0.3033 0.2505 0.4087 -0.0200 0.0176  -0.0413 150 LYS A NZ  
232 N N   . VAL A 30 ? 0.2510 0.1278 0.1642 0.0190  -0.0001 0.0431  151 VAL A N   
233 C CA  . VAL A 30 ? 0.2401 0.1343 0.1569 0.0057  0.0085  0.0356  151 VAL A CA  
234 C C   . VAL A 30 ? 0.2234 0.1498 0.1643 0.0300  0.0099  0.0310  151 VAL A C   
235 O O   . VAL A 30 ? 0.2230 0.1993 0.1736 0.0367  0.0106  0.0102  151 VAL A O   
236 C CB  . VAL A 30 ? 0.2562 0.1199 0.1583 -0.0001 0.0052  0.0364  151 VAL A CB  
237 C CG1 . VAL A 30 ? 0.2391 0.1319 0.1466 -0.0079 0.0159  0.0240  151 VAL A CG1 
238 C CG2 . VAL A 30 ? 0.3136 0.1095 0.1501 -0.0141 -0.0070 0.0360  151 VAL A CG2 
239 N N   . PHE A 31 ? 0.2283 0.1223 0.1625 0.0421  0.0080  0.0433  152 PHE A N   
240 C CA  . PHE A 31 ? 0.2619 0.1245 0.1642 0.0678  0.0004  0.0410  152 PHE A CA  
241 C C   . PHE A 31 ? 0.3054 0.1249 0.1688 0.0748  -0.0007 0.0512  152 PHE A C   
242 O O   . PHE A 31 ? 0.3608 0.1298 0.1671 0.1082  -0.0170 0.0458  152 PHE A O   
243 C CB  . PHE A 31 ? 0.2970 0.1055 0.1686 0.0602  -0.0006 0.0465  152 PHE A CB  
244 C CG  . PHE A 31 ? 0.2724 0.1079 0.1649 0.0600  -0.0014 0.0352  152 PHE A CG  
245 C CD1 . PHE A 31 ? 0.2509 0.1311 0.1486 0.0882  -0.0078 0.0102  152 PHE A CD1 
246 C CD2 . PHE A 31 ? 0.2542 0.0829 0.1589 0.0337  0.0030  0.0416  152 PHE A CD2 
247 C CE1 . PHE A 31 ? 0.2574 0.1687 0.1665 0.0794  -0.0019 -0.0040 152 PHE A CE1 
248 C CE2 . PHE A 31 ? 0.2474 0.0829 0.1529 0.0315  0.0022  0.0328  152 PHE A CE2 
249 C CZ  . PHE A 31 ? 0.2531 0.1266 0.1579 0.0492  0.0038  0.0122  152 PHE A CZ  
250 N N   . GLY A 32 ? 0.2900 0.1226 0.1696 0.0492  0.0130  0.0608  153 GLY A N   
251 C CA  . GLY A 32 ? 0.3489 0.1394 0.1812 0.0343  0.0236  0.0696  153 GLY A CA  
252 C C   . GLY A 32 ? 0.3597 0.1559 0.1835 0.0539  0.0196  0.0700  153 GLY A C   
253 O O   . GLY A 32 ? 0.3467 0.1590 0.1790 0.0868  0.0017  0.0610  153 GLY A O   
254 N N   . ALA A 33 ? 0.3778 0.1772 0.1876 0.0302  0.0377  0.0734  154 ALA A N   
255 C CA  . ALA A 33 ? 0.4147 0.1942 0.1909 0.0449  0.0360  0.0762  154 ALA A CA  
256 C C   . ALA A 33 ? 0.3561 0.1962 0.1882 0.0706  0.0227  0.0685  154 ALA A C   
257 O O   . ALA A 33 ? 0.3852 0.2102 0.1938 0.0911  0.0122  0.0677  154 ALA A O   
258 C CB  . ALA A 33 ? 0.4617 0.2427 0.2052 0.0031  0.0660  0.0754  154 ALA A CB  
259 N N   . HIS A 34 ? 0.3006 0.1888 0.1845 0.0668  0.0197  0.0615  155 HIS A N   
260 C CA  . HIS A 34 ? 0.2841 0.1871 0.1785 0.0771  0.0062  0.0551  155 HIS A CA  
261 C C   . HIS A 34 ? 0.2738 0.1846 0.1779 0.0672  -0.0030 0.0483  155 HIS A C   
262 O O   . HIS A 34 ? 0.2947 0.1927 0.1818 0.0528  -0.0100 0.0431  155 HIS A O   
263 C CB  . HIS A 34 ? 0.2847 0.2022 0.1842 0.0841  0.0022  0.0455  155 HIS A CB  
264 C CG  . HIS A 34 ? 0.3023 0.2598 0.2075 0.0882  0.0174  0.0357  155 HIS A CG  
265 N ND1 . HIS A 34 ? 0.3702 0.3261 0.2526 0.0997  0.0206  0.0341  155 HIS A ND1 
266 C CD2 . HIS A 34 ? 0.3152 0.3314 0.2459 0.0732  0.0345  0.0198  155 HIS A CD2 
267 C CE1 . HIS A 34 ? 0.3732 0.3871 0.2645 0.0900  0.0427  0.0175  155 HIS A CE1 
268 N NE2 . HIS A 34 ? 0.3655 0.4265 0.2898 0.0697  0.0526  0.0054  155 HIS A NE2 
269 N N   . LYS A 35 ? 0.2743 0.1986 0.1876 0.0725  -0.0035 0.0432  156 LYS A N   
270 C CA  . LYS A 35 ? 0.2638 0.2283 0.1953 0.0572  -0.0045 0.0259  156 LYS A CA  
271 C C   . LYS A 35 ? 0.2705 0.2798 0.2030 0.0361  -0.0073 0.0047  156 LYS A C   
272 O O   . LYS A 35 ? 0.2886 0.3153 0.2121 -0.0078 0.0015  -0.0084 156 LYS A O   
273 C CB  . LYS A 35 ? 0.2739 0.2572 0.2124 0.0830  -0.0101 0.0132  156 LYS A CB  
274 C CG  . LYS A 35 ? 0.3396 0.3150 0.2521 0.1308  -0.0301 0.0011  156 LYS A CG  
275 C CD  . LYS A 35 ? 0.4242 0.3661 0.3014 0.1721  -0.0470 -0.0102 156 LYS A CD  
276 C CE  . LYS A 35 ? 0.5510 0.4214 0.3493 0.2311  -0.0783 -0.0183 156 LYS A CE  
277 N NZ  . LYS A 35 ? 0.6177 0.3918 0.3571 0.2084  -0.0665 0.0165  156 LYS A NZ  
278 N N   . ASP A 36 ? 0.5021 0.3038 0.3487 0.1108  -0.0773 0.0834  157 ASP A N   
279 C CA  . ASP A 36 ? 0.4567 0.3448 0.4365 0.0879  -0.0932 0.1433  157 ASP A CA  
280 C C   . ASP A 36 ? 0.4344 0.2876 0.4002 0.0143  -0.1200 0.1342  157 ASP A C   
281 O O   . ASP A 36 ? 0.4591 0.3046 0.4842 -0.0260 -0.1798 0.1755  157 ASP A O   
282 C CB  . ASP A 36 ? 0.5020 0.3694 0.5237 0.0829  -0.1500 0.1746  157 ASP A CB  
283 C CG  . ASP A 36 ? 0.5600 0.4596 0.5946 0.1797  -0.1227 0.1893  157 ASP A CG  
284 O OD1 . ASP A 36 ? 0.5729 0.5825 0.6723 0.2628  -0.0559 0.2295  157 ASP A OD1 
285 O OD2 . ASP A 36 ? 0.6608 0.4644 0.6219 0.1841  -0.1659 0.1638  157 ASP A OD2 
286 N N   . CYS A 37 ? 0.4201 0.2351 0.2996 0.0030  -0.0881 0.0855  158 CYS A N   
287 C CA  . CYS A 37 ? 0.4440 0.2063 0.2732 -0.0373 -0.1024 0.0697  158 CYS A CA  
288 C C   . CYS A 37 ? 0.3963 0.2264 0.2962 -0.0333 -0.0860 0.0879  158 CYS A C   
289 O O   . CYS A 37 ? 0.3440 0.2598 0.3018 0.0030  -0.0413 0.1016  158 CYS A O   
290 C CB  . CYS A 37 ? 0.4710 0.1805 0.1941 -0.0428 -0.0680 0.0279  158 CYS A CB  
291 S SG  . CYS A 37 ? 0.5402 0.1581 0.1611 -0.0627 -0.0884 0.0240  158 CYS A SG  
292 N N   . GLU A 38 ? 0.4488 0.2137 0.3148 -0.0624 -0.1289 0.0879  159 GLU A N   
293 C CA  . GLU A 38 ? 0.4235 0.2269 0.3327 -0.0637 -0.1214 0.0982  159 GLU A CA  
294 C C   . GLU A 38 ? 0.4039 0.1900 0.2335 -0.0417 -0.0644 0.0424  159 GLU A C   
295 O O   . GLU A 38 ? 0.4727 0.1823 0.1956 -0.0337 -0.0539 0.0086  159 GLU A O   
296 C CB  . GLU A 38 ? 0.5314 0.2412 0.4313 -0.1034 -0.2205 0.1289  159 GLU A CB  
297 C CG  . GLU A 38 ? 0.5749 0.3350 0.6185 -0.1394 -0.2933 0.2168  159 GLU A CG  
298 C CD  . GLU A 38 ? 0.7654 0.4282 0.8319 -0.1965 -0.4253 0.2717  159 GLU A CD  
299 O OE1 . GLU A 38 ? 0.7816 0.4970 0.9274 -0.2138 -0.4364 0.3121  159 GLU A OE1 
300 O OE2 . GLU A 38 ? 0.9556 0.4670 0.9507 -0.2282 -0.5359 0.2804  159 GLU A OE2 
301 N N   . VAL A 39 ? 0.3330 0.1962 0.2181 -0.0258 -0.0249 0.0449  160 VAL A N   
302 C CA  . VAL A 39 ? 0.3117 0.1733 0.1592 -0.0106 0.0152  0.0077  160 VAL A CA  
303 C C   . VAL A 39 ? 0.3072 0.1783 0.1781 -0.0091 0.0094  0.0097  160 VAL A C   
304 O O   . VAL A 39 ? 0.3057 0.2019 0.2315 -0.0230 -0.0187 0.0482  160 VAL A O   
305 C CB  . VAL A 39 ? 0.2798 0.1740 0.1353 0.0056  0.0437  0.0004  160 VAL A CB  
306 C CG1 . VAL A 39 ? 0.3022 0.1655 0.1240 -0.0003 0.0359  -0.0021 160 VAL A CG1 
307 C CG2 . VAL A 39 ? 0.2474 0.1827 0.1302 0.0364  0.0546  0.0220  160 VAL A CG2 
308 N N   . ALA A 40 ? 0.3076 0.1694 0.1538 0.0060  0.0333  -0.0175 161 ALA A N   
309 C CA  . ALA A 40 ? 0.2991 0.1599 0.1604 0.0134  0.0257  -0.0222 161 ALA A CA  
310 C C   . ALA A 40 ? 0.2579 0.1662 0.1585 0.0223  0.0535  -0.0283 161 ALA A C   
311 O O   . ALA A 40 ? 0.2556 0.1830 0.1671 0.0210  0.0714  -0.0263 161 ALA A O   
312 C CB  . ALA A 40 ? 0.3953 0.1699 0.1751 0.0394  0.0117  -0.0452 161 ALA A CB  
313 N N   . PRO A 41 ? 0.2411 0.1561 0.1652 0.0236  0.0406  -0.0253 162 PRO A N   
314 C CA  . PRO A 41 ? 0.2281 0.1571 0.1839 0.0268  0.0389  -0.0271 162 PRO A CA  
315 C C   . PRO A 41 ? 0.2397 0.1947 0.2412 0.0440  0.0545  -0.0271 162 PRO A C   
316 O O   . PRO A 41 ? 0.2705 0.1986 0.2378 0.0713  0.0621  -0.0404 162 PRO A O   
317 C CB  . PRO A 41 ? 0.2417 0.1520 0.1856 0.0280  0.0173  -0.0210 162 PRO A CB  
318 C CG  . PRO A 41 ? 0.2584 0.1607 0.1992 0.0207  0.0060  -0.0113 162 PRO A CG  
319 C CD  . PRO A 41 ? 0.2495 0.1541 0.1784 0.0138  0.0134  -0.0059 162 PRO A CD  
320 N N   . LEU A 42 ? 0.2061 0.1450 0.2228 -0.0074 0.0931  0.0150  163 LEU A N   
321 C CA  . LEU A 42 ? 0.2217 0.1326 0.2417 -0.0196 0.1065  -0.0148 163 LEU A CA  
322 C C   . LEU A 42 ? 0.2011 0.1469 0.2648 -0.0084 0.0975  -0.0185 163 LEU A C   
323 O O   . LEU A 42 ? 0.2006 0.1707 0.2648 0.0014  0.0845  -0.0115 163 LEU A O   
324 C CB  . LEU A 42 ? 0.2429 0.1254 0.2614 -0.0232 0.1332  -0.0304 163 LEU A CB  
325 C CG  . LEU A 42 ? 0.2965 0.1316 0.2575 -0.0290 0.1486  -0.0181 163 LEU A CG  
326 C CD1 . LEU A 42 ? 0.3154 0.1099 0.2787 -0.0353 0.1877  -0.0337 163 LEU A CD1 
327 C CD2 . LEU A 42 ? 0.3544 0.1520 0.2586 -0.0518 0.1495  -0.0214 163 LEU A CD2 
328 N N   . PRO A 43 ? 0.2231 0.1649 0.3159 -0.0033 0.1127  -0.0200 164 PRO A N   
329 C CA  . PRO A 43 ? 0.2198 0.2050 0.3565 0.0177  0.1014  -0.0016 164 PRO A CA  
330 C C   . PRO A 43 ? 0.2115 0.2620 0.3668 0.0136  0.0681  0.0001  164 PRO A C   
331 O O   . PRO A 43 ? 0.2363 0.3131 0.3830 0.0245  0.0467  0.0180  164 PRO A O   
332 C CB  . PRO A 43 ? 0.2485 0.2246 0.4358 0.0386  0.1419  0.0105  164 PRO A CB  
333 C CG  . PRO A 43 ? 0.2983 0.1692 0.4083 0.0193  0.1804  -0.0114 164 PRO A CG  
334 C CD  . PRO A 43 ? 0.2786 0.1580 0.3500 -0.0085 0.1534  -0.0283 164 PRO A CD  
335 N N   . THR A 44 ? 0.2234 0.2807 0.3802 -0.0118 0.0672  -0.0204 165 THR A N   
336 C CA  . THR A 44 ? 0.2642 0.3484 0.3958 -0.0428 0.0381  -0.0323 165 THR A CA  
337 C C   . THR A 44 ? 0.3043 0.3366 0.3439 -0.0376 0.0363  -0.0382 165 THR A C   
338 O O   . THR A 44 ? 0.3666 0.4067 0.3526 -0.0614 0.0111  -0.0436 165 THR A O   
339 C CB  . THR A 44 ? 0.2996 0.3576 0.4249 -0.0850 0.0539  -0.0609 165 THR A CB  
340 O OG1 . THR A 44 ? 0.3696 0.4741 0.4855 -0.1409 0.0162  -0.0714 165 THR A OG1 
341 C CG2 . THR A 44 ? 0.3304 0.2797 0.3714 -0.0787 0.0918  -0.0795 165 THR A CG2 
342 N N   . ILE A 45 ? 0.2862 0.2730 0.3072 -0.0103 0.0643  -0.0306 166 ILE A N   
343 C CA  . ILE A 45 ? 0.3309 0.2809 0.2956 0.0088  0.0834  -0.0203 166 ILE A CA  
344 C C   . ILE A 45 ? 0.3330 0.3131 0.2911 0.0210  0.0659  0.0012  166 ILE A C   
345 O O   . ILE A 45 ? 0.4023 0.3459 0.2877 0.0250  0.0805  0.0019  166 ILE A O   
346 C CB  . ILE A 45 ? 0.3022 0.2503 0.2960 0.0353  0.1087  0.0079  166 ILE A CB  
347 C CG1 . ILE A 45 ? 0.3262 0.2329 0.3097 0.0367  0.1342  0.0026  166 ILE A CG1 
348 C CG2 . ILE A 45 ? 0.3428 0.2889 0.3248 0.0647  0.1376  0.0390  166 ILE A CG2 
349 C CD1 . ILE A 45 ? 0.4092 0.2298 0.3263 0.0520  0.1869  -0.0032 166 ILE A CD1 
350 N N   . TYR A 46 ? 0.2901 0.3126 0.3067 0.0292  0.0483  0.0204  167 TYR A N   
351 C CA  . TYR A 46 ? 0.3108 0.3452 0.3196 0.0466  0.0429  0.0501  167 TYR A CA  
352 C C   . TYR A 46 ? 0.3394 0.4239 0.3766 0.0558  0.0133  0.0734  167 TYR A C   
353 O O   . TYR A 46 ? 0.3653 0.4501 0.4065 0.0810  0.0176  0.1097  167 TYR A O   
354 C CB  . TYR A 46 ? 0.2763 0.2951 0.3165 0.0509  0.0640  0.0685  167 TYR A CB  
355 C CG  . TYR A 46 ? 0.2370 0.2384 0.3097 0.0363  0.0686  0.0568  167 TYR A CG  
356 C CD1 . TYR A 46 ? 0.2572 0.2375 0.3501 0.0490  0.0806  0.0645  167 TYR A CD1 
357 C CD2 . TYR A 46 ? 0.2143 0.2101 0.2855 0.0143  0.0698  0.0461  167 TYR A CD2 
358 C CE1 . TYR A 46 ? 0.2733 0.1981 0.3622 0.0356  0.1066  0.0487  167 TYR A CE1 
359 C CE2 . TYR A 46 ? 0.2230 0.1787 0.2817 -0.0089 0.0765  0.0316  167 TYR A CE2 
360 C CZ  . TYR A 46 ? 0.2586 0.1641 0.3148 -0.0007 0.1012  0.0266  167 TYR A CZ  
361 O OH  . TYR A 46 ? 0.3258 0.1543 0.3376 -0.0237 0.1284  0.0074  167 TYR A OH  
362 N N   . LYS A 47 ? 0.3593 0.4947 0.4261 0.0360  -0.0135 0.0634  168 LYS A N   
363 C CA  . LYS A 47 ? 0.3860 0.6176 0.5248 0.0487  -0.0459 0.1070  168 LYS A CA  
364 C C   . LYS A 47 ? 0.4715 0.7494 0.5523 0.0479  -0.0920 0.1445  168 LYS A C   
365 O O   . LYS A 47 ? 0.5515 0.7737 0.5085 0.0201  -0.0996 0.1193  168 LYS A O   
366 C CB  . LYS A 47 ? 0.3732 0.6767 0.5773 0.0127  -0.0670 0.0944  168 LYS A CB  
367 C CG  . LYS A 47 ? 0.4508 0.7347 0.5594 -0.0569 -0.0981 0.0488  168 LYS A CG  
368 C CD  . LYS A 47 ? 0.4700 0.8261 0.6481 -0.1102 -0.1184 0.0380  168 LYS A CD  
369 C CE  . LYS A 47 ? 0.6008 0.9104 0.6508 -0.1992 -0.1489 -0.0102 168 LYS A CE  
370 N NZ  . LYS A 47 ? 0.6269 0.9748 0.7324 -0.2681 -0.1546 -0.0319 168 LYS A NZ  
373 O O   . HOH D .  ? 0.2070 0.1927 0.2823 0.0363  0.0934  0.0714  203 HOH A O   
374 O O   . HOH D .  ? 0.7415 0.3995 0.4624 0.0977  0.2082  0.0090  204 HOH A O   
375 O O   . HOH D .  ? 0.3396 0.2579 0.2070 0.1196  -0.0273 0.0319  205 HOH A O   
376 O O   . HOH D .  ? 0.3039 0.1598 0.2625 0.0353  0.0103  -0.0218 206 HOH A O   
377 O O   . HOH D .  ? 0.3015 0.3846 0.3767 0.0108  0.0345  0.1596  207 HOH A O   
378 O O   . HOH D .  ? 0.4419 0.2652 0.2282 0.1150  0.0831  0.0377  208 HOH A O   
379 O O   . HOH D .  ? 0.2963 0.2387 0.3218 0.0045  0.0289  0.0096  209 HOH A O   
380 O O   . HOH D .  ? 0.2806 0.2270 0.4135 0.0136  0.0302  0.0666  210 HOH A O   
381 O O   . HOH D .  ? 0.6006 0.5042 0.3756 0.3223  -0.1194 -0.0838 211 HOH A O   
382 O O   . HOH D .  ? 0.2769 0.3524 0.3947 -0.0011 -0.0084 0.1849  212 HOH A O   
383 O O   . HOH D .  ? 0.5056 0.2969 0.4403 0.0405  -0.0037 -0.0929 213 HOH A O   
384 O O   . HOH D .  ? 0.6302 0.4697 0.4612 0.1023  0.0205  -0.0927 214 HOH A O   
385 O O   . HOH D .  ? 0.3281 0.3046 0.3859 0.0616  0.1091  0.0681  215 HOH A O   
386 O O   . HOH D .  ? 0.6858 0.4442 0.8183 -0.0185 -0.0367 -0.0302 216 HOH A O   
387 O O   . HOH D .  ? 0.4037 0.4103 0.4618 0.0402  0.0363  0.0644  217 HOH A O   
388 O O   . HOH D .  ? 0.9009 0.4397 0.2682 0.1107  0.1475  -0.0593 218 HOH A O   
389 O O   . HOH D .  ? 0.8413 0.5579 0.4675 -0.0040 0.1706  -0.0572 219 HOH A O   
390 O O   . HOH D .  ? 0.3107 0.1901 0.7700 -0.0803 0.1723  -0.0263 220 HOH A O   
391 O O   . HOH D .  ? 0.3426 0.1829 0.3812 0.0608  0.0875  -0.0083 221 HOH A O   
392 O O   . HOH D .  ? 0.8987 0.4610 0.5037 0.1040  0.2204  0.0478  222 HOH A O   
393 O O   . HOH D .  ? 0.4735 0.4774 0.2558 0.1513  0.0363  -0.0159 223 HOH A O   
394 O O   . HOH D .  ? 1.1770 1.0817 0.7404 0.5353  -0.3363 -0.0727 224 HOH A O   
395 O O   . HOH D .  ? 0.6322 0.6750 0.4472 -0.0351 -0.0326 0.0103  225 HOH A O   
396 O O   . HOH D .  ? 0.5323 0.6354 0.4909 -0.0260 0.0374  -0.0454 226 HOH A O   
397 O O   . HOH D .  ? 0.4554 0.3105 0.3427 0.0738  0.1523  0.0295  227 HOH A O   
398 O O   . HOH D .  ? 0.3962 0.3377 0.3520 0.0632  -0.0596 -0.0122 228 HOH A O   
399 O O   . HOH D .  ? 1.1989 0.6950 0.5183 0.0879  0.0521  -0.1878 229 HOH A O   
400 O O   . HOH D .  ? 0.9387 0.4994 0.4094 0.0960  0.1680  0.0105  230 HOH A O   
401 O O   . HOH D .  ? 0.5130 0.3704 0.4415 0.1514  0.0468  -0.0655 231 HOH A O   
402 O O   . HOH D .  ? 0.7189 0.1893 0.3870 0.0235  0.0715  -0.0612 232 HOH A O   
403 O O   . HOH D .  ? 0.5288 0.2926 0.4714 -0.0076 0.0189  0.1430  233 HOH A O   
404 O O   . HOH D .  ? 0.4414 0.2877 0.2502 0.2083  -0.0622 -0.0211 234 HOH A O   
# 
loop_
_pdbx_poly_seq_scheme.asym_id 
_pdbx_poly_seq_scheme.entity_id 
_pdbx_poly_seq_scheme.seq_id 
_pdbx_poly_seq_scheme.mon_id 
_pdbx_poly_seq_scheme.ndb_seq_num 
_pdbx_poly_seq_scheme.pdb_seq_num 
_pdbx_poly_seq_scheme.auth_seq_num 
_pdbx_poly_seq_scheme.pdb_mon_id 
_pdbx_poly_seq_scheme.auth_mon_id 
_pdbx_poly_seq_scheme.pdb_strand_id 
_pdbx_poly_seq_scheme.pdb_ins_code 
_pdbx_poly_seq_scheme.hetero 
A 1 1  GLN 1  122 122 GLN GLN A . n 
A 1 2  HIS 2  123 123 HIS HIS A . n 
A 1 3  LEU 3  124 124 LEU LEU A . n 
A 1 4  MET 4  125 125 MET MET A . n 
A 1 5  CYS 5  126 126 CYS CYS A . n 
A 1 6  GLU 6  127 127 GLU GLU A . n 
A 1 7  GLU 7  128 128 GLU GLU A . n 
A 1 8  HIS 8  129 129 HIS HIS A . n 
A 1 9  GLU 9  130 130 GLU GLU A . n 
A 1 10 GLU 10 131 131 GLU GLU A . n 
A 1 11 GLU 11 132 132 GLU GLU A . n 
A 1 12 LYS 12 133 133 LYS LYS A . n 
A 1 13 ILE 13 134 134 ILE ILE A . n 
A 1 14 ASN 14 135 135 ASN ASN A . n 
A 1 15 ILE 15 136 136 ILE ILE A . n 
A 1 16 TYR 16 137 137 TYR TYR A . n 
A 1 17 CYS 17 138 138 CYS CYS A . n 
A 1 18 LEU 18 139 139 LEU LEU A . n 
A 1 19 SER 19 140 140 SER SER A . n 
A 1 20 CYS 20 141 141 CYS CYS A . n 
A 1 21 GLU 21 142 142 GLU GLU A . n 
A 1 22 VAL 22 143 143 VAL VAL A . n 
A 1 23 PRO 23 144 144 PRO PRO A . n 
A 1 24 THR 24 145 145 THR THR A . n 
A 1 25 CYS 25 146 146 CYS CYS A . n 
A 1 26 SER 26 147 147 SER SER A . n 
A 1 27 LEU 27 148 148 LEU LEU A . n 
A 1 28 CYS 28 149 149 CYS CYS A . n 
A 1 29 LYS 29 150 150 LYS LYS A . n 
A 1 30 VAL 30 151 151 VAL VAL A . n 
A 1 31 PHE 31 152 152 PHE PHE A . n 
A 1 32 GLY 32 153 153 GLY GLY A . n 
A 1 33 ALA 33 154 154 ALA ALA A . n 
A 1 34 HIS 34 155 155 HIS HIS A . n 
A 1 35 LYS 35 156 156 LYS LYS A . n 
A 1 36 ASP 36 157 157 ASP ASP A . n 
A 1 37 CYS 37 158 158 CYS CYS A . n 
A 1 38 GLU 38 159 159 GLU GLU A . n 
A 1 39 VAL 39 160 160 VAL VAL A . n 
A 1 40 ALA 40 161 161 ALA ALA A . n 
A 1 41 PRO 41 162 162 PRO PRO A . n 
A 1 42 LEU 42 163 163 LEU LEU A . n 
A 1 43 PRO 43 164 164 PRO PRO A . n 
A 1 44 THR 44 165 165 THR THR A . n 
A 1 45 ILE 45 166 166 ILE ILE A . n 
A 1 46 TYR 46 167 167 TYR TYR A . n 
A 1 47 LYS 47 168 168 LYS LYS A . n 
# 
loop_
_pdbx_nonpoly_scheme.asym_id 
_pdbx_nonpoly_scheme.entity_id 
_pdbx_nonpoly_scheme.mon_id 
_pdbx_nonpoly_scheme.ndb_seq_num 
_pdbx_nonpoly_scheme.pdb_seq_num 
_pdbx_nonpoly_scheme.auth_seq_num 
_pdbx_nonpoly_scheme.pdb_mon_id 
_pdbx_nonpoly_scheme.auth_mon_id 
_pdbx_nonpoly_scheme.pdb_strand_id 
_pdbx_nonpoly_scheme.pdb_ins_code 
B 2 ZN  1  201 201 ZN  ZN  A . 
C 2 ZN  1  202 202 ZN  ZN  A . 
D 3 HOH 1  203 203 HOH HOH A . 
D 3 HOH 2  204 204 HOH HOH A . 
D 3 HOH 3  205 205 HOH HOH A . 
D 3 HOH 4  206 206 HOH HOH A . 
D 3 HOH 5  207 207 HOH HOH A . 
D 3 HOH 6  208 208 HOH HOH A . 
D 3 HOH 7  209 209 HOH HOH A . 
D 3 HOH 8  210 210 HOH HOH A . 
D 3 HOH 9  211 211 HOH HOH A . 
D 3 HOH 10 212 212 HOH HOH A . 
D 3 HOH 11 213 213 HOH HOH A . 
D 3 HOH 12 214 214 HOH HOH A . 
D 3 HOH 13 215 215 HOH HOH A . 
D 3 HOH 14 216 216 HOH HOH A . 
D 3 HOH 15 217 217 HOH HOH A . 
D 3 HOH 16 218 218 HOH HOH A . 
D 3 HOH 17 219 219 HOH HOH A . 
D 3 HOH 18 220 220 HOH HOH A . 
D 3 HOH 19 221 221 HOH HOH A . 
D 3 HOH 20 222 222 HOH HOH A . 
D 3 HOH 21 223 223 HOH HOH A . 
D 3 HOH 22 224 224 HOH HOH A . 
D 3 HOH 23 225 225 HOH HOH A . 
D 3 HOH 24 226 226 HOH HOH A . 
D 3 HOH 25 227 227 HOH HOH A . 
D 3 HOH 26 228 228 HOH HOH A . 
D 3 HOH 27 229 229 HOH HOH A . 
D 3 HOH 28 230 230 HOH HOH A . 
D 3 HOH 29 231 231 HOH HOH A . 
D 3 HOH 30 232 232 HOH HOH A . 
D 3 HOH 31 233 233 HOH HOH A . 
D 3 HOH 32 234 234 HOH HOH A . 
# 
_pdbx_struct_assembly.id                   1 
_pdbx_struct_assembly.details              author_and_software_defined_assembly 
_pdbx_struct_assembly.method_details       PISA 
_pdbx_struct_assembly.oligomeric_details   dimeric 
_pdbx_struct_assembly.oligomeric_count     2 
# 
_pdbx_struct_assembly_gen.assembly_id       1 
_pdbx_struct_assembly_gen.oper_expression   1,2 
_pdbx_struct_assembly_gen.asym_id_list      A,B,C,D 
# 
loop_
_pdbx_struct_assembly_prop.biol_id 
_pdbx_struct_assembly_prop.type 
_pdbx_struct_assembly_prop.value 
_pdbx_struct_assembly_prop.details 
1 'ABSA (A^2)' 1340 ? 
1 MORE         -10  ? 
1 'SSA (A^2)'  5950 ? 
# 
loop_
_pdbx_struct_oper_list.id 
_pdbx_struct_oper_list.type 
_pdbx_struct_oper_list.name 
_pdbx_struct_oper_list.symmetry_operation 
_pdbx_struct_oper_list.matrix[1][1] 
_pdbx_struct_oper_list.matrix[1][2] 
_pdbx_struct_oper_list.matrix[1][3] 
_pdbx_struct_oper_list.vector[1] 
_pdbx_struct_oper_list.matrix[2][1] 
_pdbx_struct_oper_list.matrix[2][2] 
_pdbx_struct_oper_list.matrix[2][3] 
_pdbx_struct_oper_list.vector[2] 
_pdbx_struct_oper_list.matrix[3][1] 
_pdbx_struct_oper_list.matrix[3][2] 
_pdbx_struct_oper_list.matrix[3][3] 
_pdbx_struct_oper_list.vector[3] 
1 'identity operation'         1_555  x,y,z        1.0000000000  0.0000000000 0.0000000000  0.0000000000  0.0000000000 1.0000000000 0.0000000000  0.0000000000  0.0000000000  0.0000000000  1.0000000000  0.0000000000  
2 'crystal symmetry operation' 12_555 x,x-y,-z+1/3 -0.6292494335 0.7651224895 -0.1365017453 12.1340067236 0.7651224895 0.5789926621 -0.2817003254 -7.1949143447 -0.1365017453 -0.2817003254 -0.9497432286 -7.3720735650 
# 
loop_
_pdbx_struct_conn_angle.id 
_pdbx_struct_conn_angle.ptnr1_label_atom_id 
_pdbx_struct_conn_angle.ptnr1_label_alt_id 
_pdbx_struct_conn_angle.ptnr1_label_asym_id 
_pdbx_struct_conn_angle.ptnr1_label_comp_id 
_pdbx_struct_conn_angle.ptnr1_label_seq_id 
_pdbx_struct_conn_angle.ptnr1_auth_atom_id 
_pdbx_struct_conn_angle.ptnr1_auth_asym_id 
_pdbx_struct_conn_angle.ptnr1_auth_comp_id 
_pdbx_struct_conn_angle.ptnr1_auth_seq_id 
_pdbx_struct_conn_angle.ptnr1_PDB_ins_code 
_pdbx_struct_conn_angle.ptnr1_symmetry 
_pdbx_struct_conn_angle.ptnr2_label_atom_id 
_pdbx_struct_conn_angle.ptnr2_label_alt_id 
_pdbx_struct_conn_angle.ptnr2_label_asym_id 
_pdbx_struct_conn_angle.ptnr2_label_comp_id 
_pdbx_struct_conn_angle.ptnr2_label_seq_id 
_pdbx_struct_conn_angle.ptnr2_auth_atom_id 
_pdbx_struct_conn_angle.ptnr2_auth_asym_id 
_pdbx_struct_conn_angle.ptnr2_auth_comp_id 
_pdbx_struct_conn_angle.ptnr2_auth_seq_id 
_pdbx_struct_conn_angle.ptnr2_PDB_ins_code 
_pdbx_struct_conn_angle.ptnr2_symmetry 
_pdbx_struct_conn_angle.ptnr3_label_atom_id 
_pdbx_struct_conn_angle.ptnr3_label_alt_id 
_pdbx_struct_conn_angle.ptnr3_label_asym_id 
_pdbx_struct_conn_angle.ptnr3_label_comp_id 
_pdbx_struct_conn_angle.ptnr3_label_seq_id 
_pdbx_struct_conn_angle.ptnr3_auth_atom_id 
_pdbx_struct_conn_angle.ptnr3_auth_asym_id 
_pdbx_struct_conn_angle.ptnr3_auth_comp_id 
_pdbx_struct_conn_angle.ptnr3_auth_seq_id 
_pdbx_struct_conn_angle.ptnr3_PDB_ins_code 
_pdbx_struct_conn_angle.ptnr3_symmetry 
_pdbx_struct_conn_angle.value 
_pdbx_struct_conn_angle.value_esd 
1  SG  ? A CYS 5  ? A CYS 126 ? 1_555 ZN ? C ZN . ? A ZN 202 ? 1_555 ND1 ? A HIS 8  ? A HIS 129 ? 1_555 110.4 ? 
2  SG  ? A CYS 5  ? A CYS 126 ? 1_555 ZN ? C ZN . ? A ZN 202 ? 1_555 SG  ? A CYS 25 ? A CYS 146 ? 1_555 117.5 ? 
3  ND1 ? A HIS 8  ? A HIS 129 ? 1_555 ZN ? C ZN . ? A ZN 202 ? 1_555 SG  ? A CYS 25 ? A CYS 146 ? 1_555 102.3 ? 
4  SG  ? A CYS 5  ? A CYS 126 ? 1_555 ZN ? C ZN . ? A ZN 202 ? 1_555 SG  ? A CYS 28 ? A CYS 149 ? 1_555 105.6 ? 
5  ND1 ? A HIS 8  ? A HIS 129 ? 1_555 ZN ? C ZN . ? A ZN 202 ? 1_555 SG  ? A CYS 28 ? A CYS 149 ? 1_555 102.6 ? 
6  SG  ? A CYS 25 ? A CYS 146 ? 1_555 ZN ? C ZN . ? A ZN 202 ? 1_555 SG  ? A CYS 28 ? A CYS 149 ? 1_555 117.3 ? 
7  SG  ? A CYS 17 ? A CYS 138 ? 1_555 ZN ? B ZN . ? A ZN 201 ? 1_555 SG  ? A CYS 20 ? A CYS 141 ? 1_555 110.8 ? 
8  SG  ? A CYS 17 ? A CYS 138 ? 1_555 ZN ? B ZN . ? A ZN 201 ? 1_555 ND1 ? A HIS 34 ? A HIS 155 ? 1_555 110.9 ? 
9  SG  ? A CYS 20 ? A CYS 141 ? 1_555 ZN ? B ZN . ? A ZN 201 ? 1_555 ND1 ? A HIS 34 ? A HIS 155 ? 1_555 100.3 ? 
10 SG  ? A CYS 17 ? A CYS 138 ? 1_555 ZN ? B ZN . ? A ZN 201 ? 1_555 SG  ? A CYS 37 ? A CYS 158 ? 1_555 102.5 ? 
11 SG  ? A CYS 20 ? A CYS 141 ? 1_555 ZN ? B ZN . ? A ZN 201 ? 1_555 SG  ? A CYS 37 ? A CYS 158 ? 1_555 109.5 ? 
12 ND1 ? A HIS 34 ? A HIS 155 ? 1_555 ZN ? B ZN . ? A ZN 201 ? 1_555 SG  ? A CYS 37 ? A CYS 158 ? 1_555 122.8 ? 
# 
loop_
_pdbx_audit_revision_history.ordinal 
_pdbx_audit_revision_history.data_content_type 
_pdbx_audit_revision_history.major_revision 
_pdbx_audit_revision_history.minor_revision 
_pdbx_audit_revision_history.revision_date 
1 'Structure model' 1 0 2011-01-26 
2 'Structure model' 1 1 2011-07-13 
3 'Structure model' 1 2 2023-09-13 
# 
_pdbx_audit_revision_details.ordinal             1 
_pdbx_audit_revision_details.revision_ordinal    1 
_pdbx_audit_revision_details.data_content_type   'Structure model' 
_pdbx_audit_revision_details.provider            repository 
_pdbx_audit_revision_details.type                'Initial release' 
_pdbx_audit_revision_details.description         ? 
_pdbx_audit_revision_details.details             ? 
# 
loop_
_pdbx_audit_revision_group.ordinal 
_pdbx_audit_revision_group.revision_ordinal 
_pdbx_audit_revision_group.data_content_type 
_pdbx_audit_revision_group.group 
1 2 'Structure model' 'Version format compliance' 
2 3 'Structure model' 'Data collection'           
3 3 'Structure model' 'Database references'       
4 3 'Structure model' 'Derived calculations'      
5 3 'Structure model' 'Refinement description'    
# 
loop_
_pdbx_audit_revision_category.ordinal 
_pdbx_audit_revision_category.revision_ordinal 
_pdbx_audit_revision_category.data_content_type 
_pdbx_audit_revision_category.category 
1 3 'Structure model' chem_comp_atom                
2 3 'Structure model' chem_comp_bond                
3 3 'Structure model' database_2                    
4 3 'Structure model' pdbx_initial_refinement_model 
5 3 'Structure model' pdbx_struct_conn_angle        
6 3 'Structure model' struct_conn                   
7 3 'Structure model' struct_site                   
# 
loop_
_pdbx_audit_revision_item.ordinal 
_pdbx_audit_revision_item.revision_ordinal 
_pdbx_audit_revision_item.data_content_type 
_pdbx_audit_revision_item.item 
1  3 'Structure model' '_database_2.pdbx_DOI'                        
2  3 'Structure model' '_database_2.pdbx_database_accession'         
3  3 'Structure model' '_pdbx_struct_conn_angle.ptnr1_auth_comp_id'  
4  3 'Structure model' '_pdbx_struct_conn_angle.ptnr1_auth_seq_id'   
5  3 'Structure model' '_pdbx_struct_conn_angle.ptnr1_label_atom_id' 
6  3 'Structure model' '_pdbx_struct_conn_angle.ptnr1_label_comp_id' 
7  3 'Structure model' '_pdbx_struct_conn_angle.ptnr1_label_seq_id'  
8  3 'Structure model' '_pdbx_struct_conn_angle.ptnr2_auth_seq_id'   
9  3 'Structure model' '_pdbx_struct_conn_angle.ptnr2_label_asym_id' 
10 3 'Structure model' '_pdbx_struct_conn_angle.ptnr3_auth_comp_id'  
11 3 'Structure model' '_pdbx_struct_conn_angle.ptnr3_auth_seq_id'   
12 3 'Structure model' '_pdbx_struct_conn_angle.ptnr3_label_atom_id' 
13 3 'Structure model' '_pdbx_struct_conn_angle.ptnr3_label_comp_id' 
14 3 'Structure model' '_pdbx_struct_conn_angle.ptnr3_label_seq_id'  
15 3 'Structure model' '_pdbx_struct_conn_angle.value'               
16 3 'Structure model' '_struct_conn.pdbx_dist_value'                
17 3 'Structure model' '_struct_conn.ptnr1_auth_comp_id'             
18 3 'Structure model' '_struct_conn.ptnr1_auth_seq_id'              
19 3 'Structure model' '_struct_conn.ptnr1_label_atom_id'            
20 3 'Structure model' '_struct_conn.ptnr1_label_comp_id'            
21 3 'Structure model' '_struct_conn.ptnr1_label_seq_id'             
22 3 'Structure model' '_struct_conn.ptnr2_auth_seq_id'              
23 3 'Structure model' '_struct_conn.ptnr2_label_asym_id'            
24 3 'Structure model' '_struct_site.pdbx_auth_asym_id'              
25 3 'Structure model' '_struct_site.pdbx_auth_comp_id'              
26 3 'Structure model' '_struct_site.pdbx_auth_seq_id'               
# 
loop_
_pdbx_refine_tls.pdbx_refine_id 
_pdbx_refine_tls.id 
_pdbx_refine_tls.details 
_pdbx_refine_tls.method 
_pdbx_refine_tls.origin_x 
_pdbx_refine_tls.origin_y 
_pdbx_refine_tls.origin_z 
_pdbx_refine_tls.T[1][1] 
_pdbx_refine_tls.T[2][2] 
_pdbx_refine_tls.T[3][3] 
_pdbx_refine_tls.T[1][2] 
_pdbx_refine_tls.T[1][3] 
_pdbx_refine_tls.T[2][3] 
_pdbx_refine_tls.L[1][1] 
_pdbx_refine_tls.L[2][2] 
_pdbx_refine_tls.L[3][3] 
_pdbx_refine_tls.L[1][2] 
_pdbx_refine_tls.L[1][3] 
_pdbx_refine_tls.L[2][3] 
_pdbx_refine_tls.S[1][1] 
_pdbx_refine_tls.S[1][2] 
_pdbx_refine_tls.S[1][3] 
_pdbx_refine_tls.S[2][1] 
_pdbx_refine_tls.S[2][2] 
_pdbx_refine_tls.S[2][3] 
_pdbx_refine_tls.S[3][1] 
_pdbx_refine_tls.S[3][2] 
_pdbx_refine_tls.S[3][3] 
'X-RAY DIFFRACTION' 1 ? refined 9.1651  3.1302  0.8864  0.0476 0.0477 0.2026 -0.0133 0.0618  -0.0608 21.1254 30.9141 15.7038 -15.9719 0.3094  -1.2358  0.1779  -0.2466 1.1569  -0.1068 0.1784  -1.8309 0.1977  0.7387  -0.3563 
'X-RAY DIFFRACTION' 2 ? refined 3.8438  9.1894  2.8463  0.1935 0.0424 0.2079 0.0124  0.0277  -0.0510 15.0172 9.7229  8.8109  -6.1065  4.8845  -8.6744  -0.2970 -0.3380 0.6757  0.6984  -0.0100 -0.6545 -0.6204 0.0857  0.3071  
'X-RAY DIFFRACTION' 3 ? refined 1.8448  -2.2206 -0.0237 0.1106 0.0609 0.0814 0.0020  0.0760  0.0334  6.2547  6.3614  6.0046  0.2279   0.8533  -1.5676  0.1619  -0.4293 -0.0395 -0.2406 -0.3551 -0.5629 0.2084  -0.2388 0.1932  
'X-RAY DIFFRACTION' 4 ? refined -2.1540 -3.7571 -8.2358 0.5014 0.0770 0.1270 0.0287  0.0942  -0.0004 11.2343 2.9022  0.5867  -2.5057  0.0297  -1.1787  0.0667  0.3571  -0.4336 -0.9503 -0.2141 -0.2403 0.4653  0.0547  0.1475  
'X-RAY DIFFRACTION' 5 ? refined -2.7269 2.9481  1.1547  0.1015 0.0357 0.0482 0.0011  0.0498  0.0077  11.5008 9.2259  2.4902  -3.5635  -0.8011 2.5619   -0.0538 -0.0729 0.1421  -0.1643 0.1293  -0.2342 0.0712  0.0533  -0.0754 
'X-RAY DIFFRACTION' 6 ? refined -7.3845 5.5805  -0.8023 0.1612 0.0573 0.0818 0.0591  0.0072  0.0517  1.3273  7.7054  23.3042 0.4378   3.5385  9.1709   0.1601  0.1308  0.1777  -0.3800 -0.3177 0.0215  -0.6387 -0.3823 0.1576  
'X-RAY DIFFRACTION' 7 ? refined -7.4165 -4.0529 -2.2979 0.2201 0.0932 0.1017 -0.0176 -0.0132 0.0436  7.8816  25.3956 18.2887 -7.4364  11.7985 -14.5208 0.0036  -0.3850 -0.5221 -1.2457 0.9348  1.3985  0.2370  -0.6723 -0.9384 
'X-RAY DIFFRACTION' 8 ? refined 3.6904  -9.0394 6.2128  0.0748 0.1067 0.1655 0.0081  0.0545  -0.0060 10.3817 19.1535 19.9683 3.9531   -9.6571 -9.3470  0.0179  -0.9703 -0.2874 0.4460  0.0756  -0.8996 -0.3861 0.8099  -0.0935  
# 
loop_
_pdbx_refine_tls_group.pdbx_refine_id 
_pdbx_refine_tls_group.id 
_pdbx_refine_tls_group.refine_tls_id 
_pdbx_refine_tls_group.beg_auth_asym_id 
_pdbx_refine_tls_group.beg_auth_seq_id 
_pdbx_refine_tls_group.beg_label_asym_id 
_pdbx_refine_tls_group.beg_label_seq_id 
_pdbx_refine_tls_group.end_auth_asym_id 
_pdbx_refine_tls_group.end_auth_seq_id 
_pdbx_refine_tls_group.end_label_asym_id 
_pdbx_refine_tls_group.end_label_seq_id 
_pdbx_refine_tls_group.selection 
_pdbx_refine_tls_group.selection_details 
'X-RAY DIFFRACTION' 1 1 A 122 ? ? A 127 ? ? ? ? 
'X-RAY DIFFRACTION' 2 2 A 128 ? ? A 132 ? ? ? ? 
'X-RAY DIFFRACTION' 3 3 A 133 ? ? A 138 ? ? ? ? 
'X-RAY DIFFRACTION' 4 4 A 139 ? ? A 144 ? ? ? ? 
'X-RAY DIFFRACTION' 5 5 A 145 ? ? A 150 ? ? ? ? 
'X-RAY DIFFRACTION' 6 6 A 151 ? ? A 156 ? ? ? ? 
'X-RAY DIFFRACTION' 7 7 A 157 ? ? A 162 ? ? ? ? 
'X-RAY DIFFRACTION' 8 8 A 163 ? ? A 168 ? ? ? ? 
# 
loop_
_software.name 
_software.classification 
_software.version 
_software.citation_id 
_software.pdbx_ordinal 
HKL-3000 'data collection' .        ? 1 
PHASER   phasing           .        ? 2 
REFMAC   refinement        5.5.0109 ? 3 
HKL-3000 'data reduction'  .        ? 4 
HKL-3000 'data scaling'    .        ? 5 
# 
_pdbx_entry_details.entry_id                 3Q1D 
_pdbx_entry_details.nonpolymer_details       ? 
_pdbx_entry_details.sequence_details         
;THE SEQUENCE PUT IN FOR CRYSTALLIZATION IS MHHHHHHSSGRENLYFQGQESSRPLHSKAEQHLMCEEHEEEKINIYCLSCEVPTCSLCKVFGAHKDCEVAPLPTIYKRQK AND IN SITU PROTEOLYSIS HAS BEEN CARRIED OUT DURING CRYSTALLIZATION
;
_pdbx_entry_details.compound_details         ? 
_pdbx_entry_details.source_details           ? 
_pdbx_entry_details.has_ligand_of_interest   ? 
# 
loop_
_pdbx_unobs_or_zero_occ_atoms.id 
_pdbx_unobs_or_zero_occ_atoms.PDB_model_num 
_pdbx_unobs_or_zero_occ_atoms.polymer_flag 
_pdbx_unobs_or_zero_occ_atoms.occupancy_flag 
_pdbx_unobs_or_zero_occ_atoms.auth_asym_id 
_pdbx_unobs_or_zero_occ_atoms.auth_comp_id 
_pdbx_unobs_or_zero_occ_atoms.auth_seq_id 
_pdbx_unobs_or_zero_occ_atoms.PDB_ins_code 
_pdbx_unobs_or_zero_occ_atoms.auth_atom_id 
_pdbx_unobs_or_zero_occ_atoms.label_alt_id 
_pdbx_unobs_or_zero_occ_atoms.label_asym_id 
_pdbx_unobs_or_zero_occ_atoms.label_comp_id 
_pdbx_unobs_or_zero_occ_atoms.label_seq_id 
_pdbx_unobs_or_zero_occ_atoms.label_atom_id 
1 1 Y 1 A GLU 127 ? CD  ? A GLU 6 CD  
2 1 Y 1 A GLU 127 ? OE1 ? A GLU 6 OE1 
3 1 Y 1 A GLU 127 ? OE2 ? A GLU 6 OE2 
4 1 Y 1 A GLU 130 ? CG  ? A GLU 9 CG  
5 1 Y 1 A GLU 130 ? CD  ? A GLU 9 CD  
6 1 Y 1 A GLU 130 ? OE1 ? A GLU 9 OE1 
7 1 Y 1 A GLU 130 ? OE2 ? A GLU 9 OE2 
# 
loop_
_chem_comp_atom.comp_id 
_chem_comp_atom.atom_id 
_chem_comp_atom.type_symbol 
_chem_comp_atom.pdbx_aromatic_flag 
_chem_comp_atom.pdbx_stereo_config 
_chem_comp_atom.pdbx_ordinal 
ALA N    N  N N 1   
ALA CA   C  N S 2   
ALA C    C  N N 3   
ALA O    O  N N 4   
ALA CB   C  N N 5   
ALA OXT  O  N N 6   
ALA H    H  N N 7   
ALA H2   H  N N 8   
ALA HA   H  N N 9   
ALA HB1  H  N N 10  
ALA HB2  H  N N 11  
ALA HB3  H  N N 12  
ALA HXT  H  N N 13  
ASN N    N  N N 14  
ASN CA   C  N S 15  
ASN C    C  N N 16  
ASN O    O  N N 17  
ASN CB   C  N N 18  
ASN CG   C  N N 19  
ASN OD1  O  N N 20  
ASN ND2  N  N N 21  
ASN OXT  O  N N 22  
ASN H    H  N N 23  
ASN H2   H  N N 24  
ASN HA   H  N N 25  
ASN HB2  H  N N 26  
ASN HB3  H  N N 27  
ASN HD21 H  N N 28  
ASN HD22 H  N N 29  
ASN HXT  H  N N 30  
ASP N    N  N N 31  
ASP CA   C  N S 32  
ASP C    C  N N 33  
ASP O    O  N N 34  
ASP CB   C  N N 35  
ASP CG   C  N N 36  
ASP OD1  O  N N 37  
ASP OD2  O  N N 38  
ASP OXT  O  N N 39  
ASP H    H  N N 40  
ASP H2   H  N N 41  
ASP HA   H  N N 42  
ASP HB2  H  N N 43  
ASP HB3  H  N N 44  
ASP HD2  H  N N 45  
ASP HXT  H  N N 46  
CYS N    N  N N 47  
CYS CA   C  N R 48  
CYS C    C  N N 49  
CYS O    O  N N 50  
CYS CB   C  N N 51  
CYS SG   S  N N 52  
CYS OXT  O  N N 53  
CYS H    H  N N 54  
CYS H2   H  N N 55  
CYS HA   H  N N 56  
CYS HB2  H  N N 57  
CYS HB3  H  N N 58  
CYS HG   H  N N 59  
CYS HXT  H  N N 60  
GLN N    N  N N 61  
GLN CA   C  N S 62  
GLN C    C  N N 63  
GLN O    O  N N 64  
GLN CB   C  N N 65  
GLN CG   C  N N 66  
GLN CD   C  N N 67  
GLN OE1  O  N N 68  
GLN NE2  N  N N 69  
GLN OXT  O  N N 70  
GLN H    H  N N 71  
GLN H2   H  N N 72  
GLN HA   H  N N 73  
GLN HB2  H  N N 74  
GLN HB3  H  N N 75  
GLN HG2  H  N N 76  
GLN HG3  H  N N 77  
GLN HE21 H  N N 78  
GLN HE22 H  N N 79  
GLN HXT  H  N N 80  
GLU N    N  N N 81  
GLU CA   C  N S 82  
GLU C    C  N N 83  
GLU O    O  N N 84  
GLU CB   C  N N 85  
GLU CG   C  N N 86  
GLU CD   C  N N 87  
GLU OE1  O  N N 88  
GLU OE2  O  N N 89  
GLU OXT  O  N N 90  
GLU H    H  N N 91  
GLU H2   H  N N 92  
GLU HA   H  N N 93  
GLU HB2  H  N N 94  
GLU HB3  H  N N 95  
GLU HG2  H  N N 96  
GLU HG3  H  N N 97  
GLU HE2  H  N N 98  
GLU HXT  H  N N 99  
GLY N    N  N N 100 
GLY CA   C  N N 101 
GLY C    C  N N 102 
GLY O    O  N N 103 
GLY OXT  O  N N 104 
GLY H    H  N N 105 
GLY H2   H  N N 106 
GLY HA2  H  N N 107 
GLY HA3  H  N N 108 
GLY HXT  H  N N 109 
HIS N    N  N N 110 
HIS CA   C  N S 111 
HIS C    C  N N 112 
HIS O    O  N N 113 
HIS CB   C  N N 114 
HIS CG   C  Y N 115 
HIS ND1  N  Y N 116 
HIS CD2  C  Y N 117 
HIS CE1  C  Y N 118 
HIS NE2  N  Y N 119 
HIS OXT  O  N N 120 
HIS H    H  N N 121 
HIS H2   H  N N 122 
HIS HA   H  N N 123 
HIS HB2  H  N N 124 
HIS HB3  H  N N 125 
HIS HD1  H  N N 126 
HIS HD2  H  N N 127 
HIS HE1  H  N N 128 
HIS HE2  H  N N 129 
HIS HXT  H  N N 130 
HOH O    O  N N 131 
HOH H1   H  N N 132 
HOH H2   H  N N 133 
ILE N    N  N N 134 
ILE CA   C  N S 135 
ILE C    C  N N 136 
ILE O    O  N N 137 
ILE CB   C  N S 138 
ILE CG1  C  N N 139 
ILE CG2  C  N N 140 
ILE CD1  C  N N 141 
ILE OXT  O  N N 142 
ILE H    H  N N 143 
ILE H2   H  N N 144 
ILE HA   H  N N 145 
ILE HB   H  N N 146 
ILE HG12 H  N N 147 
ILE HG13 H  N N 148 
ILE HG21 H  N N 149 
ILE HG22 H  N N 150 
ILE HG23 H  N N 151 
ILE HD11 H  N N 152 
ILE HD12 H  N N 153 
ILE HD13 H  N N 154 
ILE HXT  H  N N 155 
LEU N    N  N N 156 
LEU CA   C  N S 157 
LEU C    C  N N 158 
LEU O    O  N N 159 
LEU CB   C  N N 160 
LEU CG   C  N N 161 
LEU CD1  C  N N 162 
LEU CD2  C  N N 163 
LEU OXT  O  N N 164 
LEU H    H  N N 165 
LEU H2   H  N N 166 
LEU HA   H  N N 167 
LEU HB2  H  N N 168 
LEU HB3  H  N N 169 
LEU HG   H  N N 170 
LEU HD11 H  N N 171 
LEU HD12 H  N N 172 
LEU HD13 H  N N 173 
LEU HD21 H  N N 174 
LEU HD22 H  N N 175 
LEU HD23 H  N N 176 
LEU HXT  H  N N 177 
LYS N    N  N N 178 
LYS CA   C  N S 179 
LYS C    C  N N 180 
LYS O    O  N N 181 
LYS CB   C  N N 182 
LYS CG   C  N N 183 
LYS CD   C  N N 184 
LYS CE   C  N N 185 
LYS NZ   N  N N 186 
LYS OXT  O  N N 187 
LYS H    H  N N 188 
LYS H2   H  N N 189 
LYS HA   H  N N 190 
LYS HB2  H  N N 191 
LYS HB3  H  N N 192 
LYS HG2  H  N N 193 
LYS HG3  H  N N 194 
LYS HD2  H  N N 195 
LYS HD3  H  N N 196 
LYS HE2  H  N N 197 
LYS HE3  H  N N 198 
LYS HZ1  H  N N 199 
LYS HZ2  H  N N 200 
LYS HZ3  H  N N 201 
LYS HXT  H  N N 202 
MET N    N  N N 203 
MET CA   C  N S 204 
MET C    C  N N 205 
MET O    O  N N 206 
MET CB   C  N N 207 
MET CG   C  N N 208 
MET SD   S  N N 209 
MET CE   C  N N 210 
MET OXT  O  N N 211 
MET H    H  N N 212 
MET H2   H  N N 213 
MET HA   H  N N 214 
MET HB2  H  N N 215 
MET HB3  H  N N 216 
MET HG2  H  N N 217 
MET HG3  H  N N 218 
MET HE1  H  N N 219 
MET HE2  H  N N 220 
MET HE3  H  N N 221 
MET HXT  H  N N 222 
PHE N    N  N N 223 
PHE CA   C  N S 224 
PHE C    C  N N 225 
PHE O    O  N N 226 
PHE CB   C  N N 227 
PHE CG   C  Y N 228 
PHE CD1  C  Y N 229 
PHE CD2  C  Y N 230 
PHE CE1  C  Y N 231 
PHE CE2  C  Y N 232 
PHE CZ   C  Y N 233 
PHE OXT  O  N N 234 
PHE H    H  N N 235 
PHE H2   H  N N 236 
PHE HA   H  N N 237 
PHE HB2  H  N N 238 
PHE HB3  H  N N 239 
PHE HD1  H  N N 240 
PHE HD2  H  N N 241 
PHE HE1  H  N N 242 
PHE HE2  H  N N 243 
PHE HZ   H  N N 244 
PHE HXT  H  N N 245 
PRO N    N  N N 246 
PRO CA   C  N S 247 
PRO C    C  N N 248 
PRO O    O  N N 249 
PRO CB   C  N N 250 
PRO CG   C  N N 251 
PRO CD   C  N N 252 
PRO OXT  O  N N 253 
PRO H    H  N N 254 
PRO HA   H  N N 255 
PRO HB2  H  N N 256 
PRO HB3  H  N N 257 
PRO HG2  H  N N 258 
PRO HG3  H  N N 259 
PRO HD2  H  N N 260 
PRO HD3  H  N N 261 
PRO HXT  H  N N 262 
SER N    N  N N 263 
SER CA   C  N S 264 
SER C    C  N N 265 
SER O    O  N N 266 
SER CB   C  N N 267 
SER OG   O  N N 268 
SER OXT  O  N N 269 
SER H    H  N N 270 
SER H2   H  N N 271 
SER HA   H  N N 272 
SER HB2  H  N N 273 
SER HB3  H  N N 274 
SER HG   H  N N 275 
SER HXT  H  N N 276 
THR N    N  N N 277 
THR CA   C  N S 278 
THR C    C  N N 279 
THR O    O  N N 280 
THR CB   C  N R 281 
THR OG1  O  N N 282 
THR CG2  C  N N 283 
THR OXT  O  N N 284 
THR H    H  N N 285 
THR H2   H  N N 286 
THR HA   H  N N 287 
THR HB   H  N N 288 
THR HG1  H  N N 289 
THR HG21 H  N N 290 
THR HG22 H  N N 291 
THR HG23 H  N N 292 
THR HXT  H  N N 293 
TYR N    N  N N 294 
TYR CA   C  N S 295 
TYR C    C  N N 296 
TYR O    O  N N 297 
TYR CB   C  N N 298 
TYR CG   C  Y N 299 
TYR CD1  C  Y N 300 
TYR CD2  C  Y N 301 
TYR CE1  C  Y N 302 
TYR CE2  C  Y N 303 
TYR CZ   C  Y N 304 
TYR OH   O  N N 305 
TYR OXT  O  N N 306 
TYR H    H  N N 307 
TYR H2   H  N N 308 
TYR HA   H  N N 309 
TYR HB2  H  N N 310 
TYR HB3  H  N N 311 
TYR HD1  H  N N 312 
TYR HD2  H  N N 313 
TYR HE1  H  N N 314 
TYR HE2  H  N N 315 
TYR HH   H  N N 316 
TYR HXT  H  N N 317 
VAL N    N  N N 318 
VAL CA   C  N S 319 
VAL C    C  N N 320 
VAL O    O  N N 321 
VAL CB   C  N N 322 
VAL CG1  C  N N 323 
VAL CG2  C  N N 324 
VAL OXT  O  N N 325 
VAL H    H  N N 326 
VAL H2   H  N N 327 
VAL HA   H  N N 328 
VAL HB   H  N N 329 
VAL HG11 H  N N 330 
VAL HG12 H  N N 331 
VAL HG13 H  N N 332 
VAL HG21 H  N N 333 
VAL HG22 H  N N 334 
VAL HG23 H  N N 335 
VAL HXT  H  N N 336 
ZN  ZN   ZN N N 337 
# 
loop_
_chem_comp_bond.comp_id 
_chem_comp_bond.atom_id_1 
_chem_comp_bond.atom_id_2 
_chem_comp_bond.value_order 
_chem_comp_bond.pdbx_aromatic_flag 
_chem_comp_bond.pdbx_stereo_config 
_chem_comp_bond.pdbx_ordinal 
ALA N   CA   sing N N 1   
ALA N   H    sing N N 2   
ALA N   H2   sing N N 3   
ALA CA  C    sing N N 4   
ALA CA  CB   sing N N 5   
ALA CA  HA   sing N N 6   
ALA C   O    doub N N 7   
ALA C   OXT  sing N N 8   
ALA CB  HB1  sing N N 9   
ALA CB  HB2  sing N N 10  
ALA CB  HB3  sing N N 11  
ALA OXT HXT  sing N N 12  
ASN N   CA   sing N N 13  
ASN N   H    sing N N 14  
ASN N   H2   sing N N 15  
ASN CA  C    sing N N 16  
ASN CA  CB   sing N N 17  
ASN CA  HA   sing N N 18  
ASN C   O    doub N N 19  
ASN C   OXT  sing N N 20  
ASN CB  CG   sing N N 21  
ASN CB  HB2  sing N N 22  
ASN CB  HB3  sing N N 23  
ASN CG  OD1  doub N N 24  
ASN CG  ND2  sing N N 25  
ASN ND2 HD21 sing N N 26  
ASN ND2 HD22 sing N N 27  
ASN OXT HXT  sing N N 28  
ASP N   CA   sing N N 29  
ASP N   H    sing N N 30  
ASP N   H2   sing N N 31  
ASP CA  C    sing N N 32  
ASP CA  CB   sing N N 33  
ASP CA  HA   sing N N 34  
ASP C   O    doub N N 35  
ASP C   OXT  sing N N 36  
ASP CB  CG   sing N N 37  
ASP CB  HB2  sing N N 38  
ASP CB  HB3  sing N N 39  
ASP CG  OD1  doub N N 40  
ASP CG  OD2  sing N N 41  
ASP OD2 HD2  sing N N 42  
ASP OXT HXT  sing N N 43  
CYS N   CA   sing N N 44  
CYS N   H    sing N N 45  
CYS N   H2   sing N N 46  
CYS CA  C    sing N N 47  
CYS CA  CB   sing N N 48  
CYS CA  HA   sing N N 49  
CYS C   O    doub N N 50  
CYS C   OXT  sing N N 51  
CYS CB  SG   sing N N 52  
CYS CB  HB2  sing N N 53  
CYS CB  HB3  sing N N 54  
CYS SG  HG   sing N N 55  
CYS OXT HXT  sing N N 56  
GLN N   CA   sing N N 57  
GLN N   H    sing N N 58  
GLN N   H2   sing N N 59  
GLN CA  C    sing N N 60  
GLN CA  CB   sing N N 61  
GLN CA  HA   sing N N 62  
GLN C   O    doub N N 63  
GLN C   OXT  sing N N 64  
GLN CB  CG   sing N N 65  
GLN CB  HB2  sing N N 66  
GLN CB  HB3  sing N N 67  
GLN CG  CD   sing N N 68  
GLN CG  HG2  sing N N 69  
GLN CG  HG3  sing N N 70  
GLN CD  OE1  doub N N 71  
GLN CD  NE2  sing N N 72  
GLN NE2 HE21 sing N N 73  
GLN NE2 HE22 sing N N 74  
GLN OXT HXT  sing N N 75  
GLU N   CA   sing N N 76  
GLU N   H    sing N N 77  
GLU N   H2   sing N N 78  
GLU CA  C    sing N N 79  
GLU CA  CB   sing N N 80  
GLU CA  HA   sing N N 81  
GLU C   O    doub N N 82  
GLU C   OXT  sing N N 83  
GLU CB  CG   sing N N 84  
GLU CB  HB2  sing N N 85  
GLU CB  HB3  sing N N 86  
GLU CG  CD   sing N N 87  
GLU CG  HG2  sing N N 88  
GLU CG  HG3  sing N N 89  
GLU CD  OE1  doub N N 90  
GLU CD  OE2  sing N N 91  
GLU OE2 HE2  sing N N 92  
GLU OXT HXT  sing N N 93  
GLY N   CA   sing N N 94  
GLY N   H    sing N N 95  
GLY N   H2   sing N N 96  
GLY CA  C    sing N N 97  
GLY CA  HA2  sing N N 98  
GLY CA  HA3  sing N N 99  
GLY C   O    doub N N 100 
GLY C   OXT  sing N N 101 
GLY OXT HXT  sing N N 102 
HIS N   CA   sing N N 103 
HIS N   H    sing N N 104 
HIS N   H2   sing N N 105 
HIS CA  C    sing N N 106 
HIS CA  CB   sing N N 107 
HIS CA  HA   sing N N 108 
HIS C   O    doub N N 109 
HIS C   OXT  sing N N 110 
HIS CB  CG   sing N N 111 
HIS CB  HB2  sing N N 112 
HIS CB  HB3  sing N N 113 
HIS CG  ND1  sing Y N 114 
HIS CG  CD2  doub Y N 115 
HIS ND1 CE1  doub Y N 116 
HIS ND1 HD1  sing N N 117 
HIS CD2 NE2  sing Y N 118 
HIS CD2 HD2  sing N N 119 
HIS CE1 NE2  sing Y N 120 
HIS CE1 HE1  sing N N 121 
HIS NE2 HE2  sing N N 122 
HIS OXT HXT  sing N N 123 
HOH O   H1   sing N N 124 
HOH O   H2   sing N N 125 
ILE N   CA   sing N N 126 
ILE N   H    sing N N 127 
ILE N   H2   sing N N 128 
ILE CA  C    sing N N 129 
ILE CA  CB   sing N N 130 
ILE CA  HA   sing N N 131 
ILE C   O    doub N N 132 
ILE C   OXT  sing N N 133 
ILE CB  CG1  sing N N 134 
ILE CB  CG2  sing N N 135 
ILE CB  HB   sing N N 136 
ILE CG1 CD1  sing N N 137 
ILE CG1 HG12 sing N N 138 
ILE CG1 HG13 sing N N 139 
ILE CG2 HG21 sing N N 140 
ILE CG2 HG22 sing N N 141 
ILE CG2 HG23 sing N N 142 
ILE CD1 HD11 sing N N 143 
ILE CD1 HD12 sing N N 144 
ILE CD1 HD13 sing N N 145 
ILE OXT HXT  sing N N 146 
LEU N   CA   sing N N 147 
LEU N   H    sing N N 148 
LEU N   H2   sing N N 149 
LEU CA  C    sing N N 150 
LEU CA  CB   sing N N 151 
LEU CA  HA   sing N N 152 
LEU C   O    doub N N 153 
LEU C   OXT  sing N N 154 
LEU CB  CG   sing N N 155 
LEU CB  HB2  sing N N 156 
LEU CB  HB3  sing N N 157 
LEU CG  CD1  sing N N 158 
LEU CG  CD2  sing N N 159 
LEU CG  HG   sing N N 160 
LEU CD1 HD11 sing N N 161 
LEU CD1 HD12 sing N N 162 
LEU CD1 HD13 sing N N 163 
LEU CD2 HD21 sing N N 164 
LEU CD2 HD22 sing N N 165 
LEU CD2 HD23 sing N N 166 
LEU OXT HXT  sing N N 167 
LYS N   CA   sing N N 168 
LYS N   H    sing N N 169 
LYS N   H2   sing N N 170 
LYS CA  C    sing N N 171 
LYS CA  CB   sing N N 172 
LYS CA  HA   sing N N 173 
LYS C   O    doub N N 174 
LYS C   OXT  sing N N 175 
LYS CB  CG   sing N N 176 
LYS CB  HB2  sing N N 177 
LYS CB  HB3  sing N N 178 
LYS CG  CD   sing N N 179 
LYS CG  HG2  sing N N 180 
LYS CG  HG3  sing N N 181 
LYS CD  CE   sing N N 182 
LYS CD  HD2  sing N N 183 
LYS CD  HD3  sing N N 184 
LYS CE  NZ   sing N N 185 
LYS CE  HE2  sing N N 186 
LYS CE  HE3  sing N N 187 
LYS NZ  HZ1  sing N N 188 
LYS NZ  HZ2  sing N N 189 
LYS NZ  HZ3  sing N N 190 
LYS OXT HXT  sing N N 191 
MET N   CA   sing N N 192 
MET N   H    sing N N 193 
MET N   H2   sing N N 194 
MET CA  C    sing N N 195 
MET CA  CB   sing N N 196 
MET CA  HA   sing N N 197 
MET C   O    doub N N 198 
MET C   OXT  sing N N 199 
MET CB  CG   sing N N 200 
MET CB  HB2  sing N N 201 
MET CB  HB3  sing N N 202 
MET CG  SD   sing N N 203 
MET CG  HG2  sing N N 204 
MET CG  HG3  sing N N 205 
MET SD  CE   sing N N 206 
MET CE  HE1  sing N N 207 
MET CE  HE2  sing N N 208 
MET CE  HE3  sing N N 209 
MET OXT HXT  sing N N 210 
PHE N   CA   sing N N 211 
PHE N   H    sing N N 212 
PHE N   H2   sing N N 213 
PHE CA  C    sing N N 214 
PHE CA  CB   sing N N 215 
PHE CA  HA   sing N N 216 
PHE C   O    doub N N 217 
PHE C   OXT  sing N N 218 
PHE CB  CG   sing N N 219 
PHE CB  HB2  sing N N 220 
PHE CB  HB3  sing N N 221 
PHE CG  CD1  doub Y N 222 
PHE CG  CD2  sing Y N 223 
PHE CD1 CE1  sing Y N 224 
PHE CD1 HD1  sing N N 225 
PHE CD2 CE2  doub Y N 226 
PHE CD2 HD2  sing N N 227 
PHE CE1 CZ   doub Y N 228 
PHE CE1 HE1  sing N N 229 
PHE CE2 CZ   sing Y N 230 
PHE CE2 HE2  sing N N 231 
PHE CZ  HZ   sing N N 232 
PHE OXT HXT  sing N N 233 
PRO N   CA   sing N N 234 
PRO N   CD   sing N N 235 
PRO N   H    sing N N 236 
PRO CA  C    sing N N 237 
PRO CA  CB   sing N N 238 
PRO CA  HA   sing N N 239 
PRO C   O    doub N N 240 
PRO C   OXT  sing N N 241 
PRO CB  CG   sing N N 242 
PRO CB  HB2  sing N N 243 
PRO CB  HB3  sing N N 244 
PRO CG  CD   sing N N 245 
PRO CG  HG2  sing N N 246 
PRO CG  HG3  sing N N 247 
PRO CD  HD2  sing N N 248 
PRO CD  HD3  sing N N 249 
PRO OXT HXT  sing N N 250 
SER N   CA   sing N N 251 
SER N   H    sing N N 252 
SER N   H2   sing N N 253 
SER CA  C    sing N N 254 
SER CA  CB   sing N N 255 
SER CA  HA   sing N N 256 
SER C   O    doub N N 257 
SER C   OXT  sing N N 258 
SER CB  OG   sing N N 259 
SER CB  HB2  sing N N 260 
SER CB  HB3  sing N N 261 
SER OG  HG   sing N N 262 
SER OXT HXT  sing N N 263 
THR N   CA   sing N N 264 
THR N   H    sing N N 265 
THR N   H2   sing N N 266 
THR CA  C    sing N N 267 
THR CA  CB   sing N N 268 
THR CA  HA   sing N N 269 
THR C   O    doub N N 270 
THR C   OXT  sing N N 271 
THR CB  OG1  sing N N 272 
THR CB  CG2  sing N N 273 
THR CB  HB   sing N N 274 
THR OG1 HG1  sing N N 275 
THR CG2 HG21 sing N N 276 
THR CG2 HG22 sing N N 277 
THR CG2 HG23 sing N N 278 
THR OXT HXT  sing N N 279 
TYR N   CA   sing N N 280 
TYR N   H    sing N N 281 
TYR N   H2   sing N N 282 
TYR CA  C    sing N N 283 
TYR CA  CB   sing N N 284 
TYR CA  HA   sing N N 285 
TYR C   O    doub N N 286 
TYR C   OXT  sing N N 287 
TYR CB  CG   sing N N 288 
TYR CB  HB2  sing N N 289 
TYR CB  HB3  sing N N 290 
TYR CG  CD1  doub Y N 291 
TYR CG  CD2  sing Y N 292 
TYR CD1 CE1  sing Y N 293 
TYR CD1 HD1  sing N N 294 
TYR CD2 CE2  doub Y N 295 
TYR CD2 HD2  sing N N 296 
TYR CE1 CZ   doub Y N 297 
TYR CE1 HE1  sing N N 298 
TYR CE2 CZ   sing Y N 299 
TYR CE2 HE2  sing N N 300 
TYR CZ  OH   sing N N 301 
TYR OH  HH   sing N N 302 
TYR OXT HXT  sing N N 303 
VAL N   CA   sing N N 304 
VAL N   H    sing N N 305 
VAL N   H2   sing N N 306 
VAL CA  C    sing N N 307 
VAL CA  CB   sing N N 308 
VAL CA  HA   sing N N 309 
VAL C   O    doub N N 310 
VAL C   OXT  sing N N 311 
VAL CB  CG1  sing N N 312 
VAL CB  CG2  sing N N 313 
VAL CB  HB   sing N N 314 
VAL CG1 HG11 sing N N 315 
VAL CG1 HG12 sing N N 316 
VAL CG1 HG13 sing N N 317 
VAL CG2 HG21 sing N N 318 
VAL CG2 HG22 sing N N 319 
VAL CG2 HG23 sing N N 320 
VAL OXT HXT  sing N N 321 
# 
loop_
_pdbx_entity_nonpoly.entity_id 
_pdbx_entity_nonpoly.name 
_pdbx_entity_nonpoly.comp_id 
2 'ZINC ION' ZN  
3 water      HOH 
# 
_pdbx_initial_refinement_model.id               1 
_pdbx_initial_refinement_model.entity_id_list   ? 
_pdbx_initial_refinement_model.type             'experimental model' 
_pdbx_initial_refinement_model.source_name      PDB 
_pdbx_initial_refinement_model.accession_code   3DDT 
_pdbx_initial_refinement_model.details          ? 
# 
